data_5Y8Y
# 
_entry.id   5Y8Y 
# 
_audit_conform.dict_name       mmcif_pdbx.dic 
_audit_conform.dict_version    5.387 
_audit_conform.dict_location   http://mmcif.pdb.org/dictionaries/ascii/mmcif_pdbx.dic 
# 
loop_
_database_2.database_id 
_database_2.database_code 
_database_2.pdbx_database_accession 
_database_2.pdbx_DOI 
PDB   5Y8Y         pdb_00005y8y 10.2210/pdb5y8y/pdb 
WWPDB D_1300004850 ?            ?                   
# 
loop_
_pdbx_audit_revision_history.ordinal 
_pdbx_audit_revision_history.data_content_type 
_pdbx_audit_revision_history.major_revision 
_pdbx_audit_revision_history.minor_revision 
_pdbx_audit_revision_history.revision_date 
1 'Structure model' 1 0 2018-06-13 
2 'Structure model' 1 1 2019-12-04 
3 'Structure model' 1 2 2024-03-27 
# 
_pdbx_audit_revision_details.ordinal             1 
_pdbx_audit_revision_details.revision_ordinal    1 
_pdbx_audit_revision_details.data_content_type   'Structure model' 
_pdbx_audit_revision_details.provider            repository 
_pdbx_audit_revision_details.type                'Initial release' 
_pdbx_audit_revision_details.description         ? 
_pdbx_audit_revision_details.details             ? 
# 
loop_
_pdbx_audit_revision_group.ordinal 
_pdbx_audit_revision_group.revision_ordinal 
_pdbx_audit_revision_group.data_content_type 
_pdbx_audit_revision_group.group 
1 2 'Structure model' 'Data collection'     
2 3 'Structure model' 'Data collection'     
3 3 'Structure model' 'Database references' 
# 
loop_
_pdbx_audit_revision_category.ordinal 
_pdbx_audit_revision_category.revision_ordinal 
_pdbx_audit_revision_category.data_content_type 
_pdbx_audit_revision_category.category 
1 2 'Structure model' reflns_shell   
2 3 'Structure model' chem_comp_atom 
3 3 'Structure model' chem_comp_bond 
4 3 'Structure model' database_2     
# 
loop_
_pdbx_audit_revision_item.ordinal 
_pdbx_audit_revision_item.revision_ordinal 
_pdbx_audit_revision_item.data_content_type 
_pdbx_audit_revision_item.item 
1 3 'Structure model' '_database_2.pdbx_DOI'                
2 3 'Structure model' '_database_2.pdbx_database_accession' 
# 
_pdbx_database_status.status_code                     REL 
_pdbx_database_status.status_code_sf                  REL 
_pdbx_database_status.status_code_mr                  ? 
_pdbx_database_status.entry_id                        5Y8Y 
_pdbx_database_status.recvd_initial_deposition_date   2017-08-21 
_pdbx_database_status.SG_entry                        N 
_pdbx_database_status.deposit_site                    PDBJ 
_pdbx_database_status.process_site                    PDBJ 
_pdbx_database_status.status_code_cs                  ? 
_pdbx_database_status.methods_development_category    ? 
_pdbx_database_status.pdb_format_compatible           Y 
_pdbx_database_status.status_code_nmr_data            ? 
# 
loop_
_audit_author.name 
_audit_author.pdbx_ordinal 
_audit_author.identifier_ORCID 
'Xu, Y.'    1 ? 
'Zhang, Y.' 2 ? 
'Song, M.'  3 ? 
'Wang, C.'  4 ? 
# 
loop_
_citation.abstract 
_citation.abstract_id_CAS 
_citation.book_id_ISBN 
_citation.book_publisher 
_citation.book_publisher_city 
_citation.book_title 
_citation.coordinate_linkage 
_citation.country 
_citation.database_id_Medline 
_citation.details 
_citation.id 
_citation.journal_abbrev 
_citation.journal_id_ASTM 
_citation.journal_id_CSD 
_citation.journal_id_ISSN 
_citation.journal_full 
_citation.journal_issue 
_citation.journal_volume 
_citation.language 
_citation.page_first 
_citation.page_last 
_citation.title 
_citation.year 
_citation.database_id_CSD 
_citation.pdbx_database_id_DOI 
_citation.pdbx_database_id_PubMed 
_citation.unpublished_flag 
? ? ? ? ? ? ? US ? ? primary 'J. Med. Chem.'   JMCMAR 0151 1520-4804 ? ? 61 ? 3037 3058 
;Structure-Based Discovery and Optimization of Benzo[ d]isoxazole Derivatives as Potent and Selective BET Inhibitors for Potential Treatment of Castration-Resistant Prostate Cancer (CRPC)
;
2018 ? 10.1021/acs.jmedchem.8b00103 29566488 ? 
? ? ? ? ? ? ? ?  ? ? 1       'To Be Published' ?      0353 ?         ? ? ?  ? ?    ?    
'Crystal structure of the first bromodomain of human BRD4 in complex with Benzo[d]isoxazole derivatives' ?    ? ? ?        ? 
# 
loop_
_citation_author.citation_id 
_citation_author.name 
_citation_author.ordinal 
_citation_author.identifier_ORCID 
primary 'Zhang, M.' 1  ? 
primary 'Zhang, Y.' 2  ? 
primary 'Song, M.'  3  ? 
primary 'Xue, X.'   4  ? 
primary 'Wang, J.'  5  ? 
primary 'Wang, C.'  6  ? 
primary 'Zhang, C.' 7  ? 
primary 'Li, C.'    8  ? 
primary 'Xiang, Q.' 9  ? 
primary 'Zou, L.'   10 ? 
primary 'Wu, X.'    11 ? 
primary 'Wu, C.'    12 ? 
primary 'Dong, B.'  13 ? 
primary 'Xue, W.'   14 ? 
primary 'Zhou, Y.'  15 ? 
primary 'Chen, H.'  16 ? 
primary 'Wu, D.'    17 ? 
primary 'Ding, K.'  18 ? 
primary 'Xu, Y.'    19 ? 
1       'Xu, Y.'    20 ? 
1       'Zhang, Y.' 21 ? 
1       'Song, M.'  22 ? 
1       'Wang, C.'  23 ? 
# 
loop_
_entity.id 
_entity.type 
_entity.src_method 
_entity.pdbx_description 
_entity.formula_weight 
_entity.pdbx_number_of_molecules 
_entity.pdbx_ec 
_entity.pdbx_mutation 
_entity.pdbx_fragment 
_entity.details 
1 polymer     man 'Bromodomain-containing protein 4'                                                  16767.326 1  ? ? 
'UNP residues 44-168' ? 
2 non-polymer syn 'NITRATE ION'                                                                       62.005    3  ? ? ? ? 
3 non-polymer syn 1,2-ETHANEDIOL                                                                      62.068    2  ? ? ? ? 
4 non-polymer syn '5-bromanyl-2-methoxy-N-(6-methoxy-3-methyl-1,2-benzoxazol-5-yl)benzenesulfonamide' 427.270   1  ? ? ? ? 
5 water       nat water                                                                               18.015    46 ? ? ? ? 
# 
_entity_name_com.entity_id   1 
_entity_name_com.name        'Protein HUNK1' 
# 
_entity_poly.entity_id                      1 
_entity_poly.type                           'polypeptide(L)' 
_entity_poly.nstd_linkage                   no 
_entity_poly.nstd_monomer                   no 
_entity_poly.pdbx_seq_one_letter_code       
;MKKGHHHHHHLVPRGSNPPPPETSNPNKPKRQTNQLQYLLRVVLKTLWKHQFAWPFQQPVDAVKLNLPDYYKIIKTPMDM
GTIKKRLENNYYWNAQECIQDFNTMFTNCYIYNKPGDDIVLMAEALEKLFLQKINELPTEE
;
_entity_poly.pdbx_seq_one_letter_code_can   
;MKKGHHHHHHLVPRGSNPPPPETSNPNKPKRQTNQLQYLLRVVLKTLWKHQFAWPFQQPVDAVKLNLPDYYKIIKTPMDM
GTIKKRLENNYYWNAQECIQDFNTMFTNCYIYNKPGDDIVLMAEALEKLFLQKINELPTEE
;
_entity_poly.pdbx_strand_id                 A 
_entity_poly.pdbx_target_identifier         ? 
# 
loop_
_pdbx_entity_nonpoly.entity_id 
_pdbx_entity_nonpoly.name 
_pdbx_entity_nonpoly.comp_id 
2 'NITRATE ION'                                                                       NO3 
3 1,2-ETHANEDIOL                                                                      EDO 
4 '5-bromanyl-2-methoxy-N-(6-methoxy-3-methyl-1,2-benzoxazol-5-yl)benzenesulfonamide' 8PX 
5 water                                                                               HOH 
# 
loop_
_entity_poly_seq.entity_id 
_entity_poly_seq.num 
_entity_poly_seq.mon_id 
_entity_poly_seq.hetero 
1 1   MET n 
1 2   LYS n 
1 3   LYS n 
1 4   GLY n 
1 5   HIS n 
1 6   HIS n 
1 7   HIS n 
1 8   HIS n 
1 9   HIS n 
1 10  HIS n 
1 11  LEU n 
1 12  VAL n 
1 13  PRO n 
1 14  ARG n 
1 15  GLY n 
1 16  SER n 
1 17  ASN n 
1 18  PRO n 
1 19  PRO n 
1 20  PRO n 
1 21  PRO n 
1 22  GLU n 
1 23  THR n 
1 24  SER n 
1 25  ASN n 
1 26  PRO n 
1 27  ASN n 
1 28  LYS n 
1 29  PRO n 
1 30  LYS n 
1 31  ARG n 
1 32  GLN n 
1 33  THR n 
1 34  ASN n 
1 35  GLN n 
1 36  LEU n 
1 37  GLN n 
1 38  TYR n 
1 39  LEU n 
1 40  LEU n 
1 41  ARG n 
1 42  VAL n 
1 43  VAL n 
1 44  LEU n 
1 45  LYS n 
1 46  THR n 
1 47  LEU n 
1 48  TRP n 
1 49  LYS n 
1 50  HIS n 
1 51  GLN n 
1 52  PHE n 
1 53  ALA n 
1 54  TRP n 
1 55  PRO n 
1 56  PHE n 
1 57  GLN n 
1 58  GLN n 
1 59  PRO n 
1 60  VAL n 
1 61  ASP n 
1 62  ALA n 
1 63  VAL n 
1 64  LYS n 
1 65  LEU n 
1 66  ASN n 
1 67  LEU n 
1 68  PRO n 
1 69  ASP n 
1 70  TYR n 
1 71  TYR n 
1 72  LYS n 
1 73  ILE n 
1 74  ILE n 
1 75  LYS n 
1 76  THR n 
1 77  PRO n 
1 78  MET n 
1 79  ASP n 
1 80  MET n 
1 81  GLY n 
1 82  THR n 
1 83  ILE n 
1 84  LYS n 
1 85  LYS n 
1 86  ARG n 
1 87  LEU n 
1 88  GLU n 
1 89  ASN n 
1 90  ASN n 
1 91  TYR n 
1 92  TYR n 
1 93  TRP n 
1 94  ASN n 
1 95  ALA n 
1 96  GLN n 
1 97  GLU n 
1 98  CYS n 
1 99  ILE n 
1 100 GLN n 
1 101 ASP n 
1 102 PHE n 
1 103 ASN n 
1 104 THR n 
1 105 MET n 
1 106 PHE n 
1 107 THR n 
1 108 ASN n 
1 109 CYS n 
1 110 TYR n 
1 111 ILE n 
1 112 TYR n 
1 113 ASN n 
1 114 LYS n 
1 115 PRO n 
1 116 GLY n 
1 117 ASP n 
1 118 ASP n 
1 119 ILE n 
1 120 VAL n 
1 121 LEU n 
1 122 MET n 
1 123 ALA n 
1 124 GLU n 
1 125 ALA n 
1 126 LEU n 
1 127 GLU n 
1 128 LYS n 
1 129 LEU n 
1 130 PHE n 
1 131 LEU n 
1 132 GLN n 
1 133 LYS n 
1 134 ILE n 
1 135 ASN n 
1 136 GLU n 
1 137 LEU n 
1 138 PRO n 
1 139 THR n 
1 140 GLU n 
1 141 GLU n 
# 
_entity_src_gen.entity_id                          1 
_entity_src_gen.pdbx_src_id                        1 
_entity_src_gen.pdbx_alt_source_flag               sample 
_entity_src_gen.pdbx_seq_type                      'Biological sequence' 
_entity_src_gen.pdbx_beg_seq_num                   1 
_entity_src_gen.pdbx_end_seq_num                   141 
_entity_src_gen.gene_src_common_name               Human 
_entity_src_gen.gene_src_genus                     ? 
_entity_src_gen.pdbx_gene_src_gene                 'BRD4, HUNK1' 
_entity_src_gen.gene_src_species                   ? 
_entity_src_gen.gene_src_strain                    ? 
_entity_src_gen.gene_src_tissue                    ? 
_entity_src_gen.gene_src_tissue_fraction           ? 
_entity_src_gen.gene_src_details                   ? 
_entity_src_gen.pdbx_gene_src_fragment             ? 
_entity_src_gen.pdbx_gene_src_scientific_name      'Homo sapiens' 
_entity_src_gen.pdbx_gene_src_ncbi_taxonomy_id     9606 
_entity_src_gen.pdbx_gene_src_variant              ? 
_entity_src_gen.pdbx_gene_src_cell_line            ? 
_entity_src_gen.pdbx_gene_src_atcc                 ? 
_entity_src_gen.pdbx_gene_src_organ                ? 
_entity_src_gen.pdbx_gene_src_organelle            ? 
_entity_src_gen.pdbx_gene_src_cell                 ? 
_entity_src_gen.pdbx_gene_src_cellular_location    ? 
_entity_src_gen.host_org_common_name               ? 
_entity_src_gen.pdbx_host_org_scientific_name      'Escherichia coli BL21' 
_entity_src_gen.pdbx_host_org_ncbi_taxonomy_id     511693 
_entity_src_gen.host_org_genus                     ? 
_entity_src_gen.pdbx_host_org_gene                 ? 
_entity_src_gen.pdbx_host_org_organ                ? 
_entity_src_gen.host_org_species                   ? 
_entity_src_gen.pdbx_host_org_tissue               ? 
_entity_src_gen.pdbx_host_org_tissue_fraction      ? 
_entity_src_gen.pdbx_host_org_strain               BL21 
_entity_src_gen.pdbx_host_org_variant              ? 
_entity_src_gen.pdbx_host_org_cell_line            ? 
_entity_src_gen.pdbx_host_org_atcc                 ? 
_entity_src_gen.pdbx_host_org_culture_collection   ? 
_entity_src_gen.pdbx_host_org_cell                 ? 
_entity_src_gen.pdbx_host_org_organelle            ? 
_entity_src_gen.pdbx_host_org_cellular_location    ? 
_entity_src_gen.pdbx_host_org_vector_type          ? 
_entity_src_gen.pdbx_host_org_vector               ? 
_entity_src_gen.host_org_details                   ? 
_entity_src_gen.expression_system_id               ? 
_entity_src_gen.plasmid_name                       ? 
_entity_src_gen.plasmid_details                    ? 
_entity_src_gen.pdbx_description                   ? 
# 
loop_
_chem_comp.id 
_chem_comp.type 
_chem_comp.mon_nstd_flag 
_chem_comp.name 
_chem_comp.pdbx_synonyms 
_chem_comp.formula 
_chem_comp.formula_weight 
8PX non-polymer         . '5-bromanyl-2-methoxy-N-(6-methoxy-3-methyl-1,2-benzoxazol-5-yl)benzenesulfonamide' ?                 
'C16 H15 Br N2 O5 S' 427.270 
ALA 'L-peptide linking' y ALANINE                                                                             ?                 
'C3 H7 N O2'         89.093  
ARG 'L-peptide linking' y ARGININE                                                                            ?                 
'C6 H15 N4 O2 1'     175.209 
ASN 'L-peptide linking' y ASPARAGINE                                                                          ?                 
'C4 H8 N2 O3'        132.118 
ASP 'L-peptide linking' y 'ASPARTIC ACID'                                                                     ?                 
'C4 H7 N O4'         133.103 
CYS 'L-peptide linking' y CYSTEINE                                                                            ?                 
'C3 H7 N O2 S'       121.158 
EDO non-polymer         . 1,2-ETHANEDIOL                                                                      'ETHYLENE GLYCOL' 
'C2 H6 O2'           62.068  
GLN 'L-peptide linking' y GLUTAMINE                                                                           ?                 
'C5 H10 N2 O3'       146.144 
GLU 'L-peptide linking' y 'GLUTAMIC ACID'                                                                     ?                 
'C5 H9 N O4'         147.129 
GLY 'peptide linking'   y GLYCINE                                                                             ?                 
'C2 H5 N O2'         75.067  
HIS 'L-peptide linking' y HISTIDINE                                                                           ?                 
'C6 H10 N3 O2 1'     156.162 
HOH non-polymer         . WATER                                                                               ?                 
'H2 O'               18.015  
ILE 'L-peptide linking' y ISOLEUCINE                                                                          ?                 
'C6 H13 N O2'        131.173 
LEU 'L-peptide linking' y LEUCINE                                                                             ?                 
'C6 H13 N O2'        131.173 
LYS 'L-peptide linking' y LYSINE                                                                              ?                 
'C6 H15 N2 O2 1'     147.195 
MET 'L-peptide linking' y METHIONINE                                                                          ?                 
'C5 H11 N O2 S'      149.211 
NO3 non-polymer         . 'NITRATE ION'                                                                       ?                 
'N O3 -1'            62.005  
PHE 'L-peptide linking' y PHENYLALANINE                                                                       ?                 
'C9 H11 N O2'        165.189 
PRO 'L-peptide linking' y PROLINE                                                                             ?                 
'C5 H9 N O2'         115.130 
SER 'L-peptide linking' y SERINE                                                                              ?                 
'C3 H7 N O3'         105.093 
THR 'L-peptide linking' y THREONINE                                                                           ?                 
'C4 H9 N O3'         119.119 
TRP 'L-peptide linking' y TRYPTOPHAN                                                                          ?                 
'C11 H12 N2 O2'      204.225 
TYR 'L-peptide linking' y TYROSINE                                                                            ?                 
'C9 H11 N O3'        181.189 
VAL 'L-peptide linking' y VALINE                                                                              ?                 
'C5 H11 N O2'        117.146 
# 
loop_
_pdbx_poly_seq_scheme.asym_id 
_pdbx_poly_seq_scheme.entity_id 
_pdbx_poly_seq_scheme.seq_id 
_pdbx_poly_seq_scheme.mon_id 
_pdbx_poly_seq_scheme.ndb_seq_num 
_pdbx_poly_seq_scheme.pdb_seq_num 
_pdbx_poly_seq_scheme.auth_seq_num 
_pdbx_poly_seq_scheme.pdb_mon_id 
_pdbx_poly_seq_scheme.auth_mon_id 
_pdbx_poly_seq_scheme.pdb_strand_id 
_pdbx_poly_seq_scheme.pdb_ins_code 
_pdbx_poly_seq_scheme.hetero 
A 1 1   MET 1   28  ?   ?   ?   A . n 
A 1 2   LYS 2   29  ?   ?   ?   A . n 
A 1 3   LYS 3   30  ?   ?   ?   A . n 
A 1 4   GLY 4   31  ?   ?   ?   A . n 
A 1 5   HIS 5   32  ?   ?   ?   A . n 
A 1 6   HIS 6   33  33  HIS HIS A . n 
A 1 7   HIS 7   34  34  HIS HIS A . n 
A 1 8   HIS 8   35  35  HIS HIS A . n 
A 1 9   HIS 9   36  36  HIS HIS A . n 
A 1 10  HIS 10  37  37  HIS HIS A . n 
A 1 11  LEU 11  38  38  LEU LEU A . n 
A 1 12  VAL 12  39  39  VAL VAL A . n 
A 1 13  PRO 13  40  40  PRO PRO A . n 
A 1 14  ARG 14  41  41  ARG ARG A . n 
A 1 15  GLY 15  42  42  GLY GLY A . n 
A 1 16  SER 16  43  43  SER SER A . n 
A 1 17  ASN 17  44  44  ASN ASN A . n 
A 1 18  PRO 18  45  45  PRO PRO A . n 
A 1 19  PRO 19  46  46  PRO PRO A . n 
A 1 20  PRO 20  47  47  PRO PRO A . n 
A 1 21  PRO 21  48  48  PRO PRO A . n 
A 1 22  GLU 22  49  49  GLU GLU A . n 
A 1 23  THR 23  50  50  THR THR A . n 
A 1 24  SER 24  51  51  SER SER A . n 
A 1 25  ASN 25  52  52  ASN ASN A . n 
A 1 26  PRO 26  53  53  PRO PRO A . n 
A 1 27  ASN 27  54  54  ASN ASN A . n 
A 1 28  LYS 28  55  55  LYS LYS A . n 
A 1 29  PRO 29  56  56  PRO PRO A . n 
A 1 30  LYS 30  57  57  LYS LYS A . n 
A 1 31  ARG 31  58  58  ARG ARG A . n 
A 1 32  GLN 32  59  59  GLN GLN A . n 
A 1 33  THR 33  60  60  THR THR A . n 
A 1 34  ASN 34  61  61  ASN ASN A . n 
A 1 35  GLN 35  62  62  GLN GLN A . n 
A 1 36  LEU 36  63  63  LEU LEU A . n 
A 1 37  GLN 37  64  64  GLN GLN A . n 
A 1 38  TYR 38  65  65  TYR TYR A . n 
A 1 39  LEU 39  66  66  LEU LEU A . n 
A 1 40  LEU 40  67  67  LEU LEU A . n 
A 1 41  ARG 41  68  68  ARG ARG A . n 
A 1 42  VAL 42  69  69  VAL VAL A . n 
A 1 43  VAL 43  70  70  VAL VAL A . n 
A 1 44  LEU 44  71  71  LEU LEU A . n 
A 1 45  LYS 45  72  72  LYS LYS A . n 
A 1 46  THR 46  73  73  THR THR A . n 
A 1 47  LEU 47  74  74  LEU LEU A . n 
A 1 48  TRP 48  75  75  TRP TRP A . n 
A 1 49  LYS 49  76  76  LYS LYS A . n 
A 1 50  HIS 50  77  77  HIS HIS A . n 
A 1 51  GLN 51  78  78  GLN GLN A . n 
A 1 52  PHE 52  79  79  PHE PHE A . n 
A 1 53  ALA 53  80  80  ALA ALA A . n 
A 1 54  TRP 54  81  81  TRP TRP A . n 
A 1 55  PRO 55  82  82  PRO PRO A . n 
A 1 56  PHE 56  83  83  PHE PHE A . n 
A 1 57  GLN 57  84  84  GLN GLN A . n 
A 1 58  GLN 58  85  85  GLN GLN A . n 
A 1 59  PRO 59  86  86  PRO PRO A . n 
A 1 60  VAL 60  87  87  VAL VAL A . n 
A 1 61  ASP 61  88  88  ASP ASP A . n 
A 1 62  ALA 62  89  89  ALA ALA A . n 
A 1 63  VAL 63  90  90  VAL VAL A . n 
A 1 64  LYS 64  91  91  LYS LYS A . n 
A 1 65  LEU 65  92  92  LEU LEU A . n 
A 1 66  ASN 66  93  93  ASN ASN A . n 
A 1 67  LEU 67  94  94  LEU LEU A . n 
A 1 68  PRO 68  95  95  PRO PRO A . n 
A 1 69  ASP 69  96  96  ASP ASP A . n 
A 1 70  TYR 70  97  97  TYR TYR A . n 
A 1 71  TYR 71  98  98  TYR TYR A . n 
A 1 72  LYS 72  99  99  LYS LYS A . n 
A 1 73  ILE 73  100 100 ILE ILE A . n 
A 1 74  ILE 74  101 101 ILE ILE A . n 
A 1 75  LYS 75  102 102 LYS LYS A . n 
A 1 76  THR 76  103 103 THR THR A . n 
A 1 77  PRO 77  104 104 PRO PRO A . n 
A 1 78  MET 78  105 105 MET MET A . n 
A 1 79  ASP 79  106 106 ASP ASP A . n 
A 1 80  MET 80  107 107 MET MET A . n 
A 1 81  GLY 81  108 108 GLY GLY A . n 
A 1 82  THR 82  109 109 THR THR A . n 
A 1 83  ILE 83  110 110 ILE ILE A . n 
A 1 84  LYS 84  111 111 LYS LYS A . n 
A 1 85  LYS 85  112 112 LYS LYS A . n 
A 1 86  ARG 86  113 113 ARG ARG A . n 
A 1 87  LEU 87  114 114 LEU LEU A . n 
A 1 88  GLU 88  115 115 GLU GLU A . n 
A 1 89  ASN 89  116 116 ASN ASN A . n 
A 1 90  ASN 90  117 117 ASN ASN A . n 
A 1 91  TYR 91  118 118 TYR TYR A . n 
A 1 92  TYR 92  119 119 TYR TYR A . n 
A 1 93  TRP 93  120 120 TRP TRP A . n 
A 1 94  ASN 94  121 121 ASN ASN A . n 
A 1 95  ALA 95  122 122 ALA ALA A . n 
A 1 96  GLN 96  123 123 GLN GLN A . n 
A 1 97  GLU 97  124 124 GLU GLU A . n 
A 1 98  CYS 98  125 125 CYS CYS A . n 
A 1 99  ILE 99  126 126 ILE ILE A . n 
A 1 100 GLN 100 127 127 GLN GLN A . n 
A 1 101 ASP 101 128 128 ASP ASP A . n 
A 1 102 PHE 102 129 129 PHE PHE A . n 
A 1 103 ASN 103 130 130 ASN ASN A . n 
A 1 104 THR 104 131 131 THR THR A . n 
A 1 105 MET 105 132 132 MET MET A . n 
A 1 106 PHE 106 133 133 PHE PHE A . n 
A 1 107 THR 107 134 134 THR THR A . n 
A 1 108 ASN 108 135 135 ASN ASN A . n 
A 1 109 CYS 109 136 136 CYS CYS A . n 
A 1 110 TYR 110 137 137 TYR TYR A . n 
A 1 111 ILE 111 138 138 ILE ILE A . n 
A 1 112 TYR 112 139 139 TYR TYR A . n 
A 1 113 ASN 113 140 140 ASN ASN A . n 
A 1 114 LYS 114 141 141 LYS LYS A . n 
A 1 115 PRO 115 142 142 PRO PRO A . n 
A 1 116 GLY 116 143 143 GLY GLY A . n 
A 1 117 ASP 117 144 144 ASP ASP A . n 
A 1 118 ASP 118 145 145 ASP ASP A . n 
A 1 119 ILE 119 146 146 ILE ILE A . n 
A 1 120 VAL 120 147 147 VAL VAL A . n 
A 1 121 LEU 121 148 148 LEU LEU A . n 
A 1 122 MET 122 149 149 MET MET A . n 
A 1 123 ALA 123 150 150 ALA ALA A . n 
A 1 124 GLU 124 151 151 GLU GLU A . n 
A 1 125 ALA 125 152 152 ALA ALA A . n 
A 1 126 LEU 126 153 153 LEU LEU A . n 
A 1 127 GLU 127 154 154 GLU GLU A . n 
A 1 128 LYS 128 155 155 LYS LYS A . n 
A 1 129 LEU 129 156 156 LEU LEU A . n 
A 1 130 PHE 130 157 157 PHE PHE A . n 
A 1 131 LEU 131 158 158 LEU LEU A . n 
A 1 132 GLN 132 159 159 GLN GLN A . n 
A 1 133 LYS 133 160 160 LYS LYS A . n 
A 1 134 ILE 134 161 161 ILE ILE A . n 
A 1 135 ASN 135 162 162 ASN ASN A . n 
A 1 136 GLU 136 163 163 GLU GLU A . n 
A 1 137 LEU 137 164 164 LEU LEU A . n 
A 1 138 PRO 138 165 165 PRO PRO A . n 
A 1 139 THR 139 166 ?   ?   ?   A . n 
A 1 140 GLU 140 167 ?   ?   ?   A . n 
A 1 141 GLU 141 168 ?   ?   ?   A . n 
# 
loop_
_pdbx_nonpoly_scheme.asym_id 
_pdbx_nonpoly_scheme.entity_id 
_pdbx_nonpoly_scheme.mon_id 
_pdbx_nonpoly_scheme.ndb_seq_num 
_pdbx_nonpoly_scheme.pdb_seq_num 
_pdbx_nonpoly_scheme.auth_seq_num 
_pdbx_nonpoly_scheme.pdb_mon_id 
_pdbx_nonpoly_scheme.auth_mon_id 
_pdbx_nonpoly_scheme.pdb_strand_id 
_pdbx_nonpoly_scheme.pdb_ins_code 
B 2 NO3 1  201 1  NO3 NO3 A . 
C 2 NO3 1  202 2  NO3 NO3 A . 
D 2 NO3 1  203 3  NO3 NO3 A . 
E 3 EDO 1  204 1  EDO EDO A . 
F 3 EDO 1  205 2  EDO EDO A . 
G 4 8PX 1  206 1  8PX E0G A . 
H 5 HOH 1  301 46 HOH HOH A . 
H 5 HOH 2  302 16 HOH HOH A . 
H 5 HOH 3  303 13 HOH HOH A . 
H 5 HOH 4  304 12 HOH HOH A . 
H 5 HOH 5  305 37 HOH HOH A . 
H 5 HOH 6  306 42 HOH HOH A . 
H 5 HOH 7  307 24 HOH HOH A . 
H 5 HOH 8  308 1  HOH HOH A . 
H 5 HOH 9  309 30 HOH HOH A . 
H 5 HOH 10 310 48 HOH HOH A . 
H 5 HOH 11 311 7  HOH HOH A . 
H 5 HOH 12 312 26 HOH HOH A . 
H 5 HOH 13 313 2  HOH HOH A . 
H 5 HOH 14 314 5  HOH HOH A . 
H 5 HOH 15 315 27 HOH HOH A . 
H 5 HOH 16 316 23 HOH HOH A . 
H 5 HOH 17 317 41 HOH HOH A . 
H 5 HOH 18 318 3  HOH HOH A . 
H 5 HOH 19 319 14 HOH HOH A . 
H 5 HOH 20 320 29 HOH HOH A . 
H 5 HOH 21 321 44 HOH HOH A . 
H 5 HOH 22 322 32 HOH HOH A . 
H 5 HOH 23 323 18 HOH HOH A . 
H 5 HOH 24 324 15 HOH HOH A . 
H 5 HOH 25 325 21 HOH HOH A . 
H 5 HOH 26 326 9  HOH HOH A . 
H 5 HOH 27 327 22 HOH HOH A . 
H 5 HOH 28 328 49 HOH HOH A . 
H 5 HOH 29 329 8  HOH HOH A . 
H 5 HOH 30 330 25 HOH HOH A . 
H 5 HOH 31 331 33 HOH HOH A . 
H 5 HOH 32 332 45 HOH HOH A . 
H 5 HOH 33 333 31 HOH HOH A . 
H 5 HOH 34 334 17 HOH HOH A . 
H 5 HOH 35 335 35 HOH HOH A . 
H 5 HOH 36 336 47 HOH HOH A . 
H 5 HOH 37 337 20 HOH HOH A . 
H 5 HOH 38 338 19 HOH HOH A . 
H 5 HOH 39 339 11 HOH HOH A . 
H 5 HOH 40 340 40 HOH HOH A . 
H 5 HOH 41 341 6  HOH HOH A . 
H 5 HOH 42 342 36 HOH HOH A . 
H 5 HOH 43 343 4  HOH HOH A . 
H 5 HOH 44 344 10 HOH HOH A . 
H 5 HOH 45 345 34 HOH HOH A . 
H 5 HOH 46 346 28 HOH HOH A . 
# 
loop_
_software.citation_id 
_software.classification 
_software.compiler_name 
_software.compiler_version 
_software.contact_author 
_software.contact_author_email 
_software.date 
_software.description 
_software.dependencies 
_software.hardware 
_software.language 
_software.location 
_software.mods 
_software.name 
_software.os 
_software.os_version 
_software.type 
_software.version 
_software.pdbx_ordinal 
? refinement        ? ? ? ? ? ? ? ? ? ? ? REFMAC      ? ? ? 5.8.0135 1 
? 'data scaling'    ? ? ? ? ? ? ? ? ? ? ? Aimless     ? ? ? 0.5.17   2 
? 'data extraction' ? ? ? ? ? ? ? ? ? ? ? PDB_EXTRACT ? ? ? 3.22     3 
? 'data reduction'  ? ? ? ? ? ? ? ? ? ? ? iMOSFLM     ? ? ? .        4 
? phasing           ? ? ? ? ? ? ? ? ? ? ? MOLREP      ? ? ? .        5 
# 
_cell.angle_alpha                  90.000 
_cell.angle_alpha_esd              ? 
_cell.angle_beta                   90.000 
_cell.angle_beta_esd               ? 
_cell.angle_gamma                  90.000 
_cell.angle_gamma_esd              ? 
_cell.entry_id                     5Y8Y 
_cell.details                      ? 
_cell.formula_units_Z              ? 
_cell.length_a                     34.620 
_cell.length_a_esd                 ? 
_cell.length_b                     47.230 
_cell.length_b_esd                 ? 
_cell.length_c                     78.510 
_cell.length_c_esd                 ? 
_cell.volume                       ? 
_cell.volume_esd                   ? 
_cell.Z_PDB                        4 
_cell.reciprocal_angle_alpha       ? 
_cell.reciprocal_angle_beta        ? 
_cell.reciprocal_angle_gamma       ? 
_cell.reciprocal_angle_alpha_esd   ? 
_cell.reciprocal_angle_beta_esd    ? 
_cell.reciprocal_angle_gamma_esd   ? 
_cell.reciprocal_length_a          ? 
_cell.reciprocal_length_b          ? 
_cell.reciprocal_length_c          ? 
_cell.reciprocal_length_a_esd      ? 
_cell.reciprocal_length_b_esd      ? 
_cell.reciprocal_length_c_esd      ? 
_cell.pdbx_unique_axis             ? 
# 
_symmetry.entry_id                         5Y8Y 
_symmetry.cell_setting                     ? 
_symmetry.Int_Tables_number                19 
_symmetry.space_group_name_Hall            ? 
_symmetry.space_group_name_H-M             'P 21 21 21' 
_symmetry.pdbx_full_space_group_name_H-M   ? 
# 
_exptl.absorpt_coefficient_mu     ? 
_exptl.absorpt_correction_T_max   ? 
_exptl.absorpt_correction_T_min   ? 
_exptl.absorpt_correction_type    ? 
_exptl.absorpt_process_details    ? 
_exptl.entry_id                   5Y8Y 
_exptl.crystals_number            1 
_exptl.details                    ? 
_exptl.method                     'X-RAY DIFFRACTION' 
_exptl.method_details             ? 
# 
_exptl_crystal.colour                      ? 
_exptl_crystal.density_diffrn              ? 
_exptl_crystal.density_Matthews            1.91 
_exptl_crystal.density_method              ? 
_exptl_crystal.density_percent_sol         35.74 
_exptl_crystal.description                 ? 
_exptl_crystal.F_000                       ? 
_exptl_crystal.id                          1 
_exptl_crystal.preparation                 ? 
_exptl_crystal.size_max                    ? 
_exptl_crystal.size_mid                    ? 
_exptl_crystal.size_min                    ? 
_exptl_crystal.size_rad                    ? 
_exptl_crystal.colour_lustre               ? 
_exptl_crystal.colour_modifier             ? 
_exptl_crystal.colour_primary              ? 
_exptl_crystal.density_meas                ? 
_exptl_crystal.density_meas_esd            ? 
_exptl_crystal.density_meas_gt             ? 
_exptl_crystal.density_meas_lt             ? 
_exptl_crystal.density_meas_temp           ? 
_exptl_crystal.density_meas_temp_esd       ? 
_exptl_crystal.density_meas_temp_gt        ? 
_exptl_crystal.density_meas_temp_lt        ? 
_exptl_crystal.pdbx_crystal_image_url      ? 
_exptl_crystal.pdbx_crystal_image_format   ? 
_exptl_crystal.pdbx_mosaicity              ? 
_exptl_crystal.pdbx_mosaicity_esd          ? 
# 
_exptl_crystal_grow.apparatus       ? 
_exptl_crystal_grow.atmosphere      ? 
_exptl_crystal_grow.crystal_id      1 
_exptl_crystal_grow.details         ? 
_exptl_crystal_grow.method          'VAPOR DIFFUSION, SITTING DROP' 
_exptl_crystal_grow.method_ref      ? 
_exptl_crystal_grow.pH              7.0 
_exptl_crystal_grow.pressure        ? 
_exptl_crystal_grow.pressure_esd    ? 
_exptl_crystal_grow.seeding         ? 
_exptl_crystal_grow.seeding_ref     ? 
_exptl_crystal_grow.temp            277 
_exptl_crystal_grow.temp_details    ? 
_exptl_crystal_grow.temp_esd        ? 
_exptl_crystal_grow.time            ? 
_exptl_crystal_grow.pdbx_details    '20% PEG3350, 0.2M NaNO3, 0.1M HEPES, 10% EtGhly,pH7' 
_exptl_crystal_grow.pdbx_pH_range   ? 
# 
_diffrn.ambient_environment    ? 
_diffrn.ambient_temp           80 
_diffrn.ambient_temp_details   ? 
_diffrn.ambient_temp_esd       ? 
_diffrn.crystal_id             1 
_diffrn.crystal_support        ? 
_diffrn.crystal_treatment      ? 
_diffrn.details                ? 
_diffrn.id                     1 
_diffrn.ambient_pressure       ? 
_diffrn.ambient_pressure_esd   ? 
_diffrn.ambient_pressure_gt    ? 
_diffrn.ambient_pressure_lt    ? 
_diffrn.ambient_temp_gt        ? 
_diffrn.ambient_temp_lt        ? 
# 
_diffrn_detector.details                      ? 
_diffrn_detector.detector                     PIXEL 
_diffrn_detector.diffrn_id                    1 
_diffrn_detector.type                         'DECTRIS PILATUS3 6M' 
_diffrn_detector.area_resol_mean              ? 
_diffrn_detector.dtime                        ? 
_diffrn_detector.pdbx_frames_total            ? 
_diffrn_detector.pdbx_collection_time_total   ? 
_diffrn_detector.pdbx_collection_date         2015-06-22 
# 
_diffrn_radiation.collimation                      ? 
_diffrn_radiation.diffrn_id                        1 
_diffrn_radiation.filter_edge                      ? 
_diffrn_radiation.inhomogeneity                    ? 
_diffrn_radiation.monochromator                    ? 
_diffrn_radiation.polarisn_norm                    ? 
_diffrn_radiation.polarisn_ratio                   ? 
_diffrn_radiation.probe                            ? 
_diffrn_radiation.type                             ? 
_diffrn_radiation.xray_symbol                      ? 
_diffrn_radiation.wavelength_id                    1 
_diffrn_radiation.pdbx_monochromatic_or_laue_m_l   M 
_diffrn_radiation.pdbx_wavelength_list             ? 
_diffrn_radiation.pdbx_wavelength                  ? 
_diffrn_radiation.pdbx_diffrn_protocol             'SINGLE WAVELENGTH' 
_diffrn_radiation.pdbx_analyzer                    ? 
_diffrn_radiation.pdbx_scattering_type             x-ray 
# 
_diffrn_radiation_wavelength.id           1 
_diffrn_radiation_wavelength.wavelength   0.97853 
_diffrn_radiation_wavelength.wt           1.0 
# 
_diffrn_source.current                     ? 
_diffrn_source.details                     ? 
_diffrn_source.diffrn_id                   1 
_diffrn_source.power                       ? 
_diffrn_source.size                        ? 
_diffrn_source.source                      SYNCHROTRON 
_diffrn_source.target                      ? 
_diffrn_source.type                        'SSRF BEAMLINE BL19U1' 
_diffrn_source.voltage                     ? 
_diffrn_source.take-off_angle              ? 
_diffrn_source.pdbx_wavelength_list        0.97853 
_diffrn_source.pdbx_wavelength             ? 
_diffrn_source.pdbx_synchrotron_beamline   BL19U1 
_diffrn_source.pdbx_synchrotron_site       SSRF 
# 
_reflns.B_iso_Wilson_estimate            ? 
_reflns.entry_id                         5Y8Y 
_reflns.data_reduction_details           ? 
_reflns.data_reduction_method            ? 
_reflns.d_resolution_high                1.870 
_reflns.d_resolution_low                 39.250 
_reflns.details                          ? 
_reflns.limit_h_max                      ? 
_reflns.limit_h_min                      ? 
_reflns.limit_k_max                      ? 
_reflns.limit_k_min                      ? 
_reflns.limit_l_max                      ? 
_reflns.limit_l_min                      ? 
_reflns.number_all                       ? 
_reflns.number_obs                       11017 
_reflns.observed_criterion               ? 
_reflns.observed_criterion_F_max         ? 
_reflns.observed_criterion_F_min         ? 
_reflns.observed_criterion_I_max         ? 
_reflns.observed_criterion_I_min         ? 
_reflns.observed_criterion_sigma_F       ? 
_reflns.observed_criterion_sigma_I       ? 
_reflns.percent_possible_obs             98.900 
_reflns.R_free_details                   ? 
_reflns.Rmerge_F_all                     ? 
_reflns.Rmerge_F_obs                     ? 
_reflns.Friedel_coverage                 ? 
_reflns.number_gt                        ? 
_reflns.threshold_expression             ? 
_reflns.pdbx_redundancy                  7.200 
_reflns.pdbx_Rmerge_I_obs                0.162 
_reflns.pdbx_Rmerge_I_all                ? 
_reflns.pdbx_Rsym_value                  ? 
_reflns.pdbx_netI_over_av_sigmaI         ? 
_reflns.pdbx_netI_over_sigmaI            7.100 
_reflns.pdbx_res_netI_over_av_sigmaI_2   ? 
_reflns.pdbx_res_netI_over_sigmaI_2      ? 
_reflns.pdbx_chi_squared                 ? 
_reflns.pdbx_scaling_rejects             63 
_reflns.pdbx_d_res_high_opt              ? 
_reflns.pdbx_d_res_low_opt               ? 
_reflns.pdbx_d_res_opt_method            ? 
_reflns.phase_calculation_details        ? 
_reflns.pdbx_Rrim_I_all                  0.173 
_reflns.pdbx_Rpim_I_all                  0.061 
_reflns.pdbx_d_opt                       ? 
_reflns.pdbx_number_measured_all         79296 
_reflns.pdbx_diffrn_id                   1 
_reflns.pdbx_ordinal                     1 
_reflns.pdbx_CC_half                     0.991 
_reflns.pdbx_R_split                     ? 
# 
_reflns_shell.d_res_high                  1.870 
_reflns_shell.d_res_low                   1.910 
_reflns_shell.meanI_over_sigI_all         ? 
_reflns_shell.meanI_over_sigI_obs         ? 
_reflns_shell.number_measured_all         ? 
_reflns_shell.number_measured_obs         ? 
_reflns_shell.number_possible             ? 
_reflns_shell.number_unique_all           ? 
_reflns_shell.number_unique_obs           698 
_reflns_shell.percent_possible_all        99.600 
_reflns_shell.percent_possible_obs        ? 
_reflns_shell.Rmerge_F_all                ? 
_reflns_shell.Rmerge_F_obs                ? 
_reflns_shell.Rmerge_I_all                ? 
_reflns_shell.Rmerge_I_obs                0.659 
_reflns_shell.meanI_over_sigI_gt          ? 
_reflns_shell.meanI_over_uI_all           ? 
_reflns_shell.meanI_over_uI_gt            ? 
_reflns_shell.number_measured_gt          ? 
_reflns_shell.number_unique_gt            ? 
_reflns_shell.percent_possible_gt         ? 
_reflns_shell.Rmerge_F_gt                 ? 
_reflns_shell.Rmerge_I_gt                 ? 
_reflns_shell.pdbx_redundancy             7.700 
_reflns_shell.pdbx_Rsym_value             ? 
_reflns_shell.pdbx_chi_squared            ? 
_reflns_shell.pdbx_netI_over_sigmaI_all   ? 
_reflns_shell.pdbx_netI_over_sigmaI_obs   ? 
_reflns_shell.pdbx_Rrim_I_all             0.705 
_reflns_shell.pdbx_Rpim_I_all             0.245 
_reflns_shell.pdbx_rejects                ? 
_reflns_shell.pdbx_ordinal                1 
_reflns_shell.pdbx_diffrn_id              1 
_reflns_shell.pdbx_CC_half                0.902 
_reflns_shell.pdbx_R_split                ? 
# 
_refine.aniso_B[1][1]                            4.2700 
_refine.aniso_B[1][2]                            0.0000 
_refine.aniso_B[1][3]                            0.0000 
_refine.aniso_B[2][2]                            -1.0200 
_refine.aniso_B[2][3]                            0.0000 
_refine.aniso_B[3][3]                            -3.2500 
_refine.B_iso_max                                62.120 
_refine.B_iso_mean                               25.1830 
_refine.B_iso_min                                13.460 
_refine.correlation_coeff_Fo_to_Fc               0.9480 
_refine.correlation_coeff_Fo_to_Fc_free          0.9210 
_refine.details                                  
'HYDROGENS HAVE BEEN ADDED IN THE RIDING POSITIONS U VALUES      : REFINED INDIVIDUALLY' 
_refine.diff_density_max                         ? 
_refine.diff_density_max_esd                     ? 
_refine.diff_density_min                         ? 
_refine.diff_density_min_esd                     ? 
_refine.diff_density_rms                         ? 
_refine.diff_density_rms_esd                     ? 
_refine.entry_id                                 5Y8Y 
_refine.pdbx_refine_id                           'X-RAY DIFFRACTION' 
_refine.ls_abs_structure_details                 ? 
_refine.ls_abs_structure_Flack                   ? 
_refine.ls_abs_structure_Flack_esd               ? 
_refine.ls_abs_structure_Rogers                  ? 
_refine.ls_abs_structure_Rogers_esd              ? 
_refine.ls_d_res_high                            1.8700 
_refine.ls_d_res_low                             39.250 
_refine.ls_extinction_coef                       ? 
_refine.ls_extinction_coef_esd                   ? 
_refine.ls_extinction_expression                 ? 
_refine.ls_extinction_method                     ? 
_refine.ls_goodness_of_fit_all                   ? 
_refine.ls_goodness_of_fit_all_esd               ? 
_refine.ls_goodness_of_fit_obs                   ? 
_refine.ls_goodness_of_fit_obs_esd               ? 
_refine.ls_hydrogen_treatment                    ? 
_refine.ls_matrix_type                           ? 
_refine.ls_number_constraints                    ? 
_refine.ls_number_parameters                     ? 
_refine.ls_number_reflns_all                     ? 
_refine.ls_number_reflns_obs                     10443 
_refine.ls_number_reflns_R_free                  537 
_refine.ls_number_reflns_R_work                  ? 
_refine.ls_number_restraints                     ? 
_refine.ls_percent_reflns_obs                    98.4400 
_refine.ls_percent_reflns_R_free                 4.9000 
_refine.ls_R_factor_all                          ? 
_refine.ls_R_factor_obs                          0.1927 
_refine.ls_R_factor_R_free                       0.2470 
_refine.ls_R_factor_R_free_error                 ? 
_refine.ls_R_factor_R_free_error_details         ? 
_refine.ls_R_factor_R_work                       0.1898 
_refine.ls_R_Fsqd_factor_obs                     ? 
_refine.ls_R_I_factor_obs                        ? 
_refine.ls_redundancy_reflns_all                 ? 
_refine.ls_redundancy_reflns_obs                 ? 
_refine.ls_restrained_S_all                      ? 
_refine.ls_restrained_S_obs                      ? 
_refine.ls_shift_over_esd_max                    ? 
_refine.ls_shift_over_esd_mean                   ? 
_refine.ls_structure_factor_coef                 ? 
_refine.ls_weighting_details                     ? 
_refine.ls_weighting_scheme                      ? 
_refine.ls_wR_factor_all                         ? 
_refine.ls_wR_factor_obs                         ? 
_refine.ls_wR_factor_R_free                      ? 
_refine.ls_wR_factor_R_work                      ? 
_refine.occupancy_max                            ? 
_refine.occupancy_min                            ? 
_refine.solvent_model_details                    ? 
_refine.solvent_model_param_bsol                 ? 
_refine.solvent_model_param_ksol                 ? 
_refine.ls_R_factor_gt                           ? 
_refine.ls_goodness_of_fit_gt                    ? 
_refine.ls_goodness_of_fit_ref                   ? 
_refine.ls_shift_over_su_max                     ? 
_refine.ls_shift_over_su_max_lt                  ? 
_refine.ls_shift_over_su_mean                    ? 
_refine.ls_shift_over_su_mean_lt                 ? 
_refine.pdbx_ls_sigma_I                          ? 
_refine.pdbx_ls_sigma_F                          0.000 
_refine.pdbx_ls_sigma_Fsqd                       ? 
_refine.pdbx_data_cutoff_high_absF               ? 
_refine.pdbx_data_cutoff_high_rms_absF           ? 
_refine.pdbx_data_cutoff_low_absF                ? 
_refine.pdbx_isotropic_thermal_model             ? 
_refine.pdbx_ls_cross_valid_method               THROUGHOUT 
_refine.pdbx_method_to_determine_struct          ? 
_refine.pdbx_starting_model                      ? 
_refine.pdbx_stereochemistry_target_values       ? 
_refine.pdbx_R_Free_selection_details            RANDOM 
_refine.pdbx_stereochem_target_val_spec_case     ? 
_refine.pdbx_overall_ESU_R                       0.1700 
_refine.pdbx_overall_ESU_R_Free                  0.1620 
_refine.pdbx_solvent_vdw_probe_radii             1.2000 
_refine.pdbx_solvent_ion_probe_radii             0.8000 
_refine.pdbx_solvent_shrinkage_radii             0.8000 
_refine.pdbx_real_space_R                        ? 
_refine.pdbx_density_correlation                 ? 
_refine.pdbx_pd_number_of_powder_patterns        ? 
_refine.pdbx_pd_number_of_points                 ? 
_refine.pdbx_pd_meas_number_of_points            ? 
_refine.pdbx_pd_proc_ls_prof_R_factor            ? 
_refine.pdbx_pd_proc_ls_prof_wR_factor           ? 
_refine.pdbx_pd_Marquardt_correlation_coeff      ? 
_refine.pdbx_pd_Fsqrd_R_factor                   ? 
_refine.pdbx_pd_ls_matrix_band_width             ? 
_refine.pdbx_overall_phase_error                 ? 
_refine.pdbx_overall_SU_R_free_Cruickshank_DPI   ? 
_refine.pdbx_overall_SU_R_free_Blow_DPI          ? 
_refine.pdbx_overall_SU_R_Blow_DPI               ? 
_refine.pdbx_TLS_residual_ADP_flag               ? 
_refine.pdbx_diffrn_id                           1 
_refine.overall_SU_B                             4.3810 
_refine.overall_SU_ML                            0.1280 
_refine.overall_SU_R_Cruickshank_DPI             ? 
_refine.overall_SU_R_free                        ? 
_refine.overall_FOM_free_R_set                   ? 
_refine.overall_FOM_work_R_set                   ? 
_refine.pdbx_average_fsc_overall                 ? 
_refine.pdbx_average_fsc_work                    ? 
_refine.pdbx_average_fsc_free                    ? 
# 
_refine_hist.cycle_id                         final 
_refine_hist.pdbx_refine_id                   'X-RAY DIFFRACTION' 
_refine_hist.d_res_high                       1.8700 
_refine_hist.d_res_low                        39.250 
_refine_hist.pdbx_number_atoms_ligand         45 
_refine_hist.number_atoms_solvent             46 
_refine_hist.number_atoms_total               1206 
_refine_hist.pdbx_number_residues_total       133 
_refine_hist.pdbx_B_iso_mean_ligand           30.43 
_refine_hist.pdbx_B_iso_mean_solvent          29.39 
_refine_hist.pdbx_number_atoms_protein        1115 
_refine_hist.pdbx_number_atoms_nucleic_acid   0 
# 
loop_
_refine_ls_restr.pdbx_refine_id 
_refine_ls_restr.criterion 
_refine_ls_restr.dev_ideal 
_refine_ls_restr.dev_ideal_target 
_refine_ls_restr.number 
_refine_ls_restr.rejects 
_refine_ls_restr.type 
_refine_ls_restr.weight 
_refine_ls_restr.pdbx_restraint_function 
'X-RAY DIFFRACTION' ? 0.016  0.020  1212 ? r_bond_refined_d       ? ? 
'X-RAY DIFFRACTION' ? 0.002  0.020  1141 ? r_bond_other_d         ? ? 
'X-RAY DIFFRACTION' ? 1.797  1.982  1647 ? r_angle_refined_deg    ? ? 
'X-RAY DIFFRACTION' ? 1.016  3.004  2631 ? r_angle_other_deg      ? ? 
'X-RAY DIFFRACTION' ? 6.089  5.000  136  ? r_dihedral_angle_1_deg ? ? 
'X-RAY DIFFRACTION' ? 32.903 25.085 59   ? r_dihedral_angle_2_deg ? ? 
'X-RAY DIFFRACTION' ? 14.659 15.000 205  ? r_dihedral_angle_3_deg ? ? 
'X-RAY DIFFRACTION' ? 11.915 15.000 4    ? r_dihedral_angle_4_deg ? ? 
'X-RAY DIFFRACTION' ? 0.115  0.200  167  ? r_chiral_restr         ? ? 
'X-RAY DIFFRACTION' ? 0.011  0.021  1354 ? r_gen_planes_refined   ? ? 
'X-RAY DIFFRACTION' ? 0.001  0.020  284  ? r_gen_planes_other     ? ? 
# 
_refine_ls_shell.pdbx_refine_id                   'X-RAY DIFFRACTION' 
_refine_ls_shell.d_res_high                       1.8700 
_refine_ls_shell.d_res_low                        1.9190 
_refine_ls_shell.number_reflns_all                787 
_refine_ls_shell.number_reflns_obs                ? 
_refine_ls_shell.number_reflns_R_free             41 
_refine_ls_shell.number_reflns_R_work             746 
_refine_ls_shell.percent_reflns_obs               99.3700 
_refine_ls_shell.percent_reflns_R_free            ? 
_refine_ls_shell.R_factor_all                     ? 
_refine_ls_shell.R_factor_obs                     ? 
_refine_ls_shell.R_factor_R_free                  0.2570 
_refine_ls_shell.R_factor_R_free_error            0.0000 
_refine_ls_shell.R_factor_R_work                  0.2780 
_refine_ls_shell.redundancy_reflns_all            ? 
_refine_ls_shell.redundancy_reflns_obs            ? 
_refine_ls_shell.wR_factor_all                    ? 
_refine_ls_shell.wR_factor_obs                    ? 
_refine_ls_shell.wR_factor_R_free                 ? 
_refine_ls_shell.wR_factor_R_work                 ? 
_refine_ls_shell.pdbx_total_number_of_bins_used   20 
_refine_ls_shell.pdbx_phase_error                 ? 
_refine_ls_shell.pdbx_fsc_work                    ? 
_refine_ls_shell.pdbx_fsc_free                    ? 
# 
_struct.entry_id                     5Y8Y 
_struct.title                        'Crystal Structure Analysis of the BRD4' 
_struct.pdbx_model_details           ? 
_struct.pdbx_formula_weight          ? 
_struct.pdbx_formula_weight_method   ? 
_struct.pdbx_model_type_details      ? 
_struct.pdbx_CASP_flag               N 
# 
_struct_keywords.entry_id        5Y8Y 
_struct_keywords.text            'BRD4(1), Bromodomain, TRANSCRIPTION' 
_struct_keywords.pdbx_keywords   TRANSCRIPTION 
# 
loop_
_struct_asym.id 
_struct_asym.pdbx_blank_PDB_chainid_flag 
_struct_asym.pdbx_modified 
_struct_asym.entity_id 
_struct_asym.details 
A N N 1 ? 
B N N 2 ? 
C N N 2 ? 
D N N 2 ? 
E N N 3 ? 
F N N 3 ? 
G N N 4 ? 
H N N 5 ? 
# 
_struct_ref.id                         1 
_struct_ref.db_name                    UNP 
_struct_ref.db_code                    BRD4_HUMAN 
_struct_ref.pdbx_db_accession          O60885 
_struct_ref.pdbx_db_isoform            ? 
_struct_ref.entity_id                  1 
_struct_ref.pdbx_seq_one_letter_code   
;NPPPPETSNPNKPKRQTNQLQYLLRVVLKTLWKHQFAWPFQQPVDAVKLNLPDYYKIIKTPMDMGTIKKRLENNYYWNAQ
ECIQDFNTMFTNCYIYNKPGDDIVLMAEALEKLFLQKINELPTEE
;
_struct_ref.pdbx_align_begin           44 
# 
_struct_ref_seq.align_id                      1 
_struct_ref_seq.ref_id                        1 
_struct_ref_seq.pdbx_PDB_id_code              5Y8Y 
_struct_ref_seq.pdbx_strand_id                A 
_struct_ref_seq.seq_align_beg                 17 
_struct_ref_seq.pdbx_seq_align_beg_ins_code   ? 
_struct_ref_seq.seq_align_end                 141 
_struct_ref_seq.pdbx_seq_align_end_ins_code   ? 
_struct_ref_seq.pdbx_db_accession             O60885 
_struct_ref_seq.db_align_beg                  44 
_struct_ref_seq.pdbx_db_align_beg_ins_code    ? 
_struct_ref_seq.db_align_end                  168 
_struct_ref_seq.pdbx_db_align_end_ins_code    ? 
_struct_ref_seq.pdbx_auth_seq_align_beg       44 
_struct_ref_seq.pdbx_auth_seq_align_end       168 
# 
loop_
_struct_ref_seq_dif.align_id 
_struct_ref_seq_dif.pdbx_pdb_id_code 
_struct_ref_seq_dif.mon_id 
_struct_ref_seq_dif.pdbx_pdb_strand_id 
_struct_ref_seq_dif.seq_num 
_struct_ref_seq_dif.pdbx_pdb_ins_code 
_struct_ref_seq_dif.pdbx_seq_db_name 
_struct_ref_seq_dif.pdbx_seq_db_accession_code 
_struct_ref_seq_dif.db_mon_id 
_struct_ref_seq_dif.pdbx_seq_db_seq_num 
_struct_ref_seq_dif.details 
_struct_ref_seq_dif.pdbx_auth_seq_num 
_struct_ref_seq_dif.pdbx_ordinal 
1 5Y8Y MET A 1  ? UNP O60885 ? ? 'expression tag' 28 1  
1 5Y8Y LYS A 2  ? UNP O60885 ? ? 'expression tag' 29 2  
1 5Y8Y LYS A 3  ? UNP O60885 ? ? 'expression tag' 30 3  
1 5Y8Y GLY A 4  ? UNP O60885 ? ? 'expression tag' 31 4  
1 5Y8Y HIS A 5  ? UNP O60885 ? ? 'expression tag' 32 5  
1 5Y8Y HIS A 6  ? UNP O60885 ? ? 'expression tag' 33 6  
1 5Y8Y HIS A 7  ? UNP O60885 ? ? 'expression tag' 34 7  
1 5Y8Y HIS A 8  ? UNP O60885 ? ? 'expression tag' 35 8  
1 5Y8Y HIS A 9  ? UNP O60885 ? ? 'expression tag' 36 9  
1 5Y8Y HIS A 10 ? UNP O60885 ? ? 'expression tag' 37 10 
1 5Y8Y LEU A 11 ? UNP O60885 ? ? 'expression tag' 38 11 
1 5Y8Y VAL A 12 ? UNP O60885 ? ? 'expression tag' 39 12 
1 5Y8Y PRO A 13 ? UNP O60885 ? ? 'expression tag' 40 13 
1 5Y8Y ARG A 14 ? UNP O60885 ? ? 'expression tag' 41 14 
1 5Y8Y GLY A 15 ? UNP O60885 ? ? 'expression tag' 42 15 
1 5Y8Y SER A 16 ? UNP O60885 ? ? 'expression tag' 43 16 
# 
_pdbx_struct_assembly.id                   1 
_pdbx_struct_assembly.details              author_and_software_defined_assembly 
_pdbx_struct_assembly.method_details       PISA 
_pdbx_struct_assembly.oligomeric_details   monomeric 
_pdbx_struct_assembly.oligomeric_count     1 
# 
loop_
_pdbx_struct_assembly_prop.biol_id 
_pdbx_struct_assembly_prop.type 
_pdbx_struct_assembly_prop.value 
_pdbx_struct_assembly_prop.details 
1 'ABSA (A^2)' 140  ? 
1 MORE         1    ? 
1 'SSA (A^2)'  8560 ? 
# 
_pdbx_struct_assembly_gen.assembly_id       1 
_pdbx_struct_assembly_gen.oper_expression   1 
_pdbx_struct_assembly_gen.asym_id_list      A,B,C,D,E,F,G,H 
# 
_pdbx_struct_assembly_auth_evidence.id                     1 
_pdbx_struct_assembly_auth_evidence.assembly_id            1 
_pdbx_struct_assembly_auth_evidence.experimental_support   none 
_pdbx_struct_assembly_auth_evidence.details                ? 
# 
_pdbx_struct_oper_list.id                   1 
_pdbx_struct_oper_list.type                 'identity operation' 
_pdbx_struct_oper_list.name                 1_555 
_pdbx_struct_oper_list.symmetry_operation   x,y,z 
_pdbx_struct_oper_list.matrix[1][1]         1.0000000000 
_pdbx_struct_oper_list.matrix[1][2]         0.0000000000 
_pdbx_struct_oper_list.matrix[1][3]         0.0000000000 
_pdbx_struct_oper_list.vector[1]            0.0000000000 
_pdbx_struct_oper_list.matrix[2][1]         0.0000000000 
_pdbx_struct_oper_list.matrix[2][2]         1.0000000000 
_pdbx_struct_oper_list.matrix[2][3]         0.0000000000 
_pdbx_struct_oper_list.vector[2]            0.0000000000 
_pdbx_struct_oper_list.matrix[3][1]         0.0000000000 
_pdbx_struct_oper_list.matrix[3][2]         0.0000000000 
_pdbx_struct_oper_list.matrix[3][3]         1.0000000000 
_pdbx_struct_oper_list.vector[3]            0.0000000000 
# 
loop_
_struct_conf.conf_type_id 
_struct_conf.id 
_struct_conf.pdbx_PDB_helix_id 
_struct_conf.beg_label_comp_id 
_struct_conf.beg_label_asym_id 
_struct_conf.beg_label_seq_id 
_struct_conf.pdbx_beg_PDB_ins_code 
_struct_conf.end_label_comp_id 
_struct_conf.end_label_asym_id 
_struct_conf.end_label_seq_id 
_struct_conf.pdbx_end_PDB_ins_code 
_struct_conf.beg_auth_comp_id 
_struct_conf.beg_auth_asym_id 
_struct_conf.beg_auth_seq_id 
_struct_conf.end_auth_comp_id 
_struct_conf.end_auth_asym_id 
_struct_conf.end_auth_seq_id 
_struct_conf.pdbx_PDB_helix_class 
_struct_conf.details 
_struct_conf.pdbx_PDB_helix_length 
HELX_P HELX_P1 AA1 THR A 33  ? VAL A 42  ? THR A 60  VAL A 69  1 ? 10 
HELX_P HELX_P2 AA2 VAL A 42  ? HIS A 50  ? VAL A 69  HIS A 77  1 ? 9  
HELX_P HELX_P3 AA3 ALA A 53  ? GLN A 57  ? ALA A 80  GLN A 84  5 ? 5  
HELX_P HELX_P4 AA4 ASP A 69  ? ILE A 74  ? ASP A 96  ILE A 101 1 ? 6  
HELX_P HELX_P5 AA5 ASP A 79  ? ASN A 89  ? ASP A 106 ASN A 116 1 ? 11 
HELX_P HELX_P6 AA6 ASN A 94  ? ASN A 113 ? ASN A 121 ASN A 140 1 ? 20 
HELX_P HELX_P7 AA7 ASP A 117 ? ASN A 135 ? ASP A 144 ASN A 162 1 ? 19 
# 
_struct_conf_type.id          HELX_P 
_struct_conf_type.criteria    ? 
_struct_conf_type.reference   ? 
# 
_struct_mon_prot_cis.pdbx_id                1 
_struct_mon_prot_cis.label_comp_id          VAL 
_struct_mon_prot_cis.label_seq_id           12 
_struct_mon_prot_cis.label_asym_id          A 
_struct_mon_prot_cis.label_alt_id           . 
_struct_mon_prot_cis.pdbx_PDB_ins_code      ? 
_struct_mon_prot_cis.auth_comp_id           VAL 
_struct_mon_prot_cis.auth_seq_id            39 
_struct_mon_prot_cis.auth_asym_id           A 
_struct_mon_prot_cis.pdbx_label_comp_id_2   PRO 
_struct_mon_prot_cis.pdbx_label_seq_id_2    13 
_struct_mon_prot_cis.pdbx_label_asym_id_2   A 
_struct_mon_prot_cis.pdbx_PDB_ins_code_2    ? 
_struct_mon_prot_cis.pdbx_auth_comp_id_2    PRO 
_struct_mon_prot_cis.pdbx_auth_seq_id_2     40 
_struct_mon_prot_cis.pdbx_auth_asym_id_2    A 
_struct_mon_prot_cis.pdbx_PDB_model_num     1 
_struct_mon_prot_cis.pdbx_omega_angle       -6.42 
# 
loop_
_struct_site.id 
_struct_site.pdbx_evidence_code 
_struct_site.pdbx_auth_asym_id 
_struct_site.pdbx_auth_comp_id 
_struct_site.pdbx_auth_seq_id 
_struct_site.pdbx_auth_ins_code 
_struct_site.pdbx_num_residues 
_struct_site.details 
AC1 Software A NO3 201 ? 5  'binding site for residue NO3 A 201' 
AC2 Software A NO3 202 ? 8  'binding site for residue NO3 A 202' 
AC3 Software A NO3 203 ? 4  'binding site for residue NO3 A 203' 
AC4 Software A EDO 204 ? 5  'binding site for residue EDO A 204' 
AC5 Software A EDO 205 ? 5  'binding site for residue EDO A 205' 
AC6 Software A 8PX 206 ? 11 'binding site for residue 8PX A 206' 
# 
loop_
_struct_site_gen.id 
_struct_site_gen.site_id 
_struct_site_gen.pdbx_num_res 
_struct_site_gen.label_comp_id 
_struct_site_gen.label_asym_id 
_struct_site_gen.label_seq_id 
_struct_site_gen.pdbx_auth_ins_code 
_struct_site_gen.auth_comp_id 
_struct_site_gen.auth_asym_id 
_struct_site_gen.auth_seq_id 
_struct_site_gen.label_atom_id 
_struct_site_gen.label_alt_id 
_struct_site_gen.symmetry 
_struct_site_gen.details 
1  AC1 5  LYS A 30  ? LYS A 57  . ? 1_555 ? 
2  AC1 5  TYR A 71  ? TYR A 98  . ? 3_644 ? 
3  AC1 5  LYS A 72  ? LYS A 99  . ? 3_644 ? 
4  AC1 5  LYS A 75  ? LYS A 102 . ? 3_644 ? 
5  AC1 5  ASP A 118 ? ASP A 145 . ? 2_554 ? 
6  AC2 8  HIS A 8   ? HIS A 35  . ? 1_555 ? 
7  AC2 8  HIS A 9   ? HIS A 36  . ? 1_555 ? 
8  AC2 8  HIS A 10  ? HIS A 37  . ? 1_555 ? 
9  AC2 8  LEU A 11  ? LEU A 38  . ? 1_555 ? 
10 AC2 8  VAL A 12  ? VAL A 39  . ? 1_555 ? 
11 AC2 8  GLN A 96  ? GLN A 123 . ? 1_565 ? 
12 AC2 8  ILE A 99  ? ILE A 126 . ? 1_565 ? 
13 AC2 8  ASN A 103 ? ASN A 130 . ? 1_565 ? 
14 AC3 4  PRO A 19  ? PRO A 46  . ? 1_555 ? 
15 AC3 4  TRP A 93  ? TRP A 120 . ? 3_654 ? 
16 AC3 4  ASN A 94  ? ASN A 121 . ? 3_654 ? 
17 AC3 4  HOH H .   ? HOH A 314 . ? 1_555 ? 
18 AC4 5  ILE A 73  ? ILE A 100 . ? 1_555 ? 
19 AC4 5  ILE A 74  ? ILE A 101 . ? 1_555 ? 
20 AC4 5  LYS A 75  ? LYS A 102 . ? 1_555 ? 
21 AC4 5  THR A 76  ? THR A 103 . ? 1_555 ? 
22 AC4 5  ASN A 108 ? ASN A 135 . ? 1_555 ? 
23 AC5 5  ASN A 89  ? ASN A 116 . ? 2_555 ? 
24 AC5 5  ASN A 90  ? ASN A 117 . ? 2_555 ? 
25 AC5 5  ASP A 117 ? ASP A 144 . ? 1_555 ? 
26 AC5 5  ASP A 118 ? ASP A 145 . ? 1_555 ? 
27 AC5 5  HOH H .   ? HOH A 328 . ? 1_555 ? 
28 AC6 11 TRP A 54  ? TRP A 81  . ? 1_555 ? 
29 AC6 11 PRO A 55  ? PRO A 82  . ? 1_555 ? 
30 AC6 11 VAL A 60  ? VAL A 87  . ? 1_555 ? 
31 AC6 11 LEU A 65  ? LEU A 92  . ? 1_555 ? 
32 AC6 11 LEU A 67  ? LEU A 94  . ? 1_555 ? 
33 AC6 11 LYS A 72  ? LYS A 99  . ? 4_455 ? 
34 AC6 11 ASN A 113 ? ASN A 140 . ? 1_555 ? 
35 AC6 11 MET A 122 ? MET A 149 . ? 1_555 ? 
36 AC6 11 HOH H .   ? HOH A 315 . ? 1_555 ? 
37 AC6 11 HOH H .   ? HOH A 316 . ? 1_555 ? 
38 AC6 11 HOH H .   ? HOH A 320 . ? 1_555 ? 
# 
loop_
_pdbx_validate_close_contact.id 
_pdbx_validate_close_contact.PDB_model_num 
_pdbx_validate_close_contact.auth_atom_id_1 
_pdbx_validate_close_contact.auth_asym_id_1 
_pdbx_validate_close_contact.auth_comp_id_1 
_pdbx_validate_close_contact.auth_seq_id_1 
_pdbx_validate_close_contact.PDB_ins_code_1 
_pdbx_validate_close_contact.label_alt_id_1 
_pdbx_validate_close_contact.auth_atom_id_2 
_pdbx_validate_close_contact.auth_asym_id_2 
_pdbx_validate_close_contact.auth_comp_id_2 
_pdbx_validate_close_contact.auth_seq_id_2 
_pdbx_validate_close_contact.PDB_ins_code_2 
_pdbx_validate_close_contact.label_alt_id_2 
_pdbx_validate_close_contact.dist 
1 1 O  A HOH 306 ? ? O A HOH 340 ? ? 1.39 
2 1 NZ A LYS 160 ? ? O A HOH 301 ? ? 2.15 
# 
_pdbx_validate_torsion.id              1 
_pdbx_validate_torsion.PDB_model_num   1 
_pdbx_validate_torsion.auth_comp_id    LEU 
_pdbx_validate_torsion.auth_asym_id    A 
_pdbx_validate_torsion.auth_seq_id     94 
_pdbx_validate_torsion.PDB_ins_code    ? 
_pdbx_validate_torsion.label_alt_id    ? 
_pdbx_validate_torsion.phi             -119.45 
_pdbx_validate_torsion.psi             65.88 
# 
loop_
_pdbx_unobs_or_zero_occ_residues.id 
_pdbx_unobs_or_zero_occ_residues.PDB_model_num 
_pdbx_unobs_or_zero_occ_residues.polymer_flag 
_pdbx_unobs_or_zero_occ_residues.occupancy_flag 
_pdbx_unobs_or_zero_occ_residues.auth_asym_id 
_pdbx_unobs_or_zero_occ_residues.auth_comp_id 
_pdbx_unobs_or_zero_occ_residues.auth_seq_id 
_pdbx_unobs_or_zero_occ_residues.PDB_ins_code 
_pdbx_unobs_or_zero_occ_residues.label_asym_id 
_pdbx_unobs_or_zero_occ_residues.label_comp_id 
_pdbx_unobs_or_zero_occ_residues.label_seq_id 
1 1 Y 1 A MET 28  ? A MET 1   
2 1 Y 1 A LYS 29  ? A LYS 2   
3 1 Y 1 A LYS 30  ? A LYS 3   
4 1 Y 1 A GLY 31  ? A GLY 4   
5 1 Y 1 A HIS 32  ? A HIS 5   
6 1 Y 1 A THR 166 ? A THR 139 
7 1 Y 1 A GLU 167 ? A GLU 140 
8 1 Y 1 A GLU 168 ? A GLU 141 
# 
loop_
_chem_comp_atom.comp_id 
_chem_comp_atom.atom_id 
_chem_comp_atom.type_symbol 
_chem_comp_atom.pdbx_aromatic_flag 
_chem_comp_atom.pdbx_stereo_config 
_chem_comp_atom.pdbx_ordinal 
8PX CAY  C  N N 1   
8PX OAI  O  N N 2   
8PX CAD  C  Y N 3   
8PX CAE  C  Y N 4   
8PX CAF  C  Y N 5   
8PX OAG  O  Y N 6   
8PX NAL  N  Y N 7   
8PX CAJ  C  Y N 8   
8PX CAK  C  N N 9   
8PX CAA  C  Y N 10  
8PX CAB  C  Y N 11  
8PX CAC  C  Y N 12  
8PX NAH  N  N N 13  
8PX SAM  S  N N 14  
8PX OAN  O  N N 15  
8PX OAO  O  N N 16  
8PX CAP  C  Y N 17  
8PX CAU  C  Y N 18  
8PX CAT  C  Y N 19  
8PX BRAX BR N N 20  
8PX CAS  C  Y N 21  
8PX CAR  C  Y N 22  
8PX CAQ  C  Y N 23  
8PX OAV  O  N N 24  
8PX CAW  C  N N 25  
8PX H1   H  N N 26  
8PX H2   H  N N 27  
8PX H3   H  N N 28  
8PX H4   H  N N 29  
8PX H5   H  N N 30  
8PX H6   H  N N 31  
8PX H7   H  N N 32  
8PX H8   H  N N 33  
8PX H9   H  N N 34  
8PX H10  H  N N 35  
8PX H11  H  N N 36  
8PX H12  H  N N 37  
8PX H13  H  N N 38  
8PX H14  H  N N 39  
8PX H15  H  N N 40  
ALA N    N  N N 41  
ALA CA   C  N S 42  
ALA C    C  N N 43  
ALA O    O  N N 44  
ALA CB   C  N N 45  
ALA OXT  O  N N 46  
ALA H    H  N N 47  
ALA H2   H  N N 48  
ALA HA   H  N N 49  
ALA HB1  H  N N 50  
ALA HB2  H  N N 51  
ALA HB3  H  N N 52  
ALA HXT  H  N N 53  
ARG N    N  N N 54  
ARG CA   C  N S 55  
ARG C    C  N N 56  
ARG O    O  N N 57  
ARG CB   C  N N 58  
ARG CG   C  N N 59  
ARG CD   C  N N 60  
ARG NE   N  N N 61  
ARG CZ   C  N N 62  
ARG NH1  N  N N 63  
ARG NH2  N  N N 64  
ARG OXT  O  N N 65  
ARG H    H  N N 66  
ARG H2   H  N N 67  
ARG HA   H  N N 68  
ARG HB2  H  N N 69  
ARG HB3  H  N N 70  
ARG HG2  H  N N 71  
ARG HG3  H  N N 72  
ARG HD2  H  N N 73  
ARG HD3  H  N N 74  
ARG HE   H  N N 75  
ARG HH11 H  N N 76  
ARG HH12 H  N N 77  
ARG HH21 H  N N 78  
ARG HH22 H  N N 79  
ARG HXT  H  N N 80  
ASN N    N  N N 81  
ASN CA   C  N S 82  
ASN C    C  N N 83  
ASN O    O  N N 84  
ASN CB   C  N N 85  
ASN CG   C  N N 86  
ASN OD1  O  N N 87  
ASN ND2  N  N N 88  
ASN OXT  O  N N 89  
ASN H    H  N N 90  
ASN H2   H  N N 91  
ASN HA   H  N N 92  
ASN HB2  H  N N 93  
ASN HB3  H  N N 94  
ASN HD21 H  N N 95  
ASN HD22 H  N N 96  
ASN HXT  H  N N 97  
ASP N    N  N N 98  
ASP CA   C  N S 99  
ASP C    C  N N 100 
ASP O    O  N N 101 
ASP CB   C  N N 102 
ASP CG   C  N N 103 
ASP OD1  O  N N 104 
ASP OD2  O  N N 105 
ASP OXT  O  N N 106 
ASP H    H  N N 107 
ASP H2   H  N N 108 
ASP HA   H  N N 109 
ASP HB2  H  N N 110 
ASP HB3  H  N N 111 
ASP HD2  H  N N 112 
ASP HXT  H  N N 113 
CYS N    N  N N 114 
CYS CA   C  N R 115 
CYS C    C  N N 116 
CYS O    O  N N 117 
CYS CB   C  N N 118 
CYS SG   S  N N 119 
CYS OXT  O  N N 120 
CYS H    H  N N 121 
CYS H2   H  N N 122 
CYS HA   H  N N 123 
CYS HB2  H  N N 124 
CYS HB3  H  N N 125 
CYS HG   H  N N 126 
CYS HXT  H  N N 127 
EDO C1   C  N N 128 
EDO O1   O  N N 129 
EDO C2   C  N N 130 
EDO O2   O  N N 131 
EDO H11  H  N N 132 
EDO H12  H  N N 133 
EDO HO1  H  N N 134 
EDO H21  H  N N 135 
EDO H22  H  N N 136 
EDO HO2  H  N N 137 
GLN N    N  N N 138 
GLN CA   C  N S 139 
GLN C    C  N N 140 
GLN O    O  N N 141 
GLN CB   C  N N 142 
GLN CG   C  N N 143 
GLN CD   C  N N 144 
GLN OE1  O  N N 145 
GLN NE2  N  N N 146 
GLN OXT  O  N N 147 
GLN H    H  N N 148 
GLN H2   H  N N 149 
GLN HA   H  N N 150 
GLN HB2  H  N N 151 
GLN HB3  H  N N 152 
GLN HG2  H  N N 153 
GLN HG3  H  N N 154 
GLN HE21 H  N N 155 
GLN HE22 H  N N 156 
GLN HXT  H  N N 157 
GLU N    N  N N 158 
GLU CA   C  N S 159 
GLU C    C  N N 160 
GLU O    O  N N 161 
GLU CB   C  N N 162 
GLU CG   C  N N 163 
GLU CD   C  N N 164 
GLU OE1  O  N N 165 
GLU OE2  O  N N 166 
GLU OXT  O  N N 167 
GLU H    H  N N 168 
GLU H2   H  N N 169 
GLU HA   H  N N 170 
GLU HB2  H  N N 171 
GLU HB3  H  N N 172 
GLU HG2  H  N N 173 
GLU HG3  H  N N 174 
GLU HE2  H  N N 175 
GLU HXT  H  N N 176 
GLY N    N  N N 177 
GLY CA   C  N N 178 
GLY C    C  N N 179 
GLY O    O  N N 180 
GLY OXT  O  N N 181 
GLY H    H  N N 182 
GLY H2   H  N N 183 
GLY HA2  H  N N 184 
GLY HA3  H  N N 185 
GLY HXT  H  N N 186 
HIS N    N  N N 187 
HIS CA   C  N S 188 
HIS C    C  N N 189 
HIS O    O  N N 190 
HIS CB   C  N N 191 
HIS CG   C  Y N 192 
HIS ND1  N  Y N 193 
HIS CD2  C  Y N 194 
HIS CE1  C  Y N 195 
HIS NE2  N  Y N 196 
HIS OXT  O  N N 197 
HIS H    H  N N 198 
HIS H2   H  N N 199 
HIS HA   H  N N 200 
HIS HB2  H  N N 201 
HIS HB3  H  N N 202 
HIS HD1  H  N N 203 
HIS HD2  H  N N 204 
HIS HE1  H  N N 205 
HIS HE2  H  N N 206 
HIS HXT  H  N N 207 
HOH O    O  N N 208 
HOH H1   H  N N 209 
HOH H2   H  N N 210 
ILE N    N  N N 211 
ILE CA   C  N S 212 
ILE C    C  N N 213 
ILE O    O  N N 214 
ILE CB   C  N S 215 
ILE CG1  C  N N 216 
ILE CG2  C  N N 217 
ILE CD1  C  N N 218 
ILE OXT  O  N N 219 
ILE H    H  N N 220 
ILE H2   H  N N 221 
ILE HA   H  N N 222 
ILE HB   H  N N 223 
ILE HG12 H  N N 224 
ILE HG13 H  N N 225 
ILE HG21 H  N N 226 
ILE HG22 H  N N 227 
ILE HG23 H  N N 228 
ILE HD11 H  N N 229 
ILE HD12 H  N N 230 
ILE HD13 H  N N 231 
ILE HXT  H  N N 232 
LEU N    N  N N 233 
LEU CA   C  N S 234 
LEU C    C  N N 235 
LEU O    O  N N 236 
LEU CB   C  N N 237 
LEU CG   C  N N 238 
LEU CD1  C  N N 239 
LEU CD2  C  N N 240 
LEU OXT  O  N N 241 
LEU H    H  N N 242 
LEU H2   H  N N 243 
LEU HA   H  N N 244 
LEU HB2  H  N N 245 
LEU HB3  H  N N 246 
LEU HG   H  N N 247 
LEU HD11 H  N N 248 
LEU HD12 H  N N 249 
LEU HD13 H  N N 250 
LEU HD21 H  N N 251 
LEU HD22 H  N N 252 
LEU HD23 H  N N 253 
LEU HXT  H  N N 254 
LYS N    N  N N 255 
LYS CA   C  N S 256 
LYS C    C  N N 257 
LYS O    O  N N 258 
LYS CB   C  N N 259 
LYS CG   C  N N 260 
LYS CD   C  N N 261 
LYS CE   C  N N 262 
LYS NZ   N  N N 263 
LYS OXT  O  N N 264 
LYS H    H  N N 265 
LYS H2   H  N N 266 
LYS HA   H  N N 267 
LYS HB2  H  N N 268 
LYS HB3  H  N N 269 
LYS HG2  H  N N 270 
LYS HG3  H  N N 271 
LYS HD2  H  N N 272 
LYS HD3  H  N N 273 
LYS HE2  H  N N 274 
LYS HE3  H  N N 275 
LYS HZ1  H  N N 276 
LYS HZ2  H  N N 277 
LYS HZ3  H  N N 278 
LYS HXT  H  N N 279 
MET N    N  N N 280 
MET CA   C  N S 281 
MET C    C  N N 282 
MET O    O  N N 283 
MET CB   C  N N 284 
MET CG   C  N N 285 
MET SD   S  N N 286 
MET CE   C  N N 287 
MET OXT  O  N N 288 
MET H    H  N N 289 
MET H2   H  N N 290 
MET HA   H  N N 291 
MET HB2  H  N N 292 
MET HB3  H  N N 293 
MET HG2  H  N N 294 
MET HG3  H  N N 295 
MET HE1  H  N N 296 
MET HE2  H  N N 297 
MET HE3  H  N N 298 
MET HXT  H  N N 299 
NO3 N    N  N N 300 
NO3 O1   O  N N 301 
NO3 O2   O  N N 302 
NO3 O3   O  N N 303 
PHE N    N  N N 304 
PHE CA   C  N S 305 
PHE C    C  N N 306 
PHE O    O  N N 307 
PHE CB   C  N N 308 
PHE CG   C  Y N 309 
PHE CD1  C  Y N 310 
PHE CD2  C  Y N 311 
PHE CE1  C  Y N 312 
PHE CE2  C  Y N 313 
PHE CZ   C  Y N 314 
PHE OXT  O  N N 315 
PHE H    H  N N 316 
PHE H2   H  N N 317 
PHE HA   H  N N 318 
PHE HB2  H  N N 319 
PHE HB3  H  N N 320 
PHE HD1  H  N N 321 
PHE HD2  H  N N 322 
PHE HE1  H  N N 323 
PHE HE2  H  N N 324 
PHE HZ   H  N N 325 
PHE HXT  H  N N 326 
PRO N    N  N N 327 
PRO CA   C  N S 328 
PRO C    C  N N 329 
PRO O    O  N N 330 
PRO CB   C  N N 331 
PRO CG   C  N N 332 
PRO CD   C  N N 333 
PRO OXT  O  N N 334 
PRO H    H  N N 335 
PRO HA   H  N N 336 
PRO HB2  H  N N 337 
PRO HB3  H  N N 338 
PRO HG2  H  N N 339 
PRO HG3  H  N N 340 
PRO HD2  H  N N 341 
PRO HD3  H  N N 342 
PRO HXT  H  N N 343 
SER N    N  N N 344 
SER CA   C  N S 345 
SER C    C  N N 346 
SER O    O  N N 347 
SER CB   C  N N 348 
SER OG   O  N N 349 
SER OXT  O  N N 350 
SER H    H  N N 351 
SER H2   H  N N 352 
SER HA   H  N N 353 
SER HB2  H  N N 354 
SER HB3  H  N N 355 
SER HG   H  N N 356 
SER HXT  H  N N 357 
THR N    N  N N 358 
THR CA   C  N S 359 
THR C    C  N N 360 
THR O    O  N N 361 
THR CB   C  N R 362 
THR OG1  O  N N 363 
THR CG2  C  N N 364 
THR OXT  O  N N 365 
THR H    H  N N 366 
THR H2   H  N N 367 
THR HA   H  N N 368 
THR HB   H  N N 369 
THR HG1  H  N N 370 
THR HG21 H  N N 371 
THR HG22 H  N N 372 
THR HG23 H  N N 373 
THR HXT  H  N N 374 
TRP N    N  N N 375 
TRP CA   C  N S 376 
TRP C    C  N N 377 
TRP O    O  N N 378 
TRP CB   C  N N 379 
TRP CG   C  Y N 380 
TRP CD1  C  Y N 381 
TRP CD2  C  Y N 382 
TRP NE1  N  Y N 383 
TRP CE2  C  Y N 384 
TRP CE3  C  Y N 385 
TRP CZ2  C  Y N 386 
TRP CZ3  C  Y N 387 
TRP CH2  C  Y N 388 
TRP OXT  O  N N 389 
TRP H    H  N N 390 
TRP H2   H  N N 391 
TRP HA   H  N N 392 
TRP HB2  H  N N 393 
TRP HB3  H  N N 394 
TRP HD1  H  N N 395 
TRP HE1  H  N N 396 
TRP HE3  H  N N 397 
TRP HZ2  H  N N 398 
TRP HZ3  H  N N 399 
TRP HH2  H  N N 400 
TRP HXT  H  N N 401 
TYR N    N  N N 402 
TYR CA   C  N S 403 
TYR C    C  N N 404 
TYR O    O  N N 405 
TYR CB   C  N N 406 
TYR CG   C  Y N 407 
TYR CD1  C  Y N 408 
TYR CD2  C  Y N 409 
TYR CE1  C  Y N 410 
TYR CE2  C  Y N 411 
TYR CZ   C  Y N 412 
TYR OH   O  N N 413 
TYR OXT  O  N N 414 
TYR H    H  N N 415 
TYR H2   H  N N 416 
TYR HA   H  N N 417 
TYR HB2  H  N N 418 
TYR HB3  H  N N 419 
TYR HD1  H  N N 420 
TYR HD2  H  N N 421 
TYR HE1  H  N N 422 
TYR HE2  H  N N 423 
TYR HH   H  N N 424 
TYR HXT  H  N N 425 
VAL N    N  N N 426 
VAL CA   C  N S 427 
VAL C    C  N N 428 
VAL O    O  N N 429 
VAL CB   C  N N 430 
VAL CG1  C  N N 431 
VAL CG2  C  N N 432 
VAL OXT  O  N N 433 
VAL H    H  N N 434 
VAL H2   H  N N 435 
VAL HA   H  N N 436 
VAL HB   H  N N 437 
VAL HG11 H  N N 438 
VAL HG12 H  N N 439 
VAL HG13 H  N N 440 
VAL HG21 H  N N 441 
VAL HG22 H  N N 442 
VAL HG23 H  N N 443 
VAL HXT  H  N N 444 
# 
loop_
_chem_comp_bond.comp_id 
_chem_comp_bond.atom_id_1 
_chem_comp_bond.atom_id_2 
_chem_comp_bond.value_order 
_chem_comp_bond.pdbx_aromatic_flag 
_chem_comp_bond.pdbx_stereo_config 
_chem_comp_bond.pdbx_ordinal 
8PX CAK CAJ  sing N N 1   
8PX CAJ NAL  doub Y N 2   
8PX CAJ CAA  sing Y N 3   
8PX NAL OAG  sing Y N 4   
8PX CAA CAB  doub Y N 5   
8PX CAA CAF  sing Y N 6   
8PX OAG CAF  sing Y N 7   
8PX CAB CAC  sing Y N 8   
8PX CAF CAE  doub Y N 9   
8PX OAN SAM  doub N N 10  
8PX CAC NAH  sing N N 11  
8PX CAC CAD  doub Y N 12  
8PX CAE CAD  sing Y N 13  
8PX NAH SAM  sing N N 14  
8PX CAD OAI  sing N N 15  
8PX SAM OAO  doub N N 16  
8PX SAM CAP  sing N N 17  
8PX OAI CAY  sing N N 18  
8PX CAP CAU  sing Y N 19  
8PX CAP CAQ  doub Y N 20  
8PX CAU CAT  doub Y N 21  
8PX OAV CAQ  sing N N 22  
8PX OAV CAW  sing N N 23  
8PX CAQ CAR  sing Y N 24  
8PX CAT BRAX sing N N 25  
8PX CAT CAS  sing Y N 26  
8PX CAR CAS  doub Y N 27  
8PX CAY H1   sing N N 28  
8PX CAY H2   sing N N 29  
8PX CAY H3   sing N N 30  
8PX CAE H4   sing N N 31  
8PX CAK H5   sing N N 32  
8PX CAK H6   sing N N 33  
8PX CAK H7   sing N N 34  
8PX CAB H8   sing N N 35  
8PX NAH H9   sing N N 36  
8PX CAU H10  sing N N 37  
8PX CAS H11  sing N N 38  
8PX CAR H12  sing N N 39  
8PX CAW H13  sing N N 40  
8PX CAW H14  sing N N 41  
8PX CAW H15  sing N N 42  
ALA N   CA   sing N N 43  
ALA N   H    sing N N 44  
ALA N   H2   sing N N 45  
ALA CA  C    sing N N 46  
ALA CA  CB   sing N N 47  
ALA CA  HA   sing N N 48  
ALA C   O    doub N N 49  
ALA C   OXT  sing N N 50  
ALA CB  HB1  sing N N 51  
ALA CB  HB2  sing N N 52  
ALA CB  HB3  sing N N 53  
ALA OXT HXT  sing N N 54  
ARG N   CA   sing N N 55  
ARG N   H    sing N N 56  
ARG N   H2   sing N N 57  
ARG CA  C    sing N N 58  
ARG CA  CB   sing N N 59  
ARG CA  HA   sing N N 60  
ARG C   O    doub N N 61  
ARG C   OXT  sing N N 62  
ARG CB  CG   sing N N 63  
ARG CB  HB2  sing N N 64  
ARG CB  HB3  sing N N 65  
ARG CG  CD   sing N N 66  
ARG CG  HG2  sing N N 67  
ARG CG  HG3  sing N N 68  
ARG CD  NE   sing N N 69  
ARG CD  HD2  sing N N 70  
ARG CD  HD3  sing N N 71  
ARG NE  CZ   sing N N 72  
ARG NE  HE   sing N N 73  
ARG CZ  NH1  sing N N 74  
ARG CZ  NH2  doub N N 75  
ARG NH1 HH11 sing N N 76  
ARG NH1 HH12 sing N N 77  
ARG NH2 HH21 sing N N 78  
ARG NH2 HH22 sing N N 79  
ARG OXT HXT  sing N N 80  
ASN N   CA   sing N N 81  
ASN N   H    sing N N 82  
ASN N   H2   sing N N 83  
ASN CA  C    sing N N 84  
ASN CA  CB   sing N N 85  
ASN CA  HA   sing N N 86  
ASN C   O    doub N N 87  
ASN C   OXT  sing N N 88  
ASN CB  CG   sing N N 89  
ASN CB  HB2  sing N N 90  
ASN CB  HB3  sing N N 91  
ASN CG  OD1  doub N N 92  
ASN CG  ND2  sing N N 93  
ASN ND2 HD21 sing N N 94  
ASN ND2 HD22 sing N N 95  
ASN OXT HXT  sing N N 96  
ASP N   CA   sing N N 97  
ASP N   H    sing N N 98  
ASP N   H2   sing N N 99  
ASP CA  C    sing N N 100 
ASP CA  CB   sing N N 101 
ASP CA  HA   sing N N 102 
ASP C   O    doub N N 103 
ASP C   OXT  sing N N 104 
ASP CB  CG   sing N N 105 
ASP CB  HB2  sing N N 106 
ASP CB  HB3  sing N N 107 
ASP CG  OD1  doub N N 108 
ASP CG  OD2  sing N N 109 
ASP OD2 HD2  sing N N 110 
ASP OXT HXT  sing N N 111 
CYS N   CA   sing N N 112 
CYS N   H    sing N N 113 
CYS N   H2   sing N N 114 
CYS CA  C    sing N N 115 
CYS CA  CB   sing N N 116 
CYS CA  HA   sing N N 117 
CYS C   O    doub N N 118 
CYS C   OXT  sing N N 119 
CYS CB  SG   sing N N 120 
CYS CB  HB2  sing N N 121 
CYS CB  HB3  sing N N 122 
CYS SG  HG   sing N N 123 
CYS OXT HXT  sing N N 124 
EDO C1  O1   sing N N 125 
EDO C1  C2   sing N N 126 
EDO C1  H11  sing N N 127 
EDO C1  H12  sing N N 128 
EDO O1  HO1  sing N N 129 
EDO C2  O2   sing N N 130 
EDO C2  H21  sing N N 131 
EDO C2  H22  sing N N 132 
EDO O2  HO2  sing N N 133 
GLN N   CA   sing N N 134 
GLN N   H    sing N N 135 
GLN N   H2   sing N N 136 
GLN CA  C    sing N N 137 
GLN CA  CB   sing N N 138 
GLN CA  HA   sing N N 139 
GLN C   O    doub N N 140 
GLN C   OXT  sing N N 141 
GLN CB  CG   sing N N 142 
GLN CB  HB2  sing N N 143 
GLN CB  HB3  sing N N 144 
GLN CG  CD   sing N N 145 
GLN CG  HG2  sing N N 146 
GLN CG  HG3  sing N N 147 
GLN CD  OE1  doub N N 148 
GLN CD  NE2  sing N N 149 
GLN NE2 HE21 sing N N 150 
GLN NE2 HE22 sing N N 151 
GLN OXT HXT  sing N N 152 
GLU N   CA   sing N N 153 
GLU N   H    sing N N 154 
GLU N   H2   sing N N 155 
GLU CA  C    sing N N 156 
GLU CA  CB   sing N N 157 
GLU CA  HA   sing N N 158 
GLU C   O    doub N N 159 
GLU C   OXT  sing N N 160 
GLU CB  CG   sing N N 161 
GLU CB  HB2  sing N N 162 
GLU CB  HB3  sing N N 163 
GLU CG  CD   sing N N 164 
GLU CG  HG2  sing N N 165 
GLU CG  HG3  sing N N 166 
GLU CD  OE1  doub N N 167 
GLU CD  OE2  sing N N 168 
GLU OE2 HE2  sing N N 169 
GLU OXT HXT  sing N N 170 
GLY N   CA   sing N N 171 
GLY N   H    sing N N 172 
GLY N   H2   sing N N 173 
GLY CA  C    sing N N 174 
GLY CA  HA2  sing N N 175 
GLY CA  HA3  sing N N 176 
GLY C   O    doub N N 177 
GLY C   OXT  sing N N 178 
GLY OXT HXT  sing N N 179 
HIS N   CA   sing N N 180 
HIS N   H    sing N N 181 
HIS N   H2   sing N N 182 
HIS CA  C    sing N N 183 
HIS CA  CB   sing N N 184 
HIS CA  HA   sing N N 185 
HIS C   O    doub N N 186 
HIS C   OXT  sing N N 187 
HIS CB  CG   sing N N 188 
HIS CB  HB2  sing N N 189 
HIS CB  HB3  sing N N 190 
HIS CG  ND1  sing Y N 191 
HIS CG  CD2  doub Y N 192 
HIS ND1 CE1  doub Y N 193 
HIS ND1 HD1  sing N N 194 
HIS CD2 NE2  sing Y N 195 
HIS CD2 HD2  sing N N 196 
HIS CE1 NE2  sing Y N 197 
HIS CE1 HE1  sing N N 198 
HIS NE2 HE2  sing N N 199 
HIS OXT HXT  sing N N 200 
HOH O   H1   sing N N 201 
HOH O   H2   sing N N 202 
ILE N   CA   sing N N 203 
ILE N   H    sing N N 204 
ILE N   H2   sing N N 205 
ILE CA  C    sing N N 206 
ILE CA  CB   sing N N 207 
ILE CA  HA   sing N N 208 
ILE C   O    doub N N 209 
ILE C   OXT  sing N N 210 
ILE CB  CG1  sing N N 211 
ILE CB  CG2  sing N N 212 
ILE CB  HB   sing N N 213 
ILE CG1 CD1  sing N N 214 
ILE CG1 HG12 sing N N 215 
ILE CG1 HG13 sing N N 216 
ILE CG2 HG21 sing N N 217 
ILE CG2 HG22 sing N N 218 
ILE CG2 HG23 sing N N 219 
ILE CD1 HD11 sing N N 220 
ILE CD1 HD12 sing N N 221 
ILE CD1 HD13 sing N N 222 
ILE OXT HXT  sing N N 223 
LEU N   CA   sing N N 224 
LEU N   H    sing N N 225 
LEU N   H2   sing N N 226 
LEU CA  C    sing N N 227 
LEU CA  CB   sing N N 228 
LEU CA  HA   sing N N 229 
LEU C   O    doub N N 230 
LEU C   OXT  sing N N 231 
LEU CB  CG   sing N N 232 
LEU CB  HB2  sing N N 233 
LEU CB  HB3  sing N N 234 
LEU CG  CD1  sing N N 235 
LEU CG  CD2  sing N N 236 
LEU CG  HG   sing N N 237 
LEU CD1 HD11 sing N N 238 
LEU CD1 HD12 sing N N 239 
LEU CD1 HD13 sing N N 240 
LEU CD2 HD21 sing N N 241 
LEU CD2 HD22 sing N N 242 
LEU CD2 HD23 sing N N 243 
LEU OXT HXT  sing N N 244 
LYS N   CA   sing N N 245 
LYS N   H    sing N N 246 
LYS N   H2   sing N N 247 
LYS CA  C    sing N N 248 
LYS CA  CB   sing N N 249 
LYS CA  HA   sing N N 250 
LYS C   O    doub N N 251 
LYS C   OXT  sing N N 252 
LYS CB  CG   sing N N 253 
LYS CB  HB2  sing N N 254 
LYS CB  HB3  sing N N 255 
LYS CG  CD   sing N N 256 
LYS CG  HG2  sing N N 257 
LYS CG  HG3  sing N N 258 
LYS CD  CE   sing N N 259 
LYS CD  HD2  sing N N 260 
LYS CD  HD3  sing N N 261 
LYS CE  NZ   sing N N 262 
LYS CE  HE2  sing N N 263 
LYS CE  HE3  sing N N 264 
LYS NZ  HZ1  sing N N 265 
LYS NZ  HZ2  sing N N 266 
LYS NZ  HZ3  sing N N 267 
LYS OXT HXT  sing N N 268 
MET N   CA   sing N N 269 
MET N   H    sing N N 270 
MET N   H2   sing N N 271 
MET CA  C    sing N N 272 
MET CA  CB   sing N N 273 
MET CA  HA   sing N N 274 
MET C   O    doub N N 275 
MET C   OXT  sing N N 276 
MET CB  CG   sing N N 277 
MET CB  HB2  sing N N 278 
MET CB  HB3  sing N N 279 
MET CG  SD   sing N N 280 
MET CG  HG2  sing N N 281 
MET CG  HG3  sing N N 282 
MET SD  CE   sing N N 283 
MET CE  HE1  sing N N 284 
MET CE  HE2  sing N N 285 
MET CE  HE3  sing N N 286 
MET OXT HXT  sing N N 287 
NO3 N   O1   doub N N 288 
NO3 N   O2   sing N N 289 
NO3 N   O3   sing N N 290 
PHE N   CA   sing N N 291 
PHE N   H    sing N N 292 
PHE N   H2   sing N N 293 
PHE CA  C    sing N N 294 
PHE CA  CB   sing N N 295 
PHE CA  HA   sing N N 296 
PHE C   O    doub N N 297 
PHE C   OXT  sing N N 298 
PHE CB  CG   sing N N 299 
PHE CB  HB2  sing N N 300 
PHE CB  HB3  sing N N 301 
PHE CG  CD1  doub Y N 302 
PHE CG  CD2  sing Y N 303 
PHE CD1 CE1  sing Y N 304 
PHE CD1 HD1  sing N N 305 
PHE CD2 CE2  doub Y N 306 
PHE CD2 HD2  sing N N 307 
PHE CE1 CZ   doub Y N 308 
PHE CE1 HE1  sing N N 309 
PHE CE2 CZ   sing Y N 310 
PHE CE2 HE2  sing N N 311 
PHE CZ  HZ   sing N N 312 
PHE OXT HXT  sing N N 313 
PRO N   CA   sing N N 314 
PRO N   CD   sing N N 315 
PRO N   H    sing N N 316 
PRO CA  C    sing N N 317 
PRO CA  CB   sing N N 318 
PRO CA  HA   sing N N 319 
PRO C   O    doub N N 320 
PRO C   OXT  sing N N 321 
PRO CB  CG   sing N N 322 
PRO CB  HB2  sing N N 323 
PRO CB  HB3  sing N N 324 
PRO CG  CD   sing N N 325 
PRO CG  HG2  sing N N 326 
PRO CG  HG3  sing N N 327 
PRO CD  HD2  sing N N 328 
PRO CD  HD3  sing N N 329 
PRO OXT HXT  sing N N 330 
SER N   CA   sing N N 331 
SER N   H    sing N N 332 
SER N   H2   sing N N 333 
SER CA  C    sing N N 334 
SER CA  CB   sing N N 335 
SER CA  HA   sing N N 336 
SER C   O    doub N N 337 
SER C   OXT  sing N N 338 
SER CB  OG   sing N N 339 
SER CB  HB2  sing N N 340 
SER CB  HB3  sing N N 341 
SER OG  HG   sing N N 342 
SER OXT HXT  sing N N 343 
THR N   CA   sing N N 344 
THR N   H    sing N N 345 
THR N   H2   sing N N 346 
THR CA  C    sing N N 347 
THR CA  CB   sing N N 348 
THR CA  HA   sing N N 349 
THR C   O    doub N N 350 
THR C   OXT  sing N N 351 
THR CB  OG1  sing N N 352 
THR CB  CG2  sing N N 353 
THR CB  HB   sing N N 354 
THR OG1 HG1  sing N N 355 
THR CG2 HG21 sing N N 356 
THR CG2 HG22 sing N N 357 
THR CG2 HG23 sing N N 358 
THR OXT HXT  sing N N 359 
TRP N   CA   sing N N 360 
TRP N   H    sing N N 361 
TRP N   H2   sing N N 362 
TRP CA  C    sing N N 363 
TRP CA  CB   sing N N 364 
TRP CA  HA   sing N N 365 
TRP C   O    doub N N 366 
TRP C   OXT  sing N N 367 
TRP CB  CG   sing N N 368 
TRP CB  HB2  sing N N 369 
TRP CB  HB3  sing N N 370 
TRP CG  CD1  doub Y N 371 
TRP CG  CD2  sing Y N 372 
TRP CD1 NE1  sing Y N 373 
TRP CD1 HD1  sing N N 374 
TRP CD2 CE2  doub Y N 375 
TRP CD2 CE3  sing Y N 376 
TRP NE1 CE2  sing Y N 377 
TRP NE1 HE1  sing N N 378 
TRP CE2 CZ2  sing Y N 379 
TRP CE3 CZ3  doub Y N 380 
TRP CE3 HE3  sing N N 381 
TRP CZ2 CH2  doub Y N 382 
TRP CZ2 HZ2  sing N N 383 
TRP CZ3 CH2  sing Y N 384 
TRP CZ3 HZ3  sing N N 385 
TRP CH2 HH2  sing N N 386 
TRP OXT HXT  sing N N 387 
TYR N   CA   sing N N 388 
TYR N   H    sing N N 389 
TYR N   H2   sing N N 390 
TYR CA  C    sing N N 391 
TYR CA  CB   sing N N 392 
TYR CA  HA   sing N N 393 
TYR C   O    doub N N 394 
TYR C   OXT  sing N N 395 
TYR CB  CG   sing N N 396 
TYR CB  HB2  sing N N 397 
TYR CB  HB3  sing N N 398 
TYR CG  CD1  doub Y N 399 
TYR CG  CD2  sing Y N 400 
TYR CD1 CE1  sing Y N 401 
TYR CD1 HD1  sing N N 402 
TYR CD2 CE2  doub Y N 403 
TYR CD2 HD2  sing N N 404 
TYR CE1 CZ   doub Y N 405 
TYR CE1 HE1  sing N N 406 
TYR CE2 CZ   sing Y N 407 
TYR CE2 HE2  sing N N 408 
TYR CZ  OH   sing N N 409 
TYR OH  HH   sing N N 410 
TYR OXT HXT  sing N N 411 
VAL N   CA   sing N N 412 
VAL N   H    sing N N 413 
VAL N   H2   sing N N 414 
VAL CA  C    sing N N 415 
VAL CA  CB   sing N N 416 
VAL CA  HA   sing N N 417 
VAL C   O    doub N N 418 
VAL C   OXT  sing N N 419 
VAL CB  CG1  sing N N 420 
VAL CB  CG2  sing N N 421 
VAL CB  HB   sing N N 422 
VAL CG1 HG11 sing N N 423 
VAL CG1 HG12 sing N N 424 
VAL CG1 HG13 sing N N 425 
VAL CG2 HG21 sing N N 426 
VAL CG2 HG22 sing N N 427 
VAL CG2 HG23 sing N N 428 
VAL OXT HXT  sing N N 429 
# 
_pdbx_entity_instance_feature.ordinal        1 
_pdbx_entity_instance_feature.comp_id        8PX 
_pdbx_entity_instance_feature.asym_id        ? 
_pdbx_entity_instance_feature.seq_num        ? 
_pdbx_entity_instance_feature.auth_comp_id   8PX 
_pdbx_entity_instance_feature.auth_asym_id   ? 
_pdbx_entity_instance_feature.auth_seq_num   ? 
_pdbx_entity_instance_feature.feature_type   'SUBJECT OF INVESTIGATION' 
_pdbx_entity_instance_feature.details        ? 
# 
_atom_sites.entry_id                    5Y8Y 
_atom_sites.fract_transf_matrix[1][1]   -0.01351563 
_atom_sites.fract_transf_matrix[1][2]   0.00716362 
_atom_sites.fract_transf_matrix[1][3]   -0.02450211 
_atom_sites.fract_transf_matrix[2][1]   -0.01076011 
_atom_sites.fract_transf_matrix[2][2]   -0.01822492 
_atom_sites.fract_transf_matrix[2][3]   0.00060702 
_atom_sites.fract_transf_matrix[3][1]   -0.00920940 
_atom_sites.fract_transf_matrix[3][2]   0.00566162 
_atom_sites.fract_transf_matrix[3][3]   0.00673528 
_atom_sites.fract_transf_vector[1]      0.338031 
_atom_sites.fract_transf_vector[2]      -0.008328 
_atom_sites.fract_transf_vector[3]      -0.105673 
# 
loop_
_atom_type.symbol 
BR 
C  
N  
O  
S  
# 
loop_
_atom_site.group_PDB 
_atom_site.id 
_atom_site.type_symbol 
_atom_site.label_atom_id 
_atom_site.label_alt_id 
_atom_site.label_comp_id 
_atom_site.label_asym_id 
_atom_site.label_entity_id 
_atom_site.label_seq_id 
_atom_site.pdbx_PDB_ins_code 
_atom_site.Cartn_x 
_atom_site.Cartn_y 
_atom_site.Cartn_z 
_atom_site.occupancy 
_atom_site.B_iso_or_equiv 
_atom_site.pdbx_formal_charge 
_atom_site.auth_seq_id 
_atom_site.auth_comp_id 
_atom_site.auth_asym_id 
_atom_site.auth_atom_id 
_atom_site.pdbx_PDB_model_num 
ATOM   1    N  N    . HIS A 1 6   ? -29.037 -32.133 -11.031 1.00 45.37 ? 33  HIS A N    1 
ATOM   2    C  CA   . HIS A 1 6   ? -27.554 -32.316 -11.045 1.00 45.62 ? 33  HIS A CA   1 
ATOM   3    C  C    . HIS A 1 6   ? -26.916 -31.909 -9.698  1.00 43.31 ? 33  HIS A C    1 
ATOM   4    O  O    . HIS A 1 6   ? -27.298 -30.902 -9.078  1.00 37.26 ? 33  HIS A O    1 
ATOM   5    C  CB   . HIS A 1 6   ? -26.948 -31.558 -12.217 1.00 49.28 ? 33  HIS A CB   1 
ATOM   6    C  CG   . HIS A 1 6   ? -25.588 -32.032 -12.625 1.00 55.49 ? 33  HIS A CG   1 
ATOM   7    N  ND1  . HIS A 1 6   ? -24.726 -31.243 -13.358 1.00 55.95 ? 33  HIS A ND1  1 
ATOM   8    C  CD2  . HIS A 1 6   ? -24.938 -33.204 -12.414 1.00 59.63 ? 33  HIS A CD2  1 
ATOM   9    C  CE1  . HIS A 1 6   ? -23.599 -31.901 -13.565 1.00 62.12 ? 33  HIS A CE1  1 
ATOM   10   N  NE2  . HIS A 1 6   ? -23.703 -33.094 -13.003 1.00 60.58 ? 33  HIS A NE2  1 
ATOM   11   N  N    . HIS A 1 7   ? -25.934 -32.716 -9.277  1.00 39.77 ? 34  HIS A N    1 
ATOM   12   C  CA   . HIS A 1 7   ? -25.341 -32.659 -7.947  1.00 39.83 ? 34  HIS A CA   1 
ATOM   13   C  C    . HIS A 1 7   ? -24.058 -31.853 -7.912  1.00 38.71 ? 34  HIS A C    1 
ATOM   14   O  O    . HIS A 1 7   ? -23.344 -31.875 -6.911  1.00 36.50 ? 34  HIS A O    1 
ATOM   15   C  CB   . HIS A 1 7   ? -25.055 -34.074 -7.450  1.00 38.85 ? 34  HIS A CB   1 
ATOM   16   C  CG   . HIS A 1 7   ? -26.222 -35.004 -7.571  1.00 43.87 ? 34  HIS A CG   1 
ATOM   17   N  ND1  . HIS A 1 7   ? -27.460 -34.717 -7.039  1.00 46.73 ? 34  HIS A ND1  1 
ATOM   18   C  CD2  . HIS A 1 7   ? -26.339 -36.221 -8.158  1.00 45.41 ? 34  HIS A CD2  1 
ATOM   19   C  CE1  . HIS A 1 7   ? -28.291 -35.715 -7.292  1.00 49.97 ? 34  HIS A CE1  1 
ATOM   20   N  NE2  . HIS A 1 7   ? -27.636 -36.641 -7.967  1.00 48.79 ? 34  HIS A NE2  1 
ATOM   21   N  N    . HIS A 1 8   ? -23.741 -31.156 -9.006  1.00 40.88 ? 35  HIS A N    1 
ATOM   22   C  CA   . HIS A 1 8   ? -22.699 -30.136 -8.971  1.00 42.43 ? 35  HIS A CA   1 
ATOM   23   C  C    . HIS A 1 8   ? -23.343 -28.795 -8.546  1.00 41.15 ? 35  HIS A C    1 
ATOM   24   O  O    . HIS A 1 8   ? -24.112 -28.173 -9.306  1.00 38.76 ? 35  HIS A O    1 
ATOM   25   C  CB   . HIS A 1 8   ? -21.955 -30.011 -10.304 1.00 46.37 ? 35  HIS A CB   1 
ATOM   26   C  CG   . HIS A 1 8   ? -20.876 -28.971 -10.288 1.00 49.61 ? 35  HIS A CG   1 
ATOM   27   N  ND1  . HIS A 1 8   ? -20.042 -28.778 -9.207  1.00 50.65 ? 35  HIS A ND1  1 
ATOM   28   C  CD2  . HIS A 1 8   ? -20.509 -28.052 -11.211 1.00 56.61 ? 35  HIS A CD2  1 
ATOM   29   C  CE1  . HIS A 1 8   ? -19.203 -27.791 -9.465  1.00 52.72 ? 35  HIS A CE1  1 
ATOM   30   N  NE2  . HIS A 1 8   ? -19.469 -27.331 -10.675 1.00 58.77 ? 35  HIS A NE2  1 
ATOM   31   N  N    . HIS A 1 9   ? -23.025 -28.394 -7.313  1.00 34.88 ? 36  HIS A N    1 
ATOM   32   C  CA   . HIS A 1 9   ? -23.568 -27.188 -6.683  1.00 35.82 ? 36  HIS A CA   1 
ATOM   33   C  C    . HIS A 1 9   ? -22.569 -26.005 -6.637  1.00 33.18 ? 36  HIS A C    1 
ATOM   34   O  O    . HIS A 1 9   ? -22.905 -24.996 -6.053  1.00 29.18 ? 36  HIS A O    1 
ATOM   35   C  CB   . HIS A 1 9   ? -24.106 -27.522 -5.252  1.00 34.69 ? 36  HIS A CB   1 
ATOM   36   C  CG   . HIS A 1 9   ? -25.295 -28.449 -5.256  1.00 36.90 ? 36  HIS A CG   1 
ATOM   37   N  ND1  . HIS A 1 9   ? -25.823 -29.008 -4.105  1.00 40.74 ? 36  HIS A ND1  1 
ATOM   38   C  CD2  . HIS A 1 9   ? -26.046 -28.932 -6.280  1.00 37.50 ? 36  HIS A CD2  1 
ATOM   39   C  CE1  . HIS A 1 9   ? -26.855 -29.777 -4.419  1.00 34.84 ? 36  HIS A CE1  1 
ATOM   40   N  NE2  . HIS A 1 9   ? -27.024 -29.733 -5.729  1.00 34.19 ? 36  HIS A NE2  1 
ATOM   41   N  N    . HIS A 1 10  ? -21.379 -26.112 -7.259  1.00 31.15 ? 37  HIS A N    1 
ATOM   42   C  CA   . HIS A 1 10  ? -20.451 -24.944 -7.412  1.00 34.41 ? 37  HIS A CA   1 
ATOM   43   C  C    . HIS A 1 10  ? -19.883 -24.387 -6.097  1.00 34.12 ? 37  HIS A C    1 
ATOM   44   O  O    . HIS A 1 10  ? -19.533 -23.185 -5.989  1.00 30.82 ? 37  HIS A O    1 
ATOM   45   C  CB   . HIS A 1 10  ? -21.119 -23.793 -8.184  1.00 38.67 ? 37  HIS A CB   1 
ATOM   46   C  CG   . HIS A 1 10  ? -21.777 -24.231 -9.447  1.00 39.08 ? 37  HIS A CG   1 
ATOM   47   N  ND1  . HIS A 1 10  ? -21.110 -24.273 -10.653 1.00 41.99 ? 37  HIS A ND1  1 
ATOM   48   C  CD2  . HIS A 1 10  ? -23.040 -24.647 -9.692  1.00 41.79 ? 37  HIS A CD2  1 
ATOM   49   C  CE1  . HIS A 1 10  ? -21.932 -24.724 -11.584 1.00 45.75 ? 37  HIS A CE1  1 
ATOM   50   N  NE2  . HIS A 1 10  ? -23.113 -24.948 -11.028 1.00 46.59 ? 37  HIS A NE2  1 
ATOM   51   N  N    . LEU A 1 11  ? -19.731 -25.294 -5.127  1.00 28.66 ? 38  LEU A N    1 
ATOM   52   C  CA   . LEU A 1 11  ? -19.077 -24.984 -3.851  1.00 27.68 ? 38  LEU A CA   1 
ATOM   53   C  C    . LEU A 1 11  ? -17.542 -25.014 -3.995  1.00 26.97 ? 38  LEU A C    1 
ATOM   54   O  O    . LEU A 1 11  ? -16.838 -24.636 -3.076  1.00 27.20 ? 38  LEU A O    1 
ATOM   55   C  CB   . LEU A 1 11  ? -19.572 -25.987 -2.793  1.00 25.87 ? 38  LEU A CB   1 
ATOM   56   C  CG   . LEU A 1 11  ? -21.085 -25.948 -2.532  1.00 26.49 ? 38  LEU A CG   1 
ATOM   57   C  CD1  . LEU A 1 11  ? -21.588 -27.183 -1.774  1.00 27.06 ? 38  LEU A CD1  1 
ATOM   58   C  CD2  . LEU A 1 11  ? -21.457 -24.680 -1.793  1.00 28.18 ? 38  LEU A CD2  1 
ATOM   59   N  N    . VAL A 1 12  ? -17.041 -25.569 -5.114  1.00 26.56 ? 39  VAL A N    1 
ATOM   60   C  CA   . VAL A 1 12  ? -15.641 -25.411 -5.552  1.00 27.49 ? 39  VAL A CA   1 
ATOM   61   C  C    . VAL A 1 12  ? -15.700 -25.144 -7.085  1.00 27.90 ? 39  VAL A C    1 
ATOM   62   O  O    . VAL A 1 12  ? -16.724 -25.462 -7.691  1.00 28.51 ? 39  VAL A O    1 
ATOM   63   C  CB   . VAL A 1 12  ? -14.787 -26.682 -5.263  1.00 27.85 ? 39  VAL A CB   1 
ATOM   64   C  CG1  . VAL A 1 12  ? -14.390 -26.766 -3.797  1.00 27.33 ? 39  VAL A CG1  1 
ATOM   65   C  CG2  . VAL A 1 12  ? -15.531 -27.949 -5.669  1.00 27.80 ? 39  VAL A CG2  1 
ATOM   66   N  N    . PRO A 1 13  ? -14.671 -24.572 -7.714  1.00 28.62 ? 40  PRO A N    1 
ATOM   67   C  CA   . PRO A 1 13  ? -13.464 -24.016 -7.068  1.00 28.95 ? 40  PRO A CA   1 
ATOM   68   C  C    . PRO A 1 13  ? -13.731 -22.792 -6.140  1.00 30.42 ? 40  PRO A C    1 
ATOM   69   O  O    . PRO A 1 13  ? -14.809 -22.204 -6.184  1.00 28.17 ? 40  PRO A O    1 
ATOM   70   C  CB   . PRO A 1 13  ? -12.612 -23.626 -8.246  1.00 27.40 ? 40  PRO A CB   1 
ATOM   71   C  CG   . PRO A 1 13  ? -13.593 -23.275 -9.327  1.00 29.23 ? 40  PRO A CG   1 
ATOM   72   C  CD   . PRO A 1 13  ? -14.689 -24.297 -9.178  1.00 28.48 ? 40  PRO A CD   1 
ATOM   73   N  N    . ARG A 1 14  ? -12.774 -22.468 -5.264  1.00 31.51 ? 41  ARG A N    1 
ATOM   74   C  CA   . ARG A 1 14  ? -12.924 -21.328 -4.324  1.00 33.89 ? 41  ARG A CA   1 
ATOM   75   C  C    . ARG A 1 14  ? -12.164 -20.091 -4.810  1.00 32.29 ? 41  ARG A C    1 
ATOM   76   O  O    . ARG A 1 14  ? -11.349 -20.168 -5.704  1.00 31.24 ? 41  ARG A O    1 
ATOM   77   C  CB   . ARG A 1 14  ? -12.432 -21.698 -2.902  1.00 36.28 ? 41  ARG A CB   1 
ATOM   78   C  CG   . ARG A 1 14  ? -12.860 -23.073 -2.356  1.00 34.18 ? 41  ARG A CG   1 
ATOM   79   C  CD   . ARG A 1 14  ? -14.332 -23.157 -1.948  1.00 32.48 ? 41  ARG A CD   1 
ATOM   80   N  NE   . ARG A 1 14  ? -14.765 -22.101 -1.010  1.00 31.16 ? 41  ARG A NE   1 
ATOM   81   C  CZ   . ARG A 1 14  ? -16.052 -21.824 -0.722  1.00 32.00 ? 41  ARG A CZ   1 
ATOM   82   N  NH1  . ARG A 1 14  ? -16.370 -20.832 0.116   1.00 29.01 ? 41  ARG A NH1  1 
ATOM   83   N  NH2  . ARG A 1 14  ? -17.054 -22.541 -1.251  1.00 28.17 ? 41  ARG A NH2  1 
ATOM   84   N  N    . GLY A 1 15  ? -12.451 -18.956 -4.188  1.00 33.39 ? 42  GLY A N    1 
ATOM   85   C  CA   . GLY A 1 15  ? -11.673 -17.752 -4.364  1.00 32.51 ? 42  GLY A CA   1 
ATOM   86   C  C    . GLY A 1 15  ? -10.312 -17.820 -3.712  1.00 32.86 ? 42  GLY A C    1 
ATOM   87   O  O    . GLY A 1 15  ? -9.869  -18.876 -3.230  1.00 29.97 ? 42  GLY A O    1 
ATOM   88   N  N    . SER A 1 16  ? -9.636  -16.676 -3.731  1.00 29.62 ? 43  SER A N    1 
ATOM   89   C  CA   . SER A 1 16  ? -8.322  -16.563 -3.167  1.00 30.35 ? 43  SER A CA   1 
ATOM   90   C  C    . SER A 1 16  ? -7.959  -15.113 -3.315  1.00 27.34 ? 43  SER A C    1 
ATOM   91   O  O    . SER A 1 16  ? -8.615  -14.333 -3.962  1.00 25.54 ? 43  SER A O    1 
ATOM   92   C  CB   . SER A 1 16  ? -7.333  -17.416 -3.964  1.00 34.48 ? 43  SER A CB   1 
ATOM   93   O  OG   . SER A 1 16  ? -7.633  -17.288 -5.371  1.00 34.90 ? 43  SER A OG   1 
ATOM   94   N  N    . ASN A 1 17  ? -6.892  -14.754 -2.696  1.00 26.04 ? 44  ASN A N    1 
ATOM   95   C  CA   . ASN A 1 17  ? -6.352  -13.459 -2.904  1.00 24.07 ? 44  ASN A CA   1 
ATOM   96   C  C    . ASN A 1 17  ? -5.480  -13.570 -4.161  1.00 22.03 ? 44  ASN A C    1 
ATOM   97   O  O    . ASN A 1 17  ? -4.898  -14.636 -4.387  1.00 21.53 ? 44  ASN A O    1 
ATOM   98   C  CB   . ASN A 1 17  ? -5.510  -13.135 -1.670  1.00 23.73 ? 44  ASN A CB   1 
ATOM   99   C  CG   . ASN A 1 17  ? -6.366  -12.764 -0.484  1.00 25.74 ? 44  ASN A CG   1 
ATOM   100  O  OD1  . ASN A 1 17  ? -7.312  -11.969 -0.605  1.00 24.73 ? 44  ASN A OD1  1 
ATOM   101  N  ND2  . ASN A 1 17  ? -6.008  -13.282 0.677   1.00 26.02 ? 44  ASN A ND2  1 
ATOM   102  N  N    . PRO A 1 18  ? -5.258  -12.442 -4.874  1.00 20.40 ? 45  PRO A N    1 
ATOM   103  C  CA   . PRO A 1 18  ? -4.242  -12.453 -5.900  1.00 20.23 ? 45  PRO A CA   1 
ATOM   104  C  C    . PRO A 1 18  ? -2.851  -12.560 -5.301  1.00 20.47 ? 45  PRO A C    1 
ATOM   105  O  O    . PRO A 1 18  ? -2.658  -12.282 -4.092  1.00 20.48 ? 45  PRO A O    1 
ATOM   106  C  CB   . PRO A 1 18  ? -4.445  -11.092 -6.596  1.00 20.27 ? 45  PRO A CB   1 
ATOM   107  C  CG   . PRO A 1 18  ? -4.853  -10.195 -5.508  1.00 18.51 ? 45  PRO A CG   1 
ATOM   108  C  CD   . PRO A 1 18  ? -5.613  -11.053 -4.503  1.00 19.13 ? 45  PRO A CD   1 
ATOM   109  N  N    . PRO A 1 19  ? -1.859  -12.950 -6.108  1.00 23.46 ? 46  PRO A N    1 
ATOM   110  C  CA   . PRO A 1 19  ? -0.511  -12.842 -5.562  1.00 23.04 ? 46  PRO A CA   1 
ATOM   111  C  C    . PRO A 1 19  ? -0.213  -11.342 -5.233  1.00 22.62 ? 46  PRO A C    1 
ATOM   112  O  O    . PRO A 1 19  ? -0.748  -10.464 -5.912  1.00 21.34 ? 46  PRO A O    1 
ATOM   113  C  CB   . PRO A 1 19  ? 0.389   -13.347 -6.694  1.00 26.41 ? 46  PRO A CB   1 
ATOM   114  C  CG   . PRO A 1 19  ? -0.400  -13.227 -7.929  1.00 26.78 ? 46  PRO A CG   1 
ATOM   115  C  CD   . PRO A 1 19  ? -1.868  -13.250 -7.546  1.00 25.92 ? 46  PRO A CD   1 
ATOM   116  N  N    . PRO A 1 20  ? 0.567   -11.078 -4.185  1.00 21.00 ? 47  PRO A N    1 
ATOM   117  C  CA   . PRO A 1 20  ? 0.877   -9.732  -3.729  1.00 20.49 ? 47  PRO A CA   1 
ATOM   118  C  C    . PRO A 1 20  ? 1.836   -9.053  -4.678  1.00 18.56 ? 47  PRO A C    1 
ATOM   119  O  O    . PRO A 1 20  ? 2.535   -9.749  -5.444  1.00 16.89 ? 47  PRO A O    1 
ATOM   120  C  CB   . PRO A 1 20  ? 1.591   -9.949  -2.384  1.00 22.33 ? 47  PRO A CB   1 
ATOM   121  C  CG   . PRO A 1 20  ? 2.081   -11.325 -2.398  1.00 23.43 ? 47  PRO A CG   1 
ATOM   122  C  CD   . PRO A 1 20  ? 1.168   -12.106 -3.316  1.00 24.30 ? 47  PRO A CD   1 
ATOM   123  N  N    . PRO A 1 21  ? 1.929   -7.708  -4.608  1.00 17.84 ? 48  PRO A N    1 
ATOM   124  C  CA   . PRO A 1 21  ? 2.853   -7.045  -5.515  1.00 18.30 ? 48  PRO A CA   1 
ATOM   125  C  C    . PRO A 1 21  ? 4.298   -7.464  -5.244  1.00 20.19 ? 48  PRO A C    1 
ATOM   126  O  O    . PRO A 1 21  ? 4.637   -7.798  -4.135  1.00 19.00 ? 48  PRO A O    1 
ATOM   127  C  CB   . PRO A 1 21  ? 2.669   -5.566  -5.217  1.00 18.44 ? 48  PRO A CB   1 
ATOM   128  C  CG   . PRO A 1 21  ? 1.380   -5.433  -4.427  1.00 19.64 ? 48  PRO A CG   1 
ATOM   129  C  CD   . PRO A 1 21  ? 1.096   -6.763  -3.824  1.00 18.38 ? 48  PRO A CD   1 
ATOM   130  N  N    . GLU A 1 22  ? 5.127   -7.446  -6.273  1.00 20.66 ? 49  GLU A N    1 
ATOM   131  C  CA   . GLU A 1 22  ? 6.497   -7.819  -6.105  1.00 24.59 ? 49  GLU A CA   1 
ATOM   132  C  C    . GLU A 1 22  ? 7.251   -6.846  -5.193  1.00 21.76 ? 49  GLU A C    1 
ATOM   133  O  O    . GLU A 1 22  ? 6.965   -5.616  -5.150  1.00 20.28 ? 49  GLU A O    1 
ATOM   134  C  CB   . GLU A 1 22  ? 7.166   -7.932  -7.477  1.00 29.99 ? 49  GLU A CB   1 
ATOM   135  C  CG   . GLU A 1 22  ? 7.449   -6.598  -8.118  1.00 35.16 ? 49  GLU A CG   1 
ATOM   136  C  CD   . GLU A 1 22  ? 7.736   -6.695  -9.600  1.00 41.11 ? 49  GLU A CD   1 
ATOM   137  O  OE1  . GLU A 1 22  ? 8.507   -5.837  -10.118 1.00 34.21 ? 49  GLU A OE1  1 
ATOM   138  O  OE2  . GLU A 1 22  ? 7.188   -7.621  -10.237 1.00 49.78 ? 49  GLU A OE2  1 
ATOM   139  N  N    . THR A 1 23  ? 8.189   -7.395  -4.449  1.00 18.80 ? 50  THR A N    1 
ATOM   140  C  CA   . THR A 1 23  ? 9.131   -6.606  -3.669  1.00 21.22 ? 50  THR A CA   1 
ATOM   141  C  C    . THR A 1 23  ? 10.625  -6.743  -4.075  1.00 21.12 ? 50  THR A C    1 
ATOM   142  O  O    . THR A 1 23  ? 11.476  -6.053  -3.509  1.00 21.63 ? 50  THR A O    1 
ATOM   143  C  CB   . THR A 1 23  ? 9.007   -6.984  -2.201  1.00 22.00 ? 50  THR A CB   1 
ATOM   144  O  OG1  . THR A 1 23  ? 9.193   -8.375  -2.087  1.00 24.18 ? 50  THR A OG1  1 
ATOM   145  C  CG2  . THR A 1 23  ? 7.629   -6.667  -1.729  1.00 23.38 ? 50  THR A CG2  1 
ATOM   146  N  N    . SER A 1 24  ? 10.900  -7.636  -5.026  1.00 22.24 ? 51  SER A N    1 
ATOM   147  C  CA   . SER A 1 24  ? 12.205  -7.891  -5.649  1.00 24.49 ? 51  SER A CA   1 
ATOM   148  C  C    . SER A 1 24  ? 11.993  -8.045  -7.134  1.00 24.32 ? 51  SER A C    1 
ATOM   149  O  O    . SER A 1 24  ? 10.966  -8.557  -7.591  1.00 23.20 ? 51  SER A O    1 
ATOM   150  C  CB   . SER A 1 24  ? 12.758  -9.229  -5.195  1.00 29.40 ? 51  SER A CB   1 
ATOM   151  O  OG   . SER A 1 24  ? 13.123  -9.138  -3.831  1.00 37.49 ? 51  SER A OG   1 
ATOM   152  N  N    . ASN A 1 25  ? 12.958  -7.562  -7.888  1.00 22.91 ? 52  ASN A N    1 
ATOM   153  C  CA   . ASN A 1 25  ? 12.949  -7.705  -9.315  1.00 21.95 ? 52  ASN A CA   1 
ATOM   154  C  C    . ASN A 1 25  ? 14.388  -7.507  -9.772  1.00 20.41 ? 52  ASN A C    1 
ATOM   155  O  O    . ASN A 1 25  ? 14.857  -6.353  -9.833  1.00 19.30 ? 52  ASN A O    1 
ATOM   156  C  CB   . ASN A 1 25  ? 12.035  -6.711  -10.006 1.00 22.08 ? 52  ASN A CB   1 
ATOM   157  C  CG   . ASN A 1 25  ? 12.047  -6.914  -11.500 1.00 23.83 ? 52  ASN A CG   1 
ATOM   158  O  OD1  . ASN A 1 25  ? 13.004  -7.498  -12.028 1.00 20.11 ? 52  ASN A OD1  1 
ATOM   159  N  ND2  . ASN A 1 25  ? 11.038  -6.411  -12.189 1.00 24.27 ? 52  ASN A ND2  1 
ATOM   160  N  N    . PRO A 1 26  ? 15.101  -8.622  -10.033 1.00 20.85 ? 53  PRO A N    1 
ATOM   161  C  CA   . PRO A 1 26  ? 16.550  -8.400  -10.204 1.00 20.80 ? 53  PRO A CA   1 
ATOM   162  C  C    . PRO A 1 26  ? 16.933  -7.550  -11.414 1.00 17.75 ? 53  PRO A C    1 
ATOM   163  O  O    . PRO A 1 26  ? 17.963  -6.869  -11.366 1.00 19.48 ? 53  PRO A O    1 
ATOM   164  C  CB   . PRO A 1 26  ? 17.134  -9.804  -10.259 1.00 20.97 ? 53  PRO A CB   1 
ATOM   165  C  CG   . PRO A 1 26  ? 16.171  -10.656 -9.534  1.00 23.01 ? 53  PRO A CG   1 
ATOM   166  C  CD   . PRO A 1 26  ? 14.803  -10.018 -9.649  1.00 21.77 ? 53  PRO A CD   1 
ATOM   167  N  N    . ASN A 1 27  ? 16.112  -7.578  -12.471 1.00 17.43 ? 54  ASN A N    1 
ATOM   168  C  CA   . ASN A 1 27  ? 16.350  -6.778  -13.674 1.00 17.64 ? 54  ASN A CA   1 
ATOM   169  C  C    . ASN A 1 27  ? 15.848  -5.342  -13.630 1.00 20.66 ? 54  ASN A C    1 
ATOM   170  O  O    . ASN A 1 27  ? 16.205  -4.570  -14.499 1.00 21.91 ? 54  ASN A O    1 
ATOM   171  C  CB   . ASN A 1 27  ? 15.822  -7.500  -14.895 1.00 20.24 ? 54  ASN A CB   1 
ATOM   172  C  CG   . ASN A 1 27  ? 16.804  -8.549  -15.415 1.00 21.22 ? 54  ASN A CG   1 
ATOM   173  O  OD1  . ASN A 1 27  ? 18.028  -8.323  -15.461 1.00 22.03 ? 54  ASN A OD1  1 
ATOM   174  N  ND2  . ASN A 1 27  ? 16.287  -9.704  -15.744 1.00 20.76 ? 54  ASN A ND2  1 
ATOM   175  N  N    . LYS A 1 28  ? 15.117  -4.960  -12.577 1.00 19.13 ? 55  LYS A N    1 
ATOM   176  C  CA   . LYS A 1 28  ? 14.710  -3.585  -12.426 1.00 19.76 ? 55  LYS A CA   1 
ATOM   177  C  C    . LYS A 1 28  ? 15.865  -2.684  -12.030 1.00 18.61 ? 55  LYS A C    1 
ATOM   178  O  O    . LYS A 1 28  ? 16.641  -3.031  -11.123 1.00 16.77 ? 55  LYS A O    1 
ATOM   179  C  CB   . LYS A 1 28  ? 13.567  -3.477  -11.398 1.00 18.55 ? 55  LYS A CB   1 
ATOM   180  C  CG   . LYS A 1 28  ? 12.984  -2.100  -11.312 1.00 19.43 ? 55  LYS A CG   1 
ATOM   181  C  CD   . LYS A 1 28  ? 11.971  -1.968  -10.175 1.00 20.06 ? 55  LYS A CD   1 
ATOM   182  C  CE   . LYS A 1 28  ? 11.408  -0.551  -10.020 1.00 21.03 ? 55  LYS A CE   1 
ATOM   183  N  NZ   . LYS A 1 28  ? 12.508  0.437   -9.761  1.00 20.51 ? 55  LYS A NZ   1 
ATOM   184  N  N    . PRO A 1 29  ? 15.983  -1.508  -12.696 1.00 17.70 ? 56  PRO A N    1 
ATOM   185  C  CA   . PRO A 1 29  ? 16.975  -0.553  -12.250 1.00 19.13 ? 56  PRO A CA   1 
ATOM   186  C  C    . PRO A 1 29  ? 16.671  0.015   -10.842 1.00 18.44 ? 56  PRO A C    1 
ATOM   187  O  O    . PRO A 1 29  ? 15.523  0.362   -10.559 1.00 20.37 ? 56  PRO A O    1 
ATOM   188  C  CB   . PRO A 1 29  ? 16.942  0.561   -13.317 1.00 19.87 ? 56  PRO A CB   1 
ATOM   189  C  CG   . PRO A 1 29  ? 16.048  0.097   -14.382 1.00 19.92 ? 56  PRO A CG   1 
ATOM   190  C  CD   . PRO A 1 29  ? 15.199  -1.020  -13.844 1.00 18.20 ? 56  PRO A CD   1 
ATOM   191  N  N    . LYS A 1 30  ? 17.699  0.067   -10.014 1.00 18.14 ? 57  LYS A N    1 
ATOM   192  C  CA   . LYS A 1 30  ? 17.642  0.479   -8.615  1.00 21.96 ? 57  LYS A CA   1 
ATOM   193  C  C    . LYS A 1 30  ? 18.743  1.473   -8.244  1.00 22.59 ? 57  LYS A C    1 
ATOM   194  O  O    . LYS A 1 30  ? 19.851  1.400   -8.763  1.00 16.18 ? 57  LYS A O    1 
ATOM   195  C  CB   . LYS A 1 30  ? 17.950  -0.710  -7.718  1.00 24.66 ? 57  LYS A CB   1 
ATOM   196  C  CG   . LYS A 1 30  ? 17.072  -1.850  -8.063  1.00 25.98 ? 57  LYS A CG   1 
ATOM   197  C  CD   . LYS A 1 30  ? 17.234  -3.013  -7.128  1.00 26.95 ? 57  LYS A CD   1 
ATOM   198  C  CE   . LYS A 1 30  ? 16.307  -4.058  -7.706  1.00 24.40 ? 57  LYS A CE   1 
ATOM   199  N  NZ   . LYS A 1 30  ? 16.835  -4.663  -8.963  1.00 22.05 ? 57  LYS A NZ   1 
ATOM   200  N  N    . ARG A 1 31  ? 18.428  2.369   -7.292  1.00 22.61 ? 58  ARG A N    1 
ATOM   201  C  CA   . ARG A 1 31  ? 19.441  3.210   -6.657  1.00 23.50 ? 58  ARG A CA   1 
ATOM   202  C  C    . ARG A 1 31  ? 19.089  3.466   -5.221  1.00 26.89 ? 58  ARG A C    1 
ATOM   203  O  O    . ARG A 1 31  ? 17.934  3.297   -4.804  1.00 27.89 ? 58  ARG A O    1 
ATOM   204  C  CB   . ARG A 1 31  ? 19.558  4.576   -7.287  1.00 25.66 ? 58  ARG A CB   1 
ATOM   205  C  CG   . ARG A 1 31  ? 19.699  4.573   -8.768  1.00 25.34 ? 58  ARG A CG   1 
ATOM   206  C  CD   . ARG A 1 31  ? 19.877  5.961   -9.328  1.00 25.10 ? 58  ARG A CD   1 
ATOM   207  N  NE   . ARG A 1 31  ? 18.700  6.768   -9.193  1.00 24.87 ? 58  ARG A NE   1 
ATOM   208  C  CZ   . ARG A 1 31  ? 18.559  7.986   -9.679  1.00 26.43 ? 58  ARG A CZ   1 
ATOM   209  N  NH1  . ARG A 1 31  ? 19.505  8.532   -10.425 1.00 29.57 ? 58  ARG A NH1  1 
ATOM   210  N  NH2  . ARG A 1 31  ? 17.443  8.663   -9.433  1.00 26.62 ? 58  ARG A NH2  1 
ATOM   211  N  N    . GLN A 1 32  ? 20.092  3.912   -4.481  1.00 30.09 ? 59  GLN A N    1 
ATOM   212  C  CA   . GLN A 1 32  ? 19.899  4.493   -3.152  1.00 31.95 ? 59  GLN A CA   1 
ATOM   213  C  C    . GLN A 1 32  ? 20.130  5.995   -3.314  1.00 31.99 ? 59  GLN A C    1 
ATOM   214  O  O    . GLN A 1 32  ? 21.196  6.403   -3.744  1.00 37.59 ? 59  GLN A O    1 
ATOM   215  C  CB   . GLN A 1 32  ? 20.880  3.858   -2.184  1.00 34.42 ? 59  GLN A CB   1 
ATOM   216  C  CG   . GLN A 1 32  ? 20.859  2.337   -2.223  1.00 39.54 ? 59  GLN A CG   1 
ATOM   217  C  CD   . GLN A 1 32  ? 21.813  1.701   -1.222  1.00 45.17 ? 59  GLN A CD   1 
ATOM   218  O  OE1  . GLN A 1 32  ? 21.795  2.026   -0.037  1.00 49.39 ? 59  GLN A OE1  1 
ATOM   219  N  NE2  . GLN A 1 32  ? 22.643  0.777   -1.700  1.00 49.00 ? 59  GLN A NE2  1 
ATOM   220  N  N    . THR A 1 33  ? 19.087  6.794   -3.097  1.00 29.43 ? 60  THR A N    1 
ATOM   221  C  CA   . THR A 1 33  ? 19.120  8.261   -3.108  1.00 28.63 ? 60  THR A CA   1 
ATOM   222  C  C    . THR A 1 33  ? 18.863  8.741   -1.703  1.00 29.73 ? 60  THR A C    1 
ATOM   223  O  O    . THR A 1 33  ? 18.370  7.967   -0.855  1.00 29.20 ? 60  THR A O    1 
ATOM   224  C  CB   . THR A 1 33  ? 18.133  8.897   -4.124  1.00 30.73 ? 60  THR A CB   1 
ATOM   225  O  OG1  . THR A 1 33  ? 16.729  8.829   -3.703  1.00 25.27 ? 60  THR A OG1  1 
ATOM   226  C  CG2  . THR A 1 33  ? 18.283  8.221   -5.494  1.00 27.93 ? 60  THR A CG2  1 
ATOM   227  N  N    A ASN A 1 34  ? 19.233  9.993   -1.451  0.50 28.76 ? 61  ASN A N    1 
ATOM   228  N  N    B ASN A 1 34  ? 19.230  9.986   -1.423  0.50 29.89 ? 61  ASN A N    1 
ATOM   229  C  CA   A ASN A 1 34  ? 18.933  10.655  -0.178  0.50 26.64 ? 61  ASN A CA   1 
ATOM   230  C  CA   B ASN A 1 34  ? 18.929  10.585  -0.117  0.50 28.36 ? 61  ASN A CA   1 
ATOM   231  C  C    A ASN A 1 34  ? 17.440  10.705  0.096   0.50 26.01 ? 61  ASN A C    1 
ATOM   232  C  C    B ASN A 1 34  ? 17.424  10.711  0.115   0.50 26.95 ? 61  ASN A C    1 
ATOM   233  O  O    A ASN A 1 34  ? 16.996  10.451  1.225   0.50 26.57 ? 61  ASN A O    1 
ATOM   234  O  O    B ASN A 1 34  ? 16.952  10.529  1.247   0.50 27.16 ? 61  ASN A O    1 
ATOM   235  C  CB   A ASN A 1 34  ? 19.534  12.064  -0.136  0.50 26.88 ? 61  ASN A CB   1 
ATOM   236  C  CB   B ASN A 1 34  ? 19.597  11.950  0.022   0.50 29.79 ? 61  ASN A CB   1 
ATOM   237  C  CG   A ASN A 1 34  ? 20.960  12.066  0.373   0.50 27.98 ? 61  ASN A CG   1 
ATOM   238  C  CG   B ASN A 1 34  ? 19.240  12.862  -1.106  0.50 31.54 ? 61  ASN A CG   1 
ATOM   239  O  OD1  A ASN A 1 34  ? 21.504  11.018  0.756   0.50 27.17 ? 61  ASN A OD1  1 
ATOM   240  O  OD1  B ASN A 1 34  ? 19.028  12.401  -2.238  0.50 33.33 ? 61  ASN A OD1  1 
ATOM   241  N  ND2  A ASN A 1 34  ? 21.571  13.243  0.393   0.50 27.78 ? 61  ASN A ND2  1 
ATOM   242  N  ND2  B ASN A 1 34  ? 19.105  14.141  -0.811  0.50 33.28 ? 61  ASN A ND2  1 
ATOM   243  N  N    . GLN A 1 35  ? 16.669  11.003  -0.946  1.00 24.48 ? 62  GLN A N    1 
ATOM   244  C  CA   . GLN A 1 35  ? 15.234  11.067  -0.862  1.00 24.80 ? 62  GLN A CA   1 
ATOM   245  C  C    . GLN A 1 35  ? 14.627  9.709   -0.497  1.00 24.22 ? 62  GLN A C    1 
ATOM   246  O  O    . GLN A 1 35  ? 13.693  9.668   0.300   1.00 23.49 ? 62  GLN A O    1 
ATOM   247  C  CB   . GLN A 1 35  ? 14.634  11.650  -2.152  1.00 25.31 ? 62  GLN A CB   1 
ATOM   248  C  CG   . GLN A 1 35  ? 15.051  13.111  -2.444  1.00 26.31 ? 62  GLN A CG   1 
ATOM   249  C  CD   . GLN A 1 35  ? 14.313  13.647  -3.649  1.00 26.36 ? 62  GLN A CD   1 
ATOM   250  O  OE1  . GLN A 1 35  ? 13.952  12.883  -4.515  1.00 29.74 ? 62  GLN A OE1  1 
ATOM   251  N  NE2  . GLN A 1 35  ? 14.121  14.953  -3.726  1.00 27.82 ? 62  GLN A NE2  1 
ATOM   252  N  N    . LEU A 1 36  ? 15.148  8.605   -1.037  1.00 21.88 ? 63  LEU A N    1 
ATOM   253  C  CA   . LEU A 1 36  ? 14.611  7.261   -0.717  1.00 19.51 ? 63  LEU A CA   1 
ATOM   254  C  C    . LEU A 1 36  ? 14.973  6.784   0.695   1.00 24.02 ? 63  LEU A C    1 
ATOM   255  O  O    . LEU A 1 36  ? 14.184  6.105   1.372   1.00 18.61 ? 63  LEU A O    1 
ATOM   256  C  CB   . LEU A 1 36  ? 15.077  6.222   -1.742  1.00 17.80 ? 63  LEU A CB   1 
ATOM   257  C  CG   . LEU A 1 36  ? 14.380  6.262   -3.124  1.00 17.78 ? 63  LEU A CG   1 
ATOM   258  C  CD1  . LEU A 1 36  ? 15.259  5.513   -4.132  1.00 17.15 ? 63  LEU A CD1  1 
ATOM   259  C  CD2  . LEU A 1 36  ? 12.999  5.646   -3.017  1.00 16.12 ? 63  LEU A CD2  1 
ATOM   260  N  N    . GLN A 1 37  ? 16.186  7.110   1.133   1.00 25.02 ? 64  GLN A N    1 
ATOM   261  C  CA   . GLN A 1 37  ? 16.578  6.902   2.544   1.00 29.14 ? 64  GLN A CA   1 
ATOM   262  C  C    . GLN A 1 37  ? 15.686  7.665   3.548   1.00 29.04 ? 64  GLN A C    1 
ATOM   263  O  O    . GLN A 1 37  ? 15.312  7.139   4.583   1.00 28.88 ? 64  GLN A O    1 
ATOM   264  C  CB   . GLN A 1 37  ? 18.051  7.303   2.732   1.00 35.47 ? 64  GLN A CB   1 
ATOM   265  C  CG   . GLN A 1 37  ? 18.993  6.334   2.020   1.00 40.66 ? 64  GLN A CG   1 
ATOM   266  C  CD   . GLN A 1 37  ? 20.422  6.863   1.886   1.00 54.79 ? 64  GLN A CD   1 
ATOM   267  O  OE1  . GLN A 1 37  ? 20.708  8.032   2.185   1.00 59.86 ? 64  GLN A OE1  1 
ATOM   268  N  NE2  . GLN A 1 37  ? 21.340  5.989   1.437   1.00 57.52 ? 64  GLN A NE2  1 
ATOM   269  N  N    . TYR A 1 38  ? 15.346  8.889   3.210   1.00 26.68 ? 65  TYR A N    1 
ATOM   270  C  CA   . TYR A 1 38  ? 14.416  9.686   3.993   1.00 30.95 ? 65  TYR A CA   1 
ATOM   271  C  C    . TYR A 1 38  ? 12.987  9.115   3.986   1.00 28.63 ? 65  TYR A C    1 
ATOM   272  O  O    . TYR A 1 38  ? 12.279  9.118   5.018   1.00 22.00 ? 65  TYR A O    1 
ATOM   273  C  CB   . TYR A 1 38  ? 14.423  11.098  3.477   1.00 30.62 ? 65  TYR A CB   1 
ATOM   274  C  CG   . TYR A 1 38  ? 13.633  12.077  4.316   1.00 35.48 ? 65  TYR A CG   1 
ATOM   275  C  CD1  . TYR A 1 38  ? 14.195  12.679  5.441   1.00 36.80 ? 65  TYR A CD1  1 
ATOM   276  C  CD2  . TYR A 1 38  ? 12.328  12.406  3.981   1.00 31.53 ? 65  TYR A CD2  1 
ATOM   277  C  CE1  . TYR A 1 38  ? 13.474  13.586  6.185   1.00 37.66 ? 65  TYR A CE1  1 
ATOM   278  C  CE2  . TYR A 1 38  ? 11.604  13.296  4.737   1.00 37.51 ? 65  TYR A CE2  1 
ATOM   279  C  CZ   . TYR A 1 38  ? 12.190  13.890  5.831   1.00 35.01 ? 65  TYR A CZ   1 
ATOM   280  O  OH   . TYR A 1 38  ? 11.443  14.789  6.567   1.00 41.03 ? 65  TYR A OH   1 
ATOM   281  N  N    . LEU A 1 39  ? 12.554  8.668   2.812   1.00 23.39 ? 66  LEU A N    1 
ATOM   282  C  CA   . LEU A 1 39  ? 11.268  7.969   2.696   1.00 22.02 ? 66  LEU A CA   1 
ATOM   283  C  C    . LEU A 1 39  ? 11.137  6.761   3.577   1.00 20.97 ? 66  LEU A C    1 
ATOM   284  O  O    . LEU A 1 39  ? 10.045  6.507   4.113   1.00 21.47 ? 66  LEU A O    1 
ATOM   285  C  CB   . LEU A 1 39  ? 10.988  7.569   1.233   1.00 20.21 ? 66  LEU A CB   1 
ATOM   286  C  CG   . LEU A 1 39  ? 10.487  8.764   0.462   1.00 19.59 ? 66  LEU A CG   1 
ATOM   287  C  CD1  . LEU A 1 39  ? 10.617  8.547   -1.021  1.00 20.80 ? 66  LEU A CD1  1 
ATOM   288  C  CD2  . LEU A 1 39  ? 9.031   9.069   0.772   1.00 22.02 ? 66  LEU A CD2  1 
ATOM   289  N  N    . LEU A 1 40  ? 12.197  5.992   3.714   1.00 21.56 ? 67  LEU A N    1 
ATOM   290  C  CA   . LEU A 1 40  ? 12.215  4.893   4.646   1.00 24.95 ? 67  LEU A CA   1 
ATOM   291  C  C    . LEU A 1 40  ? 12.418  5.309   6.120   1.00 30.18 ? 67  LEU A C    1 
ATOM   292  O  O    . LEU A 1 40  ? 11.731  4.784   7.004   1.00 31.86 ? 67  LEU A O    1 
ATOM   293  C  CB   . LEU A 1 40  ? 13.279  3.874   4.266   1.00 26.46 ? 67  LEU A CB   1 
ATOM   294  C  CG   . LEU A 1 40  ? 13.474  2.614   5.155   1.00 26.94 ? 67  LEU A CG   1 
ATOM   295  C  CD1  . LEU A 1 40  ? 12.215  1.762   5.305   1.00 27.94 ? 67  LEU A CD1  1 
ATOM   296  C  CD2  . LEU A 1 40  ? 14.653  1.787   4.649   1.00 25.98 ? 67  LEU A CD2  1 
ATOM   297  N  N    . ARG A 1 41  ? 13.388  6.188   6.377   1.00 29.35 ? 68  ARG A N    1 
ATOM   298  C  CA   . ARG A 1 41  ? 13.854  6.486   7.735   1.00 32.84 ? 68  ARG A CA   1 
ATOM   299  C  C    . ARG A 1 41  ? 12.835  7.371   8.471   1.00 30.99 ? 68  ARG A C    1 
ATOM   300  O  O    . ARG A 1 41  ? 12.644  7.223   9.670   1.00 30.11 ? 68  ARG A O    1 
ATOM   301  C  CB   . ARG A 1 41  ? 15.234  7.187   7.662   1.00 33.36 ? 68  ARG A CB   1 
ATOM   302  C  CG   . ARG A 1 41  ? 15.856  7.539   9.006   1.00 44.88 ? 68  ARG A CG   1 
ATOM   303  C  CD   . ARG A 1 41  ? 17.243  8.203   8.882   1.00 46.03 ? 68  ARG A CD   1 
ATOM   304  N  NE   . ARG A 1 41  ? 17.219  9.494   8.159   1.00 51.19 ? 68  ARG A NE   1 
ATOM   305  C  CZ   . ARG A 1 41  ? 16.918  10.693  8.687   1.00 54.60 ? 68  ARG A CZ   1 
ATOM   306  N  NH1  . ARG A 1 41  ? 16.585  10.816  9.968   1.00 56.89 ? 68  ARG A NH1  1 
ATOM   307  N  NH2  . ARG A 1 41  ? 16.948  11.795  7.922   1.00 51.27 ? 68  ARG A NH2  1 
ATOM   308  N  N    . VAL A 1 42  ? 12.209  8.285   7.722   1.00 30.41 ? 69  VAL A N    1 
ATOM   309  C  CA   . VAL A 1 42  ? 11.314  9.289   8.232   1.00 32.47 ? 69  VAL A CA   1 
ATOM   310  C  C    . VAL A 1 42  ? 9.872   9.091   7.813   1.00 32.57 ? 69  VAL A C    1 
ATOM   311  O  O    . VAL A 1 42  ? 9.030   8.939   8.717   1.00 26.94 ? 69  VAL A O    1 
ATOM   312  C  CB   . VAL A 1 42  ? 11.808  10.723  7.898   1.00 30.91 ? 69  VAL A CB   1 
ATOM   313  C  CG1  . VAL A 1 42  ? 10.789  11.786  8.316   1.00 32.94 ? 69  VAL A CG1  1 
ATOM   314  C  CG2  . VAL A 1 42  ? 13.132  10.954  8.610   1.00 33.22 ? 69  VAL A CG2  1 
ATOM   315  N  N    . VAL A 1 43  ? 9.560   9.094   6.505   1.00 26.36 ? 70  VAL A N    1 
ATOM   316  C  CA   . VAL A 1 43  ? 8.167   9.086   6.071   1.00 27.56 ? 70  VAL A CA   1 
ATOM   317  C  C    . VAL A 1 43  ? 7.494   7.758   6.480   1.00 30.56 ? 70  VAL A C    1 
ATOM   318  O  O    . VAL A 1 43  ? 6.501   7.762   7.209   1.00 34.25 ? 70  VAL A O    1 
ATOM   319  C  CB   . VAL A 1 43  ? 7.996   9.407   4.579   1.00 28.06 ? 70  VAL A CB   1 
ATOM   320  C  CG1  . VAL A 1 43  ? 6.545   9.323   4.139   1.00 29.60 ? 70  VAL A CG1  1 
ATOM   321  C  CG2  . VAL A 1 43  ? 8.534   10.811  4.260   1.00 30.76 ? 70  VAL A CG2  1 
ATOM   322  N  N    . LEU A 1 44  ? 8.058   6.640   6.046   1.00 27.16 ? 71  LEU A N    1 
ATOM   323  C  CA   . LEU A 1 44  ? 7.423   5.351   6.204   1.00 28.98 ? 71  LEU A CA   1 
ATOM   324  C  C    . LEU A 1 44  ? 7.398   5.024   7.667   1.00 30.31 ? 71  LEU A C    1 
ATOM   325  O  O    . LEU A 1 44  ? 6.341   4.747   8.214   1.00 28.86 ? 71  LEU A O    1 
ATOM   326  C  CB   . LEU A 1 44  ? 8.194   4.260   5.468   1.00 27.18 ? 71  LEU A CB   1 
ATOM   327  C  CG   . LEU A 1 44  ? 7.659   2.835   5.494   1.00 28.74 ? 71  LEU A CG   1 
ATOM   328  C  CD1  . LEU A 1 44  ? 7.964   2.113   6.804   1.00 29.41 ? 71  LEU A CD1  1 
ATOM   329  C  CD2  . LEU A 1 44  ? 6.177   2.783   5.171   1.00 30.97 ? 71  LEU A CD2  1 
ATOM   330  N  N    . LYS A 1 45  ? 8.561   5.098   8.315   1.00 31.87 ? 72  LYS A N    1 
ATOM   331  C  CA   . LYS A 1 45  ? 8.656   4.651   9.695   1.00 34.11 ? 72  LYS A CA   1 
ATOM   332  C  C    . LYS A 1 45  ? 7.844   5.474   10.688  1.00 34.83 ? 72  LYS A C    1 
ATOM   333  O  O    . LYS A 1 45  ? 7.428   4.940   11.731  1.00 35.84 ? 72  LYS A O    1 
ATOM   334  C  CB   . LYS A 1 45  ? 10.104  4.439   10.124  1.00 39.47 ? 72  LYS A CB   1 
ATOM   335  C  CG   . LYS A 1 45  ? 10.529  3.007   9.796   1.00 44.18 ? 72  LYS A CG   1 
ATOM   336  C  CD   . LYS A 1 45  ? 12.035  2.759   9.773   1.00 50.79 ? 72  LYS A CD   1 
ATOM   337  C  CE   . LYS A 1 45  ? 12.336  1.255   9.874   1.00 55.92 ? 72  LYS A CE   1 
ATOM   338  N  NZ   . LYS A 1 45  ? 13.335  0.737   8.899   1.00 55.39 ? 72  LYS A NZ   1 
ATOM   339  N  N    . THR A 1 46  ? 7.499   6.700   10.337  1.00 35.30 ? 73  THR A N    1 
ATOM   340  C  CA   . THR A 1 46  ? 6.559   7.448   11.135  1.00 34.71 ? 73  THR A CA   1 
ATOM   341  C  C    . THR A 1 46  ? 5.121   7.089   10.843  1.00 34.68 ? 73  THR A C    1 
ATOM   342  O  O    . THR A 1 46  ? 4.349   6.922   11.793  1.00 36.88 ? 73  THR A O    1 
ATOM   343  C  CB   . THR A 1 46  ? 6.736   8.970   11.077  1.00 37.23 ? 73  THR A CB   1 
ATOM   344  O  OG1  . THR A 1 46  ? 6.257   9.514   9.846   1.00 39.99 ? 73  THR A OG1  1 
ATOM   345  C  CG2  . THR A 1 46  ? 8.176   9.390   11.389  1.00 36.63 ? 73  THR A CG2  1 
ATOM   346  N  N    . LEU A 1 47  ? 4.733   6.917   9.581   1.00 31.42 ? 74  LEU A N    1 
ATOM   347  C  CA   . LEU A 1 47  ? 3.384   6.478   9.289   1.00 28.02 ? 74  LEU A CA   1 
ATOM   348  C  C    . LEU A 1 47  ? 3.125   5.093   9.871   1.00 25.23 ? 74  LEU A C    1 
ATOM   349  O  O    . LEU A 1 47  ? 2.012   4.824   10.306  1.00 25.47 ? 74  LEU A O    1 
ATOM   350  C  CB   . LEU A 1 47  ? 3.048   6.492   7.791   1.00 30.53 ? 74  LEU A CB   1 
ATOM   351  C  CG   . LEU A 1 47  ? 3.098   7.821   7.032   1.00 34.22 ? 74  LEU A CG   1 
ATOM   352  C  CD1  . LEU A 1 47  ? 2.658   7.603   5.605   1.00 38.49 ? 74  LEU A CD1  1 
ATOM   353  C  CD2  . LEU A 1 47  ? 2.257   8.907   7.667   1.00 36.35 ? 74  LEU A CD2  1 
ATOM   354  N  N    . TRP A 1 48  ? 4.122   4.225   9.853   1.00 22.62 ? 75  TRP A N    1 
ATOM   355  C  CA   . TRP A 1 48  ? 4.000   2.831   10.286  1.00 24.55 ? 75  TRP A CA   1 
ATOM   356  C  C    . TRP A 1 48  ? 3.596   2.657   11.750  1.00 26.15 ? 75  TRP A C    1 
ATOM   357  O  O    . TRP A 1 48  ? 2.919   1.690   12.086  1.00 26.18 ? 75  TRP A O    1 
ATOM   358  C  CB   . TRP A 1 48  ? 5.337   2.070   10.048  1.00 23.41 ? 75  TRP A CB   1 
ATOM   359  C  CG   . TRP A 1 48  ? 5.249   0.653   10.232  1.00 22.50 ? 75  TRP A CG   1 
ATOM   360  C  CD1  . TRP A 1 48  ? 5.519   -0.056  11.386  1.00 24.95 ? 75  TRP A CD1  1 
ATOM   361  C  CD2  . TRP A 1 48  ? 4.911   -0.312  9.245   1.00 22.44 ? 75  TRP A CD2  1 
ATOM   362  N  NE1  . TRP A 1 48  ? 5.298   -1.379  11.178  1.00 22.79 ? 75  TRP A NE1  1 
ATOM   363  C  CE2  . TRP A 1 48  ? 4.918   -1.567  9.873   1.00 22.30 ? 75  TRP A CE2  1 
ATOM   364  C  CE3  . TRP A 1 48  ? 4.565   -0.240  7.884   1.00 24.05 ? 75  TRP A CE3  1 
ATOM   365  C  CZ2  . TRP A 1 48  ? 4.639   -2.745  9.188   1.00 22.99 ? 75  TRP A CZ2  1 
ATOM   366  C  CZ3  . TRP A 1 48  ? 4.236   -1.437  7.220   1.00 20.36 ? 75  TRP A CZ3  1 
ATOM   367  C  CH2  . TRP A 1 48  ? 4.297   -2.654  7.870   1.00 20.52 ? 75  TRP A CH2  1 
ATOM   368  N  N    . LYS A 1 49  ? 4.065   3.568   12.599  1.00 25.61 ? 76  LYS A N    1 
ATOM   369  C  CA   . LYS A 1 49  ? 3.821   3.513   14.047  1.00 28.66 ? 76  LYS A CA   1 
ATOM   370  C  C    . LYS A 1 49  ? 2.482   4.145   14.442  1.00 26.66 ? 76  LYS A C    1 
ATOM   371  O  O    . LYS A 1 49  ? 2.041   3.973   15.578  1.00 27.00 ? 76  LYS A O    1 
ATOM   372  C  CB   . LYS A 1 49  ? 4.954   4.242   14.786  1.00 30.90 ? 76  LYS A CB   1 
ATOM   373  C  CG   . LYS A 1 49  ? 6.331   3.720   14.459  1.00 33.72 ? 76  LYS A CG   1 
ATOM   374  C  CD   . LYS A 1 49  ? 7.428   4.602   15.039  1.00 40.74 ? 76  LYS A CD   1 
ATOM   375  C  CE   . LYS A 1 49  ? 8.224   3.860   16.096  1.00 43.71 ? 76  LYS A CE   1 
ATOM   376  N  NZ   . LYS A 1 49  ? 9.255   2.969   15.491  1.00 42.44 ? 76  LYS A NZ   1 
ATOM   377  N  N    . HIS A 1 50  ? 1.836   4.883   13.516  1.00 23.36 ? 77  HIS A N    1 
ATOM   378  C  CA   . HIS A 1 50  ? 0.569   5.542   13.804  1.00 21.09 ? 77  HIS A CA   1 
ATOM   379  C  C    . HIS A 1 50  ? -0.556  4.514   14.077  1.00 20.21 ? 77  HIS A C    1 
ATOM   380  O  O    . HIS A 1 50  ? -0.620  3.504   13.396  1.00 19.32 ? 77  HIS A O    1 
ATOM   381  C  CB   . HIS A 1 50  ? 0.169   6.398   12.594  1.00 20.61 ? 77  HIS A CB   1 
ATOM   382  C  CG   . HIS A 1 50  ? -0.848  7.424   12.902  1.00 21.62 ? 77  HIS A CG   1 
ATOM   383  N  ND1  . HIS A 1 50  ? -2.194  7.145   12.955  1.00 22.03 ? 77  HIS A ND1  1 
ATOM   384  C  CD2  . HIS A 1 50  ? -0.732  8.740   13.180  1.00 22.00 ? 77  HIS A CD2  1 
ATOM   385  C  CE1  . HIS A 1 50  ? -2.865  8.236   13.248  1.00 21.96 ? 77  HIS A CE1  1 
ATOM   386  N  NE2  . HIS A 1 50  ? -2.004  9.224   13.361  1.00 22.72 ? 77  HIS A NE2  1 
ATOM   387  N  N    . GLN A 1 51  ? -1.441  4.831   15.042  1.00 19.62 ? 78  GLN A N    1 
ATOM   388  C  CA   . GLN A 1 51  ? -2.563  3.975   15.402  1.00 19.89 ? 78  GLN A CA   1 
ATOM   389  C  C    . GLN A 1 51  ? -3.545  3.669   14.256  1.00 18.67 ? 78  GLN A C    1 
ATOM   390  O  O    . GLN A 1 51  ? -4.314  2.744   14.360  1.00 17.46 ? 78  GLN A O    1 
ATOM   391  C  CB   . GLN A 1 51  ? -3.375  4.592   16.572  1.00 20.67 ? 78  GLN A CB   1 
ATOM   392  C  CG   . GLN A 1 51  ? -4.048  5.937   16.267  1.00 20.66 ? 78  GLN A CG   1 
ATOM   393  C  CD   . GLN A 1 51  ? -5.157  6.262   17.263  1.00 23.47 ? 78  GLN A CD   1 
ATOM   394  O  OE1  . GLN A 1 51  ? -5.685  5.373   17.950  1.00 27.26 ? 78  GLN A OE1  1 
ATOM   395  N  NE2  . GLN A 1 51  ? -5.515  7.517   17.346  1.00 23.78 ? 78  GLN A NE2  1 
ATOM   396  N  N    . PHE A 1 52  ? -3.536  4.476   13.194  1.00 16.99 ? 79  PHE A N    1 
ATOM   397  C  CA   . PHE A 1 52  ? -4.308  4.182   11.985  1.00 18.09 ? 79  PHE A CA   1 
ATOM   398  C  C    . PHE A 1 52  ? -3.585  3.415   10.874  1.00 18.72 ? 79  PHE A C    1 
ATOM   399  O  O    . PHE A 1 52  ? -4.170  3.252   9.799   1.00 17.43 ? 79  PHE A O    1 
ATOM   400  C  CB   . PHE A 1 52  ? -4.833  5.485   11.386  1.00 18.70 ? 79  PHE A CB   1 
ATOM   401  C  CG   . PHE A 1 52  ? -5.782  6.262   12.250  1.00 19.56 ? 79  PHE A CG   1 
ATOM   402  C  CD1  . PHE A 1 52  ? -6.394  5.737   13.375  1.00 19.51 ? 79  PHE A CD1  1 
ATOM   403  C  CD2  . PHE A 1 52  ? -6.109  7.562   11.847  1.00 20.20 ? 79  PHE A CD2  1 
ATOM   404  C  CE1  . PHE A 1 52  ? -7.275  6.516   14.124  1.00 21.29 ? 79  PHE A CE1  1 
ATOM   405  C  CE2  . PHE A 1 52  ? -6.981  8.331   12.581  1.00 21.38 ? 79  PHE A CE2  1 
ATOM   406  C  CZ   . PHE A 1 52  ? -7.581  7.806   13.710  1.00 20.00 ? 79  PHE A CZ   1 
ATOM   407  N  N    . ALA A 1 53  ? -2.331  2.996   11.087  1.00 18.48 ? 80  ALA A N    1 
ATOM   408  C  CA   . ALA A 1 53  ? -1.525  2.283   10.055  1.00 18.70 ? 80  ALA A CA   1 
ATOM   409  C  C    . ALA A 1 53  ? -1.951  0.852   9.796   1.00 17.82 ? 80  ALA A C    1 
ATOM   410  O  O    . ALA A 1 53  ? -1.808  0.364   8.680   1.00 17.43 ? 80  ALA A O    1 
ATOM   411  C  CB   . ALA A 1 53  ? -0.071  2.270   10.443  1.00 19.98 ? 80  ALA A CB   1 
ATOM   412  N  N    . TRP A 1 54  ? -2.482  0.186   10.816  1.00 17.31 ? 81  TRP A N    1 
ATOM   413  C  CA   . TRP A 1 54  ? -2.667  -1.260  10.770  1.00 18.82 ? 81  TRP A CA   1 
ATOM   414  C  C    . TRP A 1 54  ? -3.467  -1.827  9.575   1.00 18.97 ? 81  TRP A C    1 
ATOM   415  O  O    . TRP A 1 54  ? -3.089  -2.893  9.124   1.00 19.88 ? 81  TRP A O    1 
ATOM   416  C  CB   . TRP A 1 54  ? -3.172  -1.825  12.137  1.00 19.78 ? 81  TRP A CB   1 
ATOM   417  C  CG   . TRP A 1 54  ? -4.541  -1.327  12.536  1.00 19.12 ? 81  TRP A CG   1 
ATOM   418  C  CD1  . TRP A 1 54  ? -4.827  -0.272  13.305  1.00 19.64 ? 81  TRP A CD1  1 
ATOM   419  C  CD2  . TRP A 1 54  ? -5.788  -1.818  12.044  1.00 19.52 ? 81  TRP A CD2  1 
ATOM   420  N  NE1  . TRP A 1 54  ? -6.201  -0.078  13.387  1.00 19.87 ? 81  TRP A NE1  1 
ATOM   421  C  CE2  . TRP A 1 54  ? -6.813  -1.013  12.613  1.00 20.09 ? 81  TRP A CE2  1 
ATOM   422  C  CE3  . TRP A 1 54  ? -6.142  -2.815  11.148  1.00 19.91 ? 81  TRP A CE3  1 
ATOM   423  C  CZ2  . TRP A 1 54  ? -8.157  -1.240  12.370  1.00 19.67 ? 81  TRP A CZ2  1 
ATOM   424  C  CZ3  . TRP A 1 54  ? -7.480  -3.037  10.906  1.00 20.33 ? 81  TRP A CZ3  1 
ATOM   425  C  CH2  . TRP A 1 54  ? -8.467  -2.263  11.532  1.00 19.82 ? 81  TRP A CH2  1 
ATOM   426  N  N    . PRO A 1 55  ? -4.547  -1.156  9.067   1.00 16.19 ? 82  PRO A N    1 
ATOM   427  C  CA   . PRO A 1 55  ? -5.181  -1.772  7.898   1.00 16.66 ? 82  PRO A CA   1 
ATOM   428  C  C    . PRO A 1 55  ? -4.301  -1.760  6.634   1.00 16.63 ? 82  PRO A C    1 
ATOM   429  O  O    . PRO A 1 55  ? -4.653  -2.426  5.639   1.00 17.63 ? 82  PRO A O    1 
ATOM   430  C  CB   . PRO A 1 55  ? -6.386  -0.876  7.640   1.00 15.38 ? 82  PRO A CB   1 
ATOM   431  C  CG   . PRO A 1 55  ? -6.606  -0.102  8.929   1.00 16.87 ? 82  PRO A CG   1 
ATOM   432  C  CD   . PRO A 1 55  ? -5.201  0.129   9.382   1.00 16.71 ? 82  PRO A CD   1 
ATOM   433  N  N    . PHE A 1 56  ? -3.294  -0.881  6.660   1.00 15.43 ? 83  PHE A N    1 
ATOM   434  C  CA   . PHE A 1 56  ? -2.387  -0.590  5.550   1.00 16.58 ? 83  PHE A CA   1 
ATOM   435  C  C    . PHE A 1 56  ? -0.996  -1.264  5.649   1.00 16.26 ? 83  PHE A C    1 
ATOM   436  O  O    . PHE A 1 56  ? -0.161  -1.108  4.744   1.00 16.16 ? 83  PHE A O    1 
ATOM   437  C  CB   . PHE A 1 56  ? -2.289  0.934   5.410   1.00 18.48 ? 83  PHE A CB   1 
ATOM   438  C  CG   . PHE A 1 56  ? -3.631  1.603   5.311   1.00 18.59 ? 83  PHE A CG   1 
ATOM   439  C  CD1  . PHE A 1 56  ? -4.414  1.456   4.162   1.00 19.86 ? 83  PHE A CD1  1 
ATOM   440  C  CD2  . PHE A 1 56  ? -4.158  2.315   6.379   1.00 19.83 ? 83  PHE A CD2  1 
ATOM   441  C  CE1  . PHE A 1 56  ? -5.677  2.015   4.076   1.00 19.30 ? 83  PHE A CE1  1 
ATOM   442  C  CE2  . PHE A 1 56  ? -5.418  2.879   6.298   1.00 19.45 ? 83  PHE A CE2  1 
ATOM   443  C  CZ   . PHE A 1 56  ? -6.180  2.735   5.150   1.00 19.29 ? 83  PHE A CZ   1 
ATOM   444  N  N    . GLN A 1 57  ? -0.784  -2.111  6.656   1.00 14.62 ? 84  GLN A N    1 
ATOM   445  C  CA   . GLN A 1 57  ? 0.534   -2.691  6.902   1.00 17.47 ? 84  GLN A CA   1 
ATOM   446  C  C    . GLN A 1 57  ? 0.779   -4.008  6.150   1.00 18.30 ? 84  GLN A C    1 
ATOM   447  O  O    . GLN A 1 57  ? 1.838   -4.558  6.300   1.00 19.13 ? 84  GLN A O    1 
ATOM   448  C  CB   . GLN A 1 57  ? 0.759   -2.934  8.398   1.00 17.80 ? 84  GLN A CB   1 
ATOM   449  C  CG   . GLN A 1 57  ? 1.053   -1.657  9.141   1.00 18.59 ? 84  GLN A CG   1 
ATOM   450  C  CD   . GLN A 1 57  ? 1.099   -1.870  10.647  1.00 20.26 ? 84  GLN A CD   1 
ATOM   451  O  OE1  . GLN A 1 57  ? 0.489   -2.785  11.149  1.00 20.05 ? 84  GLN A OE1  1 
ATOM   452  N  NE2  . GLN A 1 57  ? 1.753   -0.980  11.350  1.00 22.88 ? 84  GLN A NE2  1 
ATOM   453  N  N    . GLN A 1 58  ? -0.204  -4.493  5.378   1.00 17.62 ? 85  GLN A N    1 
ATOM   454  C  CA   . GLN A 1 58  ? -0.109  -5.698  4.588   1.00 19.10 ? 85  GLN A CA   1 
ATOM   455  C  C    . GLN A 1 58  ? -1.075  -5.624  3.399   1.00 19.58 ? 85  GLN A C    1 
ATOM   456  O  O    . GLN A 1 58  ? -2.027  -4.822  3.416   1.00 17.83 ? 85  GLN A O    1 
ATOM   457  C  CB   . GLN A 1 58  ? -0.418  -6.963  5.429   1.00 19.11 ? 85  GLN A CB   1 
ATOM   458  C  CG   . GLN A 1 58  ? -1.760  -6.987  6.202   1.00 21.35 ? 85  GLN A CG   1 
ATOM   459  C  CD   . GLN A 1 58  ? -1.852  -5.957  7.322   1.00 21.74 ? 85  GLN A CD   1 
ATOM   460  O  OE1  . GLN A 1 58  ? -0.956  -5.827  8.113   1.00 25.13 ? 85  GLN A OE1  1 
ATOM   461  N  NE2  . GLN A 1 58  ? -2.933  -5.190  7.354   1.00 23.58 ? 85  GLN A NE2  1 
ATOM   462  N  N    . PRO A 1 59  ? -0.866  -6.473  2.386   1.00 19.71 ? 86  PRO A N    1 
ATOM   463  C  CA   . PRO A 1 59  ? -1.890  -6.512  1.321   1.00 20.74 ? 86  PRO A CA   1 
ATOM   464  C  C    . PRO A 1 59  ? -3.313  -6.805  1.834   1.00 21.59 ? 86  PRO A C    1 
ATOM   465  O  O    . PRO A 1 59  ? -3.504  -7.472  2.843   1.00 21.74 ? 86  PRO A O    1 
ATOM   466  C  CB   . PRO A 1 59  ? -1.393  -7.612  0.393   1.00 20.92 ? 86  PRO A CB   1 
ATOM   467  C  CG   . PRO A 1 59  ? 0.089   -7.724  0.669   1.00 22.32 ? 86  PRO A CG   1 
ATOM   468  C  CD   . PRO A 1 59  ? 0.292   -7.359  2.100   1.00 21.69 ? 86  PRO A CD   1 
ATOM   469  N  N    . VAL A 1 60  ? -4.298  -6.277  1.159   1.00 19.86 ? 87  VAL A N    1 
ATOM   470  C  CA   . VAL A 1 60  ? -5.669  -6.536  1.529   1.00 22.07 ? 87  VAL A CA   1 
ATOM   471  C  C    . VAL A 1 60  ? -5.929  -8.051  1.394   1.00 22.32 ? 87  VAL A C    1 
ATOM   472  O  O    . VAL A 1 60  ? -5.748  -8.646  0.329   1.00 20.02 ? 87  VAL A O    1 
ATOM   473  C  CB   . VAL A 1 60  ? -6.675  -5.724  0.730   1.00 23.20 ? 87  VAL A CB   1 
ATOM   474  C  CG1  . VAL A 1 60  ? -8.081  -6.184  1.059   1.00 23.24 ? 87  VAL A CG1  1 
ATOM   475  C  CG2  . VAL A 1 60  ? -6.532  -4.236  1.089   1.00 24.58 ? 87  VAL A CG2  1 
ATOM   476  N  N    . ASP A 1 61  ? -6.276  -8.663  2.518   1.00 22.00 ? 88  ASP A N    1 
ATOM   477  C  CA   . ASP A 1 61  ? -6.638  -10.091 2.572   1.00 24.60 ? 88  ASP A CA   1 
ATOM   478  C  C    . ASP A 1 61  ? -8.141  -10.146 2.470   1.00 23.58 ? 88  ASP A C    1 
ATOM   479  O  O    . ASP A 1 61  ? -8.853  -10.017 3.460   1.00 27.64 ? 88  ASP A O    1 
ATOM   480  C  CB   . ASP A 1 61  ? -6.135  -10.745 3.856   1.00 24.80 ? 88  ASP A CB   1 
ATOM   481  C  CG   . ASP A 1 61  ? -6.473  -12.255 3.906   1.00 28.20 ? 88  ASP A CG   1 
ATOM   482  O  OD1  . ASP A 1 61  ? -7.468  -12.692 3.301   1.00 27.17 ? 88  ASP A OD1  1 
ATOM   483  O  OD2  . ASP A 1 61  ? -5.726  -13.014 4.519   1.00 29.89 ? 88  ASP A OD2  1 
ATOM   484  N  N    . ALA A 1 62  ? -8.624  -10.265 1.245   1.00 22.86 ? 89  ALA A N    1 
ATOM   485  C  CA   . ALA A 1 62  ? -10.053 -10.219 0.934   1.00 24.30 ? 89  ALA A CA   1 
ATOM   486  C  C    . ALA A 1 62  ? -10.875 -11.390 1.492   1.00 24.95 ? 89  ALA A C    1 
ATOM   487  O  O    . ALA A 1 62  ? -12.108 -11.286 1.674   1.00 25.44 ? 89  ALA A O    1 
ATOM   488  C  CB   . ALA A 1 62  ? -10.238 -10.162 -0.573  1.00 21.15 ? 89  ALA A CB   1 
ATOM   489  N  N    . VAL A 1 63  ? -10.183 -12.502 1.698   1.00 27.26 ? 90  VAL A N    1 
ATOM   490  C  CA   . VAL A 1 63  ? -10.778 -13.696 2.271   1.00 29.45 ? 90  VAL A CA   1 
ATOM   491  C  C    . VAL A 1 63  ? -11.086 -13.425 3.739   1.00 29.50 ? 90  VAL A C    1 
ATOM   492  O  O    . VAL A 1 63  ? -12.249 -13.310 4.121   1.00 30.80 ? 90  VAL A O    1 
ATOM   493  C  CB   . VAL A 1 63  ? -9.841  -14.921 2.113   1.00 28.49 ? 90  VAL A CB   1 
ATOM   494  C  CG1  . VAL A 1 63  ? -10.430 -16.140 2.835   1.00 30.62 ? 90  VAL A CG1  1 
ATOM   495  C  CG2  . VAL A 1 63  ? -9.552  -15.215 0.614   1.00 26.74 ? 90  VAL A CG2  1 
ATOM   496  N  N    . LYS A 1 64  ? -10.026 -13.266 4.518   1.00 28.73 ? 91  LYS A N    1 
ATOM   497  C  CA   . LYS A 1 64  ? -10.124 -12.955 5.950   1.00 31.65 ? 91  LYS A CA   1 
ATOM   498  C  C    . LYS A 1 64  ? -11.076 -11.827 6.269   1.00 30.18 ? 91  LYS A C    1 
ATOM   499  O  O    . LYS A 1 64  ? -11.856 -11.907 7.233   1.00 29.50 ? 91  LYS A O    1 
ATOM   500  C  CB   . LYS A 1 64  ? -8.723  -12.608 6.473   1.00 34.74 ? 91  LYS A CB   1 
ATOM   501  C  CG   . LYS A 1 64  ? -8.612  -12.581 7.996   1.00 37.00 ? 91  LYS A CG   1 
ATOM   502  C  CD   . LYS A 1 64  ? -7.388  -11.809 8.421   1.00 35.14 ? 91  LYS A CD   1 
ATOM   503  C  CE   . LYS A 1 64  ? -7.582  -11.238 9.802   1.00 37.83 ? 91  LYS A CE   1 
ATOM   504  N  NZ   . LYS A 1 64  ? -6.279  -11.224 10.508  1.00 36.65 ? 91  LYS A NZ   1 
ATOM   505  N  N    . LEU A 1 65  ? -11.033 -10.731 5.498   1.00 24.93 ? 92  LEU A N    1 
ATOM   506  C  CA   . LEU A 1 65  ? -11.841 -9.572  5.847   1.00 24.83 ? 92  LEU A CA   1 
ATOM   507  C  C    . LEU A 1 65  ? -13.224 -9.562  5.209   1.00 25.44 ? 92  LEU A C    1 
ATOM   508  O  O    . LEU A 1 65  ? -13.956 -8.576  5.319   1.00 25.26 ? 92  LEU A O    1 
ATOM   509  C  CB   . LEU A 1 65  ? -11.077 -8.312  5.487   1.00 25.67 ? 92  LEU A CB   1 
ATOM   510  C  CG   . LEU A 1 65  ? -9.647  -8.144  6.003   1.00 24.76 ? 92  LEU A CG   1 
ATOM   511  C  CD1  . LEU A 1 65  ? -8.999  -6.982  5.254   1.00 25.75 ? 92  LEU A CD1  1 
ATOM   512  C  CD2  . LEU A 1 65  ? -9.625  -7.879  7.501   1.00 26.17 ? 92  LEU A CD2  1 
ATOM   513  N  N    . ASN A 1 66  ? -13.579 -10.642 4.506   1.00 27.59 ? 93  ASN A N    1 
ATOM   514  C  CA   . ASN A 1 66  ? -14.861 -10.766 3.850   1.00 28.68 ? 93  ASN A CA   1 
ATOM   515  C  C    . ASN A 1 66  ? -15.127 -9.662  2.885   1.00 26.45 ? 93  ASN A C    1 
ATOM   516  O  O    . ASN A 1 66  ? -16.175 -9.041  2.988   1.00 22.14 ? 93  ASN A O    1 
ATOM   517  C  CB   . ASN A 1 66  ? -15.997 -10.814 4.904   1.00 35.26 ? 93  ASN A CB   1 
ATOM   518  C  CG   . ASN A 1 66  ? -16.278 -12.199 5.388   1.00 43.13 ? 93  ASN A CG   1 
ATOM   519  O  OD1  . ASN A 1 66  ? -17.443 -12.528 5.742   1.00 50.10 ? 93  ASN A OD1  1 
ATOM   520  N  ND2  . ASN A 1 66  ? -15.247 -13.032 5.409   1.00 42.65 ? 93  ASN A ND2  1 
ATOM   521  N  N    . LEU A 1 67  ? -14.157 -9.368  1.989   1.00 25.75 ? 94  LEU A N    1 
ATOM   522  C  CA   . LEU A 1 67  ? -14.300 -8.291  0.985   1.00 26.63 ? 94  LEU A CA   1 
ATOM   523  C  C    . LEU A 1 67  ? -14.191 -8.954  -0.412  1.00 25.47 ? 94  LEU A C    1 
ATOM   524  O  O    . LEU A 1 67  ? -13.234 -8.717  -1.139  1.00 22.73 ? 94  LEU A O    1 
ATOM   525  C  CB   . LEU A 1 67  ? -13.222 -7.189  1.170   1.00 26.26 ? 94  LEU A CB   1 
ATOM   526  C  CG   . LEU A 1 67  ? -13.104 -6.605  2.607   1.00 29.59 ? 94  LEU A CG   1 
ATOM   527  C  CD1  . LEU A 1 67  ? -11.850 -5.733  2.751   1.00 30.21 ? 94  LEU A CD1  1 
ATOM   528  C  CD2  . LEU A 1 67  ? -14.363 -5.834  2.998   1.00 28.25 ? 94  LEU A CD2  1 
ATOM   529  N  N    . PRO A 1 68  ? -15.176 -9.812  -0.765  1.00 23.34 ? 95  PRO A N    1 
ATOM   530  C  CA   . PRO A 1 68  ? -15.058 -10.578 -1.991  1.00 22.58 ? 95  PRO A CA   1 
ATOM   531  C  C    . PRO A 1 68  ? -15.037 -9.759  -3.251  1.00 20.26 ? 95  PRO A C    1 
ATOM   532  O  O    . PRO A 1 68  ? -14.511 -10.205 -4.261  1.00 19.69 ? 95  PRO A O    1 
ATOM   533  C  CB   . PRO A 1 68  ? -16.289 -11.538 -1.949  1.00 22.93 ? 95  PRO A CB   1 
ATOM   534  C  CG   . PRO A 1 68  ? -17.207 -11.019 -0.891  1.00 23.05 ? 95  PRO A CG   1 
ATOM   535  C  CD   . PRO A 1 68  ? -16.338 -10.242 0.059   1.00 25.81 ? 95  PRO A CD   1 
ATOM   536  N  N    . ASP A 1 69  ? -15.558 -8.554  -3.190  1.00 19.36 ? 96  ASP A N    1 
ATOM   537  C  CA   . ASP A 1 69  ? -15.496 -7.605  -4.318  1.00 19.05 ? 96  ASP A CA   1 
ATOM   538  C  C    . ASP A 1 69  ? -14.206 -6.779  -4.387  1.00 16.86 ? 96  ASP A C    1 
ATOM   539  O  O    . ASP A 1 69  ? -14.029 -6.031  -5.320  1.00 17.18 ? 96  ASP A O    1 
ATOM   540  C  CB   . ASP A 1 69  ? -16.699 -6.642  -4.261  1.00 20.98 ? 96  ASP A CB   1 
ATOM   541  C  CG   . ASP A 1 69  ? -16.833 -5.908  -2.918  1.00 21.76 ? 96  ASP A CG   1 
ATOM   542  O  OD1  . ASP A 1 69  ? -16.136 -6.214  -1.945  1.00 21.79 ? 96  ASP A OD1  1 
ATOM   543  O  OD2  . ASP A 1 69  ? -17.684 -5.044  -2.810  1.00 28.09 ? 96  ASP A OD2  1 
ATOM   544  N  N    . TYR A 1 70  ? -13.306 -6.907  -3.410  1.00 17.20 ? 97  TYR A N    1 
ATOM   545  C  CA   . TYR A 1 70  ? -12.195 -5.943  -3.345  1.00 16.71 ? 97  TYR A CA   1 
ATOM   546  C  C    . TYR A 1 70  ? -11.357 -5.990  -4.632  1.00 16.24 ? 97  TYR A C    1 
ATOM   547  O  O    . TYR A 1 70  ? -11.132 -4.973  -5.314  1.00 15.54 ? 97  TYR A O    1 
ATOM   548  C  CB   . TYR A 1 70  ? -11.299 -6.242  -2.152  1.00 18.13 ? 97  TYR A CB   1 
ATOM   549  C  CG   . TYR A 1 70  ? -10.250 -5.139  -1.999  1.00 18.75 ? 97  TYR A CG   1 
ATOM   550  C  CD1  . TYR A 1 70  ? -10.597 -3.910  -1.420  1.00 19.98 ? 97  TYR A CD1  1 
ATOM   551  C  CD2  . TYR A 1 70  ? -8.972  -5.285  -2.531  1.00 17.68 ? 97  TYR A CD2  1 
ATOM   552  C  CE1  . TYR A 1 70  ? -9.664  -2.891  -1.272  1.00 20.18 ? 97  TYR A CE1  1 
ATOM   553  C  CE2  . TYR A 1 70  ? -8.022  -4.266  -2.435  1.00 19.64 ? 97  TYR A CE2  1 
ATOM   554  C  CZ   . TYR A 1 70  ? -8.355  -3.059  -1.800  1.00 19.24 ? 97  TYR A CZ   1 
ATOM   555  O  OH   . TYR A 1 70  ? -7.437  -2.037  -1.678  1.00 17.94 ? 97  TYR A OH   1 
ATOM   556  N  N    . TYR A 1 71  ? -10.901 -7.189  -4.960  1.00 17.68 ? 98  TYR A N    1 
ATOM   557  C  CA   . TYR A 1 71  ? -10.095 -7.364  -6.141  1.00 18.23 ? 98  TYR A CA   1 
ATOM   558  C  C    . TYR A 1 71  ? -10.868 -7.421  -7.460  1.00 19.42 ? 98  TYR A C    1 
ATOM   559  O  O    . TYR A 1 71  ? -10.227 -7.388  -8.532  1.00 18.37 ? 98  TYR A O    1 
ATOM   560  C  CB   . TYR A 1 71  ? -9.134  -8.540  -5.985  1.00 19.30 ? 98  TYR A CB   1 
ATOM   561  C  CG   . TYR A 1 71  ? -8.087  -8.286  -4.873  1.00 17.69 ? 98  TYR A CG   1 
ATOM   562  C  CD1  . TYR A 1 71  ? -7.108  -7.321  -5.018  1.00 18.51 ? 98  TYR A CD1  1 
ATOM   563  C  CD2  . TYR A 1 71  ? -8.129  -8.986  -3.672  1.00 18.56 ? 98  TYR A CD2  1 
ATOM   564  C  CE1  . TYR A 1 71  ? -6.173  -7.075  -3.999  1.00 17.06 ? 98  TYR A CE1  1 
ATOM   565  C  CE2  . TYR A 1 71  ? -7.183  -8.763  -2.670  1.00 18.22 ? 98  TYR A CE2  1 
ATOM   566  C  CZ   . TYR A 1 71  ? -6.205  -7.801  -2.849  1.00 17.51 ? 98  TYR A CZ   1 
ATOM   567  O  OH   . TYR A 1 71  ? -5.254  -7.562  -1.877  1.00 17.50 ? 98  TYR A OH   1 
ATOM   568  N  N    . LYS A 1 72  ? -12.203 -7.432  -7.402  1.00 19.17 ? 99  LYS A N    1 
ATOM   569  C  CA   . LYS A 1 72  ? -12.995 -7.056  -8.604  1.00 20.15 ? 99  LYS A CA   1 
ATOM   570  C  C    . LYS A 1 72  ? -12.895 -5.598  -8.933  1.00 22.12 ? 99  LYS A C    1 
ATOM   571  O  O    . LYS A 1 72  ? -13.044 -5.188  -10.094 1.00 21.74 ? 99  LYS A O    1 
ATOM   572  C  CB   . LYS A 1 72  ? -14.472 -7.396  -8.468  1.00 22.80 ? 99  LYS A CB   1 
ATOM   573  C  CG   . LYS A 1 72  ? -14.789 -8.825  -8.029  1.00 24.50 ? 99  LYS A CG   1 
ATOM   574  C  CD   . LYS A 1 72  ? -14.155 -9.853  -8.886  1.00 24.83 ? 99  LYS A CD   1 
ATOM   575  C  CE   . LYS A 1 72  ? -14.763 -11.229 -8.651  1.00 27.42 ? 99  LYS A CE   1 
ATOM   576  N  NZ   . LYS A 1 72  ? -14.016 -12.298 -9.376  1.00 29.11 ? 99  LYS A NZ   1 
ATOM   577  N  N    . ILE A 1 73  ? -12.689 -4.799  -7.891  1.00 21.42 ? 100 ILE A N    1 
ATOM   578  C  CA   . ILE A 1 73  ? -12.713 -3.351  -8.018  1.00 22.39 ? 100 ILE A CA   1 
ATOM   579  C  C    . ILE A 1 73  ? -11.290 -2.773  -8.094  1.00 20.37 ? 100 ILE A C    1 
ATOM   580  O  O    . ILE A 1 73  ? -11.055 -1.876  -8.880  1.00 18.57 ? 100 ILE A O    1 
ATOM   581  C  CB   . ILE A 1 73  ? -13.501 -2.758  -6.848  1.00 21.05 ? 100 ILE A CB   1 
ATOM   582  C  CG1  . ILE A 1 73  ? -15.017 -3.007  -7.033  1.00 21.45 ? 100 ILE A CG1  1 
ATOM   583  C  CG2  . ILE A 1 73  ? -13.238 -1.280  -6.633  1.00 21.67 ? 100 ILE A CG2  1 
ATOM   584  C  CD1  . ILE A 1 73  ? -15.738 -2.767  -5.707  1.00 20.24 ? 100 ILE A CD1  1 
ATOM   585  N  N    . ILE A 1 74  ? -10.395 -3.279  -7.254  1.00 18.07 ? 101 ILE A N    1 
ATOM   586  C  CA   . ILE A 1 74  ? -9.022  -2.785  -7.154  1.00 18.24 ? 101 ILE A CA   1 
ATOM   587  C  C    . ILE A 1 74  ? -8.103  -3.685  -7.955  1.00 18.40 ? 101 ILE A C    1 
ATOM   588  O  O    . ILE A 1 74  ? -7.855  -4.816  -7.561  1.00 20.25 ? 101 ILE A O    1 
ATOM   589  C  CB   . ILE A 1 74  ? -8.563  -2.704  -5.690  1.00 17.74 ? 101 ILE A CB   1 
ATOM   590  C  CG1  . ILE A 1 74  ? -9.543  -1.791  -4.906  1.00 17.62 ? 101 ILE A CG1  1 
ATOM   591  C  CG2  . ILE A 1 74  ? -7.059  -2.348  -5.609  1.00 18.04 ? 101 ILE A CG2  1 
ATOM   592  C  CD1  . ILE A 1 74  ? -9.678  -0.375  -5.439  1.00 18.37 ? 101 ILE A CD1  1 
ATOM   593  N  N    . LYS A 1 75  ? -7.619  -3.153  -9.090  1.00 18.73 ? 102 LYS A N    1 
ATOM   594  C  CA   . LYS A 1 75  ? -6.684  -3.830  -10.004 1.00 19.47 ? 102 LYS A CA   1 
ATOM   595  C  C    . LYS A 1 75  ? -5.191  -3.543  -9.825  1.00 20.07 ? 102 LYS A C    1 
ATOM   596  O  O    . LYS A 1 75  ? -4.349  -4.315  -10.330 1.00 17.60 ? 102 LYS A O    1 
ATOM   597  C  CB   . LYS A 1 75  ? -7.058  -3.557  -11.452 1.00 18.95 ? 102 LYS A CB   1 
ATOM   598  C  CG   . LYS A 1 75  ? -8.457  -4.003  -11.867 1.00 20.94 ? 102 LYS A CG   1 
ATOM   599  C  CD   . LYS A 1 75  ? -8.911  -5.311  -11.184 1.00 23.60 ? 102 LYS A CD   1 
ATOM   600  C  CE   . LYS A 1 75  ? -10.074 -5.941  -11.933 1.00 22.37 ? 102 LYS A CE   1 
ATOM   601  N  NZ   . LYS A 1 75  ? -10.409 -7.269  -11.429 1.00 24.25 ? 102 LYS A NZ   1 
ATOM   602  N  N    . THR A 1 76  ? -4.857  -2.478  -9.104  1.00 21.29 ? 103 THR A N    1 
ATOM   603  C  CA   . THR A 1 76  ? -3.463  -2.131  -8.771  1.00 22.76 ? 103 THR A CA   1 
ATOM   604  C  C    . THR A 1 76  ? -3.319  -1.979  -7.263  1.00 22.96 ? 103 THR A C    1 
ATOM   605  O  O    . THR A 1 76  ? -3.119  -0.888  -6.751  1.00 21.60 ? 103 THR A O    1 
ATOM   606  C  CB   . THR A 1 76  ? -2.983  -0.858  -9.504  1.00 27.43 ? 103 THR A CB   1 
ATOM   607  O  OG1  . THR A 1 76  ? -3.776  0.237   -9.088  1.00 36.39 ? 103 THR A OG1  1 
ATOM   608  C  CG2  . THR A 1 76  ? -3.116  -1.011  -11.014 1.00 25.47 ? 103 THR A CG2  1 
ATOM   609  N  N    . PRO A 1 77  ? -3.412  -3.094  -6.544  1.00 19.45 ? 104 PRO A N    1 
ATOM   610  C  CA   . PRO A 1 77  ? -3.310  -3.043  -5.100  1.00 18.83 ? 104 PRO A CA   1 
ATOM   611  C  C    . PRO A 1 77  ? -1.943  -2.565  -4.610  1.00 17.36 ? 104 PRO A C    1 
ATOM   612  O  O    . PRO A 1 77  ? -0.924  -2.857  -5.236  1.00 16.13 ? 104 PRO A O    1 
ATOM   613  C  CB   . PRO A 1 77  ? -3.448  -4.505  -4.680  1.00 20.31 ? 104 PRO A CB   1 
ATOM   614  C  CG   . PRO A 1 77  ? -3.271  -5.307  -5.907  1.00 20.72 ? 104 PRO A CG   1 
ATOM   615  C  CD   . PRO A 1 77  ? -3.632  -4.452  -7.058  1.00 20.00 ? 104 PRO A CD   1 
ATOM   616  N  N    . MET A 1 78  ? -1.915  -1.936  -3.445  1.00 15.71 ? 105 MET A N    1 
ATOM   617  C  CA   . MET A 1 78  ? -0.667  -1.479  -2.853  1.00 15.03 ? 105 MET A CA   1 
ATOM   618  C  C    . MET A 1 78  ? -0.912  -1.233  -1.390  1.00 15.80 ? 105 MET A C    1 
ATOM   619  O  O    . MET A 1 78  ? -1.997  -0.786  -0.993  1.00 19.12 ? 105 MET A O    1 
ATOM   620  C  CB   . MET A 1 78  ? -0.131  -0.196  -3.508  1.00 16.31 ? 105 MET A CB   1 
ATOM   621  C  CG   . MET A 1 78  ? 1.244   0.270   -3.024  1.00 17.09 ? 105 MET A CG   1 
ATOM   622  S  SD   . MET A 1 78  ? 2.494   -1.002  -3.211  1.00 18.76 ? 105 MET A SD   1 
ATOM   623  C  CE   . MET A 1 78  ? 2.339   -1.339  -4.979  1.00 18.49 ? 105 MET A CE   1 
ATOM   624  N  N    . ASP A 1 79  ? 0.116   -1.444  -0.597  1.00 14.69 ? 106 ASP A N    1 
ATOM   625  C  CA   . ASP A 1 79  ? -0.003  -1.331  0.853   1.00 15.48 ? 106 ASP A CA   1 
ATOM   626  C  C    . ASP A 1 79  ? 1.350   -0.905  1.366   1.00 15.74 ? 106 ASP A C    1 
ATOM   627  O  O    . ASP A 1 79  ? 2.372   -1.077  0.654   1.00 14.27 ? 106 ASP A O    1 
ATOM   628  C  CB   . ASP A 1 79  ? -0.424  -2.720  1.426   1.00 15.51 ? 106 ASP A CB   1 
ATOM   629  C  CG   . ASP A 1 79  ? 0.619   -3.773  1.159   1.00 17.24 ? 106 ASP A CG   1 
ATOM   630  O  OD1  . ASP A 1 79  ? 0.645   -4.336  0.037   1.00 17.49 ? 106 ASP A OD1  1 
ATOM   631  O  OD2  . ASP A 1 79  ? 1.452   -4.024  2.068   1.00 15.99 ? 106 ASP A OD2  1 
ATOM   632  N  N    . MET A 1 80  ? 1.418   -0.460  2.625   1.00 15.84 ? 107 MET A N    1 
ATOM   633  C  CA   . MET A 1 80  ? 2.668   0.004   3.177   1.00 17.85 ? 107 MET A CA   1 
ATOM   634  C  C    . MET A 1 80  ? 3.619   -1.116  3.539   1.00 17.86 ? 107 MET A C    1 
ATOM   635  O  O    . MET A 1 80  ? 4.817   -0.845  3.747   1.00 16.92 ? 107 MET A O    1 
ATOM   636  C  CB   . MET A 1 80  ? 2.470   0.863   4.455   1.00 19.42 ? 107 MET A CB   1 
ATOM   637  C  CG   . MET A 1 80  ? 1.974   2.263   4.238   1.00 22.77 ? 107 MET A CG   1 
ATOM   638  S  SD   . MET A 1 80  ? 2.303   3.323   5.707   1.00 23.79 ? 107 MET A SD   1 
ATOM   639  C  CE   . MET A 1 80  ? 1.342   2.509   6.942   1.00 25.44 ? 107 MET A CE   1 
ATOM   640  N  N    . GLY A 1 81  ? 3.119   -2.358  3.685   1.00 19.38 ? 108 GLY A N    1 
ATOM   641  C  CA   . GLY A 1 81  ? 4.058   -3.495  3.979   1.00 20.23 ? 108 GLY A CA   1 
ATOM   642  C  C    . GLY A 1 81  ? 4.934   -3.741  2.749   1.00 17.81 ? 108 GLY A C    1 
ATOM   643  O  O    . GLY A 1 81  ? 6.148   -3.889  2.831   1.00 16.87 ? 108 GLY A O    1 
ATOM   644  N  N    . THR A 1 82  ? 4.260   -3.750  1.579   1.00 17.37 ? 109 THR A N    1 
ATOM   645  C  CA   . THR A 1 82  ? 4.883   -3.816  0.279   1.00 16.86 ? 109 THR A CA   1 
ATOM   646  C  C    . THR A 1 82  ? 5.855   -2.663  0.050   1.00 16.42 ? 109 THR A C    1 
ATOM   647  O  O    . THR A 1 82  ? 7.014   -2.925  -0.325  1.00 15.36 ? 109 THR A O    1 
ATOM   648  C  CB   . THR A 1 82  ? 3.832   -3.906  -0.863  1.00 16.98 ? 109 THR A CB   1 
ATOM   649  O  OG1  . THR A 1 82  ? 3.095   -5.097  -0.653  1.00 16.93 ? 109 THR A OG1  1 
ATOM   650  C  CG2  . THR A 1 82  ? 4.488   -3.915  -2.218  1.00 17.64 ? 109 THR A CG2  1 
ATOM   651  N  N    . ILE A 1 83  ? 5.425   -1.427  0.343   1.00 16.08 ? 110 ILE A N    1 
ATOM   652  C  CA   . ILE A 1 83  ? 6.280   -0.277  0.211   1.00 16.31 ? 110 ILE A CA   1 
ATOM   653  C  C    . ILE A 1 83  ? 7.521   -0.454  1.140   1.00 16.03 ? 110 ILE A C    1 
ATOM   654  O  O    . ILE A 1 83  ? 8.668   -0.155  0.768   1.00 14.88 ? 110 ILE A O    1 
ATOM   655  C  CB   . ILE A 1 83  ? 5.563   1.058   0.522   1.00 15.25 ? 110 ILE A CB   1 
ATOM   656  C  CG1  . ILE A 1 83  ? 4.430   1.352   -0.523  1.00 16.70 ? 110 ILE A CG1  1 
ATOM   657  C  CG2  . ILE A 1 83  ? 6.545   2.217   0.514   1.00 14.98 ? 110 ILE A CG2  1 
ATOM   658  C  CD1  . ILE A 1 83  ? 3.484   2.438   -0.088  1.00 14.24 ? 110 ILE A CD1  1 
ATOM   659  N  N    . LYS A 1 84  ? 7.288   -0.885  2.358   1.00 18.06 ? 111 LYS A N    1 
ATOM   660  C  CA   . LYS A 1 84  ? 8.383   -1.051  3.310   1.00 18.71 ? 111 LYS A CA   1 
ATOM   661  C  C    . LYS A 1 84  ? 9.393   -2.111  2.846   1.00 19.95 ? 111 LYS A C    1 
ATOM   662  O  O    . LYS A 1 84  ? 10.593  -1.889  2.932   1.00 17.41 ? 111 LYS A O    1 
ATOM   663  C  CB   . LYS A 1 84  ? 7.815   -1.454  4.643   1.00 21.70 ? 111 LYS A CB   1 
ATOM   664  C  CG   . LYS A 1 84  ? 8.839   -1.601  5.777   1.00 25.25 ? 111 LYS A CG   1 
ATOM   665  C  CD   . LYS A 1 84  ? 8.079   -2.153  6.965   1.00 28.52 ? 111 LYS A CD   1 
ATOM   666  C  CE   . LYS A 1 84  ? 8.867   -2.033  8.247   1.00 33.19 ? 111 LYS A CE   1 
ATOM   667  N  NZ   . LYS A 1 84  ? 9.698   -3.234  8.342   1.00 34.53 ? 111 LYS A NZ   1 
ATOM   668  N  N    . LYS A 1 85  ? 8.910   -3.246  2.337   1.00 21.93 ? 112 LYS A N    1 
ATOM   669  C  CA   . LYS A 1 85  ? 9.790   -4.310  1.833   1.00 23.84 ? 112 LYS A CA   1 
ATOM   670  C  C    . LYS A 1 85  ? 10.586  -3.779  0.599   1.00 21.49 ? 112 LYS A C    1 
ATOM   671  O  O    . LYS A 1 85  ? 11.777  -4.051  0.467   1.00 17.42 ? 112 LYS A O    1 
ATOM   672  C  CB   . LYS A 1 85  ? 8.987   -5.578  1.441   1.00 28.73 ? 112 LYS A CB   1 
ATOM   673  C  CG   . LYS A 1 85  ? 8.325   -6.354  2.582   1.00 35.90 ? 112 LYS A CG   1 
ATOM   674  C  CD   . LYS A 1 85  ? 7.450   -7.551  2.155   1.00 43.18 ? 112 LYS A CD   1 
ATOM   675  C  CE   . LYS A 1 85  ? 6.043   -7.210  1.618   1.00 49.16 ? 112 LYS A CE   1 
ATOM   676  N  NZ   . LYS A 1 85  ? 4.819   -7.676  2.360   1.00 52.50 ? 112 LYS A NZ   1 
ATOM   677  N  N    . ARG A 1 86  ? 9.926   -2.997  -0.277  1.00 18.51 ? 113 ARG A N    1 
ATOM   678  C  CA   . ARG A 1 86  ? 10.584  -2.363  -1.444  1.00 16.22 ? 113 ARG A CA   1 
ATOM   679  C  C    . ARG A 1 86  ? 11.699  -1.438  -1.033  1.00 17.37 ? 113 ARG A C    1 
ATOM   680  O  O    . ARG A 1 86  ? 12.817  -1.468  -1.618  1.00 15.53 ? 113 ARG A O    1 
ATOM   681  C  CB   . ARG A 1 86  ? 9.556   -1.604  -2.326  1.00 15.37 ? 113 ARG A CB   1 
ATOM   682  C  CG   . ARG A 1 86  ? 8.700   -2.541  -3.183  1.00 14.73 ? 113 ARG A CG   1 
ATOM   683  C  CD   . ARG A 1 86  ? 7.632   -1.827  -3.989  1.00 15.55 ? 113 ARG A CD   1 
ATOM   684  N  NE   . ARG A 1 86  ? 6.929   -2.793  -4.805  1.00 15.93 ? 113 ARG A NE   1 
ATOM   685  C  CZ   . ARG A 1 86  ? 6.175   -2.530  -5.864  1.00 16.41 ? 113 ARG A CZ   1 
ATOM   686  N  NH1  . ARG A 1 86  ? 5.938   -1.286  -6.236  1.00 15.34 ? 113 ARG A NH1  1 
ATOM   687  N  NH2  . ARG A 1 86  ? 5.621   -3.542  -6.519  1.00 16.43 ? 113 ARG A NH2  1 
ATOM   688  N  N    . LEU A 1 87  ? 11.425  -0.593  -0.043  1.00 16.24 ? 114 LEU A N    1 
ATOM   689  C  CA   . LEU A 1 87  ? 12.457  0.326   0.470   1.00 18.81 ? 114 LEU A CA   1 
ATOM   690  C  C    . LEU A 1 87  ? 13.626  -0.429  1.094   1.00 19.60 ? 114 LEU A C    1 
ATOM   691  O  O    . LEU A 1 87  ? 14.764  -0.126  0.803   1.00 20.03 ? 114 LEU A O    1 
ATOM   692  C  CB   . LEU A 1 87  ? 11.874  1.336   1.471   1.00 19.25 ? 114 LEU A CB   1 
ATOM   693  C  CG   . LEU A 1 87  ? 10.979  2.423   0.880   1.00 20.95 ? 114 LEU A CG   1 
ATOM   694  C  CD1  . LEU A 1 87  ? 10.243  3.166   1.986   1.00 21.82 ? 114 LEU A CD1  1 
ATOM   695  C  CD2  . LEU A 1 87  ? 11.765  3.386   -0.056  1.00 20.51 ? 114 LEU A CD2  1 
ATOM   696  N  N    . GLU A 1 88  ? 13.336  -1.440  1.890   1.00 21.10 ? 115 GLU A N    1 
ATOM   697  C  CA   . GLU A 1 88  ? 14.392  -2.285  2.533   1.00 22.97 ? 115 GLU A CA   1 
ATOM   698  C  C    . GLU A 1 88  ? 15.266  -3.034  1.513   1.00 23.12 ? 115 GLU A C    1 
ATOM   699  O  O    . GLU A 1 88  ? 16.467  -3.128  1.683   1.00 24.19 ? 115 GLU A O    1 
ATOM   700  C  CB   . GLU A 1 88  ? 13.725  -3.299  3.455   1.00 24.99 ? 115 GLU A CB   1 
ATOM   701  C  CG   . GLU A 1 88  ? 13.216  -2.615  4.699   1.00 27.72 ? 115 GLU A CG   1 
ATOM   702  C  CD   . GLU A 1 88  ? 12.354  -3.490  5.624   1.00 28.51 ? 115 GLU A CD   1 
ATOM   703  O  OE1  . GLU A 1 88  ? 11.934  -4.596  5.279   1.00 29.31 ? 115 GLU A OE1  1 
ATOM   704  O  OE2  . GLU A 1 88  ? 12.073  -3.018  6.727   1.00 32.08 ? 115 GLU A OE2  1 
ATOM   705  N  N    . ASN A 1 89  ? 14.634  -3.482  0.425   1.00 22.70 ? 116 ASN A N    1 
ATOM   706  C  CA   . ASN A 1 89  ? 15.281  -4.151  -0.710  1.00 22.60 ? 116 ASN A CA   1 
ATOM   707  C  C    . ASN A 1 89  ? 15.851  -3.230  -1.777  1.00 21.40 ? 116 ASN A C    1 
ATOM   708  O  O    . ASN A 1 89  ? 16.250  -3.716  -2.825  1.00 24.69 ? 116 ASN A O    1 
ATOM   709  C  CB   . ASN A 1 89  ? 14.286  -5.108  -1.406  1.00 23.67 ? 116 ASN A CB   1 
ATOM   710  C  CG   . ASN A 1 89  ? 13.838  -6.245  -0.533  1.00 27.45 ? 116 ASN A CG   1 
ATOM   711  O  OD1  . ASN A 1 89  ? 14.320  -6.426  0.580   1.00 29.80 ? 116 ASN A OD1  1 
ATOM   712  N  ND2  . ASN A 1 89  ? 12.852  -7.002  -1.025  1.00 25.87 ? 116 ASN A ND2  1 
ATOM   713  N  N    . ASN A 1 90  ? 15.877  -1.923  -1.566  1.00 21.03 ? 117 ASN A N    1 
ATOM   714  C  CA   . ASN A 1 90  ? 16.377  -0.946  -2.531  1.00 22.77 ? 117 ASN A CA   1 
ATOM   715  C  C    . ASN A 1 90  ? 15.752  -1.070  -3.928  1.00 21.65 ? 117 ASN A C    1 
ATOM   716  O  O    . ASN A 1 90  ? 16.421  -0.801  -4.937  1.00 23.44 ? 117 ASN A O    1 
ATOM   717  C  CB   . ASN A 1 90  ? 17.921  -0.943  -2.606  1.00 25.39 ? 117 ASN A CB   1 
ATOM   718  C  CG   . ASN A 1 90  ? 18.609  -0.709  -1.237  1.00 26.51 ? 117 ASN A CG   1 
ATOM   719  O  OD1  . ASN A 1 90  ? 18.412  0.301   -0.565  1.00 27.13 ? 117 ASN A OD1  1 
ATOM   720  N  ND2  . ASN A 1 90  ? 19.481  -1.627  -0.874  1.00 31.18 ? 117 ASN A ND2  1 
ATOM   721  N  N    . TYR A 1 91  ? 14.463  -1.451  -3.960  1.00 18.83 ? 118 TYR A N    1 
ATOM   722  C  CA   . TYR A 1 91  ? 13.711  -1.737  -5.197  1.00 18.22 ? 118 TYR A CA   1 
ATOM   723  C  C    . TYR A 1 91  ? 13.547  -0.567  -6.115  1.00 16.62 ? 118 TYR A C    1 
ATOM   724  O  O    . TYR A 1 91  ? 13.345  -0.737  -7.317  1.00 15.79 ? 118 TYR A O    1 
ATOM   725  C  CB   . TYR A 1 91  ? 12.337  -2.246  -4.801  1.00 18.23 ? 118 TYR A CB   1 
ATOM   726  C  CG   . TYR A 1 91  ? 11.370  -2.580  -5.886  1.00 16.99 ? 118 TYR A CG   1 
ATOM   727  C  CD1  . TYR A 1 91  ? 11.311  -3.883  -6.417  1.00 18.44 ? 118 TYR A CD1  1 
ATOM   728  C  CD2  . TYR A 1 91  ? 10.446  -1.670  -6.289  1.00 18.06 ? 118 TYR A CD2  1 
ATOM   729  C  CE1  . TYR A 1 91  ? 10.388  -4.210  -7.370  1.00 18.82 ? 118 TYR A CE1  1 
ATOM   730  C  CE2  . TYR A 1 91  ? 9.492   -1.990  -7.254  1.00 18.35 ? 118 TYR A CE2  1 
ATOM   731  C  CZ   . TYR A 1 91  ? 9.488   -3.279  -7.774  1.00 19.12 ? 118 TYR A CZ   1 
ATOM   732  O  OH   . TYR A 1 91  ? 8.559   -3.602  -8.729  1.00 24.92 ? 118 TYR A OH   1 
ATOM   733  N  N    . TYR A 1 92  ? 13.557  0.636   -5.534  1.00 17.04 ? 119 TYR A N    1 
ATOM   734  C  CA   . TYR A 1 92  ? 13.249  1.821   -6.276  1.00 16.62 ? 119 TYR A CA   1 
ATOM   735  C  C    . TYR A 1 92  ? 14.458  2.482   -6.976  1.00 16.05 ? 119 TYR A C    1 
ATOM   736  O  O    . TYR A 1 92  ? 15.575  2.455   -6.527  1.00 17.95 ? 119 TYR A O    1 
ATOM   737  C  CB   . TYR A 1 92  ? 12.538  2.853   -5.381  1.00 16.36 ? 119 TYR A CB   1 
ATOM   738  C  CG   . TYR A 1 92  ? 11.200  2.406   -4.822  1.00 16.64 ? 119 TYR A CG   1 
ATOM   739  C  CD1  . TYR A 1 92  ? 10.057  2.293   -5.638  1.00 16.00 ? 119 TYR A CD1  1 
ATOM   740  C  CD2  . TYR A 1 92  ? 11.048  2.169   -3.453  1.00 16.02 ? 119 TYR A CD2  1 
ATOM   741  C  CE1  . TYR A 1 92  ? 8.830   1.962   -5.091  1.00 16.18 ? 119 TYR A CE1  1 
ATOM   742  C  CE2  . TYR A 1 92  ? 9.838   1.834   -2.911  1.00 15.05 ? 119 TYR A CE2  1 
ATOM   743  C  CZ   . TYR A 1 92  ? 8.731   1.748   -3.683  1.00 16.50 ? 119 TYR A CZ   1 
ATOM   744  O  OH   . TYR A 1 92  ? 7.544   1.398   -3.052  1.00 17.33 ? 119 TYR A OH   1 
ATOM   745  N  N    . TRP A 1 93  ? 14.163  3.165   -8.051  1.00 15.46 ? 120 TRP A N    1 
ATOM   746  C  CA   . TRP A 1 93  ? 15.140  4.006   -8.735  1.00 17.45 ? 120 TRP A CA   1 
ATOM   747  C  C    . TRP A 1 93  ? 15.131  5.452   -8.263  1.00 16.45 ? 120 TRP A C    1 
ATOM   748  O  O    . TRP A 1 93  ? 16.157  6.143   -8.231  1.00 15.89 ? 120 TRP A O    1 
ATOM   749  C  CB   . TRP A 1 93  ? 14.801  3.988   -10.222 1.00 18.02 ? 120 TRP A CB   1 
ATOM   750  C  CG   . TRP A 1 93  ? 15.697  4.864   -11.086 1.00 18.71 ? 120 TRP A CG   1 
ATOM   751  C  CD1  . TRP A 1 93  ? 15.396  6.106   -11.586 1.00 19.44 ? 120 TRP A CD1  1 
ATOM   752  C  CD2  . TRP A 1 93  ? 17.007  4.553   -11.558 1.00 18.71 ? 120 TRP A CD2  1 
ATOM   753  N  NE1  . TRP A 1 93  ? 16.443  6.577   -12.344 1.00 19.27 ? 120 TRP A NE1  1 
ATOM   754  C  CE2  . TRP A 1 93  ? 17.428  5.645   -12.376 1.00 19.05 ? 120 TRP A CE2  1 
ATOM   755  C  CE3  . TRP A 1 93  ? 17.860  3.443   -11.425 1.00 19.12 ? 120 TRP A CE3  1 
ATOM   756  C  CZ2  . TRP A 1 93  ? 18.658  5.648   -13.054 1.00 20.85 ? 120 TRP A CZ2  1 
ATOM   757  C  CZ3  . TRP A 1 93  ? 19.094  3.468   -12.082 1.00 18.78 ? 120 TRP A CZ3  1 
ATOM   758  C  CH2  . TRP A 1 93  ? 19.479  4.572   -12.876 1.00 18.58 ? 120 TRP A CH2  1 
ATOM   759  N  N    . ASN A 1 94  ? 13.959  5.952   -7.935  1.00 17.34 ? 121 ASN A N    1 
ATOM   760  C  CA   . ASN A 1 94  ? 13.839  7.329   -7.404  1.00 17.74 ? 121 ASN A CA   1 
ATOM   761  C  C    . ASN A 1 94  ? 12.643  7.459   -6.463  1.00 17.00 ? 121 ASN A C    1 
ATOM   762  O  O    . ASN A 1 94  ? 11.835  6.531   -6.351  1.00 17.04 ? 121 ASN A O    1 
ATOM   763  C  CB   . ASN A 1 94  ? 13.768  8.320   -8.593  1.00 17.87 ? 121 ASN A CB   1 
ATOM   764  C  CG   . ASN A 1 94  ? 12.508  8.160   -9.423  1.00 19.78 ? 121 ASN A CG   1 
ATOM   765  O  OD1  . ASN A 1 94  ? 11.489  7.620   -8.978  1.00 17.73 ? 121 ASN A OD1  1 
ATOM   766  N  ND2  . ASN A 1 94  ? 12.565  8.635   -10.638 1.00 19.39 ? 121 ASN A ND2  1 
ATOM   767  N  N    . ALA A 1 95  ? 12.543  8.612   -5.806  1.00 19.13 ? 122 ALA A N    1 
ATOM   768  C  CA   . ALA A 1 95  ? 11.514  8.909   -4.830  1.00 19.36 ? 122 ALA A CA   1 
ATOM   769  C  C    . ALA A 1 95  ? 10.144  8.847   -5.470  1.00 17.78 ? 122 ALA A C    1 
ATOM   770  O  O    . ALA A 1 95  ? 9.197   8.375   -4.865  1.00 16.49 ? 122 ALA A O    1 
ATOM   771  C  CB   . ALA A 1 95  ? 11.750  10.280  -4.200  1.00 20.07 ? 122 ALA A CB   1 
ATOM   772  N  N    . GLN A 1 96  ? 10.061  9.283   -6.706  1.00 17.49 ? 123 GLN A N    1 
ATOM   773  C  CA   . GLN A 1 96  ? 8.799   9.323   -7.406  1.00 18.49 ? 123 GLN A CA   1 
ATOM   774  C  C    . GLN A 1 96  ? 8.120   7.968   -7.475  1.00 16.22 ? 123 GLN A C    1 
ATOM   775  O  O    . GLN A 1 96  ? 6.923   7.907   -7.305  1.00 13.46 ? 123 GLN A O    1 
ATOM   776  C  CB   . GLN A 1 96  ? 8.951   9.884   -8.821  1.00 21.74 ? 123 GLN A CB   1 
ATOM   777  C  CG   . GLN A 1 96  ? 7.614   10.235  -9.515  1.00 26.47 ? 123 GLN A CG   1 
ATOM   778  C  CD   . GLN A 1 96  ? 6.903   9.069   -10.175 1.00 34.35 ? 123 GLN A CD   1 
ATOM   779  O  OE1  . GLN A 1 96  ? 7.546   8.118   -10.650 1.00 37.87 ? 123 GLN A OE1  1 
ATOM   780  N  NE2  . GLN A 1 96  ? 5.538   9.111   -10.191 1.00 42.76 ? 123 GLN A NE2  1 
ATOM   781  N  N    . GLU A 1 97  ? 8.882   6.919   -7.799  1.00 14.04 ? 124 GLU A N    1 
ATOM   782  C  CA   . GLU A 1 97  ? 8.341   5.549   -7.796  1.00 15.60 ? 124 GLU A CA   1 
ATOM   783  C  C    . GLU A 1 97  ? 7.765   5.158   -6.417  1.00 14.76 ? 124 GLU A C    1 
ATOM   784  O  O    . GLU A 1 97  ? 6.722   4.516   -6.316  1.00 15.15 ? 124 GLU A O    1 
ATOM   785  C  CB   . GLU A 1 97  ? 9.389   4.513   -8.209  1.00 16.04 ? 124 GLU A CB   1 
ATOM   786  C  CG   . GLU A 1 97  ? 9.956   4.713   -9.633  1.00 19.12 ? 124 GLU A CG   1 
ATOM   787  C  CD   . GLU A 1 97  ? 10.946  3.627   -10.015 1.00 19.14 ? 124 GLU A CD   1 
ATOM   788  O  OE1  . GLU A 1 97  ? 11.548  3.009   -9.123  1.00 20.17 ? 124 GLU A OE1  1 
ATOM   789  O  OE2  . GLU A 1 97  ? 11.167  3.401   -11.233 1.00 21.76 ? 124 GLU A OE2  1 
ATOM   790  N  N    . CYS A 1 98  ? 8.459   5.516   -5.354  1.00 15.74 ? 125 CYS A N    1 
ATOM   791  C  CA   . CYS A 1 98  ? 7.992   5.181   -4.042  1.00 15.51 ? 125 CYS A CA   1 
ATOM   792  C  C    . CYS A 1 98  ? 6.709   5.979   -3.699  1.00 17.02 ? 125 CYS A C    1 
ATOM   793  O  O    . CYS A 1 98  ? 5.672   5.432   -3.234  1.00 15.63 ? 125 CYS A O    1 
ATOM   794  C  CB   . CYS A 1 98  ? 9.089   5.421   -3.015  1.00 16.50 ? 125 CYS A CB   1 
ATOM   795  S  SG   . CYS A 1 98  ? 8.484   5.070   -1.332  1.00 17.83 ? 125 CYS A SG   1 
ATOM   796  N  N    . ILE A 1 99  ? 6.750   7.254   -4.035  1.00 16.86 ? 126 ILE A N    1 
ATOM   797  C  CA   . ILE A 1 99  ? 5.605   8.135   -3.820  1.00 17.10 ? 126 ILE A CA   1 
ATOM   798  C  C    . ILE A 1 99  ? 4.344   7.716   -4.554  1.00 15.75 ? 126 ILE A C    1 
ATOM   799  O  O    . ILE A 1 99  ? 3.233   7.809   -3.986  1.00 14.35 ? 126 ILE A O    1 
ATOM   800  C  CB   . ILE A 1 99  ? 5.974   9.622   -4.107  1.00 16.84 ? 126 ILE A CB   1 
ATOM   801  C  CG1  . ILE A 1 99  ? 6.973   10.109  -3.059  1.00 16.50 ? 126 ILE A CG1  1 
ATOM   802  C  CG2  . ILE A 1 99  ? 4.703   10.483  -4.052  1.00 17.60 ? 126 ILE A CG2  1 
ATOM   803  C  CD1  . ILE A 1 99  ? 7.636   11.468  -3.267  1.00 17.31 ? 126 ILE A CD1  1 
ATOM   804  N  N    . GLN A 1 100 ? 4.499   7.227   -5.783  1.00 16.04 ? 127 GLN A N    1 
ATOM   805  C  CA   . GLN A 1 100 ? 3.354   6.744   -6.541  1.00 17.23 ? 127 GLN A CA   1 
ATOM   806  C  C    . GLN A 1 100 ? 2.735   5.553   -5.850  1.00 16.05 ? 127 GLN A C    1 
ATOM   807  O  O    . GLN A 1 100 ? 1.537   5.386   -5.883  1.00 14.91 ? 127 GLN A O    1 
ATOM   808  C  CB   . GLN A 1 100 ? 3.814   6.345   -7.916  1.00 23.14 ? 127 GLN A CB   1 
ATOM   809  C  CG   . GLN A 1 100 ? 2.702   6.185   -8.953  1.00 31.96 ? 127 GLN A CG   1 
ATOM   810  C  CD   . GLN A 1 100 ? 3.203   6.555   -10.351 1.00 41.94 ? 127 GLN A CD   1 
ATOM   811  O  OE1  . GLN A 1 100 ? 4.387   6.936   -10.526 1.00 43.80 ? 127 GLN A OE1  1 
ATOM   812  N  NE2  . GLN A 1 100 ? 2.305   6.476   -11.357 1.00 49.82 ? 127 GLN A NE2  1 
ATOM   813  N  N    . ASP A 1 101 ? 3.558   4.686   -5.272  1.00 13.61 ? 128 ASP A N    1 
ATOM   814  C  CA   . ASP A 1 101 ? 3.002   3.547   -4.523  1.00 14.74 ? 128 ASP A CA   1 
ATOM   815  C  C    . ASP A 1 101 ? 2.131   4.043   -3.371  1.00 13.75 ? 128 ASP A C    1 
ATOM   816  O  O    . ASP A 1 101 ? 1.049   3.505   -3.171  1.00 14.03 ? 128 ASP A O    1 
ATOM   817  C  CB   . ASP A 1 101 ? 4.078   2.583   -4.019  1.00 13.51 ? 128 ASP A CB   1 
ATOM   818  C  CG   . ASP A 1 101 ? 4.667   1.720   -5.097  1.00 15.14 ? 128 ASP A CG   1 
ATOM   819  O  OD1  . ASP A 1 101 ? 4.101   1.619   -6.236  1.00 14.97 ? 128 ASP A OD1  1 
ATOM   820  O  OD2  . ASP A 1 101 ? 5.759   1.100   -4.825  1.00 14.41 ? 128 ASP A OD2  1 
ATOM   821  N  N    . PHE A 1 102 ? 2.591   5.048   -2.594  1.00 14.93 ? 129 PHE A N    1 
ATOM   822  C  CA   . PHE A 1 102 ? 1.783   5.592   -1.462  1.00 14.88 ? 129 PHE A CA   1 
ATOM   823  C  C    . PHE A 1 102 ? 0.479   6.170   -2.028  1.00 14.87 ? 129 PHE A C    1 
ATOM   824  O  O    . PHE A 1 102 ? -0.587  5.932   -1.499  1.00 14.07 ? 129 PHE A O    1 
ATOM   825  C  CB   . PHE A 1 102 ? 2.510   6.710   -0.670  1.00 15.73 ? 129 PHE A CB   1 
ATOM   826  C  CG   . PHE A 1 102 ? 3.453   6.226   0.384   1.00 16.83 ? 129 PHE A CG   1 
ATOM   827  C  CD1  . PHE A 1 102 ? 2.994   5.909   1.654   1.00 17.85 ? 129 PHE A CD1  1 
ATOM   828  C  CD2  . PHE A 1 102 ? 4.808   6.169   0.132   1.00 16.77 ? 129 PHE A CD2  1 
ATOM   829  C  CE1  . PHE A 1 102 ? 3.881   5.524   2.656   1.00 20.26 ? 129 PHE A CE1  1 
ATOM   830  C  CE2  . PHE A 1 102 ? 5.695   5.778   1.096   1.00 18.94 ? 129 PHE A CE2  1 
ATOM   831  C  CZ   . PHE A 1 102 ? 5.224   5.457   2.378   1.00 20.78 ? 129 PHE A CZ   1 
ATOM   832  N  N    . ASN A 1 103 ? 0.573   6.894   -3.129  1.00 15.86 ? 130 ASN A N    1 
ATOM   833  C  CA   . ASN A 1 103 ? -0.605  7.507   -3.747  1.00 17.42 ? 130 ASN A CA   1 
ATOM   834  C  C    . ASN A 1 103 ? -1.635  6.430   -4.192  1.00 17.99 ? 130 ASN A C    1 
ATOM   835  O  O    . ASN A 1 103 ? -2.844  6.604   -3.993  1.00 16.49 ? 130 ASN A O    1 
ATOM   836  C  CB   . ASN A 1 103 ? -0.250  8.289   -4.992  1.00 19.09 ? 130 ASN A CB   1 
ATOM   837  C  CG   . ASN A 1 103 ? 0.568   9.537   -4.720  1.00 23.01 ? 130 ASN A CG   1 
ATOM   838  O  OD1  . ASN A 1 103 ? 0.614   10.061  -3.593  1.00 22.45 ? 130 ASN A OD1  1 
ATOM   839  N  ND2  . ASN A 1 103 ? 1.211   10.039  -5.785  1.00 23.03 ? 130 ASN A ND2  1 
ATOM   840  N  N    . THR A 1 104 ? -1.126  5.360   -4.828  1.00 16.36 ? 131 THR A N    1 
ATOM   841  C  CA   . THR A 1 104 ? -1.941  4.194   -5.174  1.00 15.49 ? 131 THR A CA   1 
ATOM   842  C  C    . THR A 1 104 ? -2.692  3.636   -3.987  1.00 14.06 ? 131 THR A C    1 
ATOM   843  O  O    . THR A 1 104 ? -3.850  3.358   -4.079  1.00 13.95 ? 131 THR A O    1 
ATOM   844  C  CB   . THR A 1 104 ? -1.109  3.075   -5.869  1.00 15.43 ? 131 THR A CB   1 
ATOM   845  O  OG1  . THR A 1 104 ? -0.508  3.662   -7.032  1.00 16.53 ? 131 THR A OG1  1 
ATOM   846  C  CG2  . THR A 1 104 ? -2.013  1.882   -6.256  1.00 15.35 ? 131 THR A CG2  1 
ATOM   847  N  N    . MET A 1 105 ? -1.982  3.361   -2.921  1.00 14.24 ? 132 MET A N    1 
ATOM   848  C  CA   . MET A 1 105 ? -2.569  2.798   -1.711  1.00 14.89 ? 132 MET A CA   1 
ATOM   849  C  C    . MET A 1 105 ? -3.739  3.669   -1.197  1.00 15.35 ? 132 MET A C    1 
ATOM   850  O  O    . MET A 1 105 ? -4.839  3.164   -0.867  1.00 14.33 ? 132 MET A O    1 
ATOM   851  C  CB   . MET A 1 105 ? -1.463  2.635   -0.650  1.00 14.48 ? 132 MET A CB   1 
ATOM   852  C  CG   . MET A 1 105 ? -1.990  2.260   0.704   1.00 15.94 ? 132 MET A CG   1 
ATOM   853  S  SD   . MET A 1 105 ? -0.722  2.229   1.972   1.00 19.44 ? 132 MET A SD   1 
ATOM   854  C  CE   . MET A 1 105 ? -0.515  3.970   2.289   1.00 19.02 ? 132 MET A CE   1 
ATOM   855  N  N    . PHE A 1 106 ? -3.510  4.985   -1.146  1.00 16.57 ? 133 PHE A N    1 
ATOM   856  C  CA   . PHE A 1 106 ? -4.551  5.916   -0.652  1.00 17.00 ? 133 PHE A CA   1 
ATOM   857  C  C    . PHE A 1 106 ? -5.752  5.924   -1.586  1.00 18.37 ? 133 PHE A C    1 
ATOM   858  O  O    . PHE A 1 106 ? -6.899  5.819   -1.125  1.00 15.88 ? 133 PHE A O    1 
ATOM   859  C  CB   . PHE A 1 106 ? -3.982  7.355   -0.512  1.00 18.20 ? 133 PHE A CB   1 
ATOM   860  C  CG   . PHE A 1 106 ? -2.981  7.490   0.631   1.00 17.39 ? 133 PHE A CG   1 
ATOM   861  C  CD1  . PHE A 1 106 ? -3.325  7.126   1.888   1.00 17.99 ? 133 PHE A CD1  1 
ATOM   862  C  CD2  . PHE A 1 106 ? -1.769  8.054   0.437   1.00 18.76 ? 133 PHE A CD2  1 
ATOM   863  C  CE1  . PHE A 1 106 ? -2.448  7.212   2.938   1.00 18.64 ? 133 PHE A CE1  1 
ATOM   864  C  CE2  . PHE A 1 106 ? -0.882  8.215   1.496   1.00 18.36 ? 133 PHE A CE2  1 
ATOM   865  C  CZ   . PHE A 1 106 ? -1.213  7.798   2.737   1.00 18.24 ? 133 PHE A CZ   1 
ATOM   866  N  N    . THR A 1 107 ? -5.482  6.055   -2.884  1.00 18.64 ? 134 THR A N    1 
ATOM   867  C  CA   . THR A 1 107 ? -6.505  6.100   -3.897  1.00 18.81 ? 134 THR A CA   1 
ATOM   868  C  C    . THR A 1 107 ? -7.356  4.825   -3.918  1.00 18.47 ? 134 THR A C    1 
ATOM   869  O  O    . THR A 1 107 ? -8.612  4.899   -3.944  1.00 17.54 ? 134 THR A O    1 
ATOM   870  C  CB   . THR A 1 107 ? -5.899  6.367   -5.292  1.00 21.35 ? 134 THR A CB   1 
ATOM   871  O  OG1  . THR A 1 107 ? -5.266  7.645   -5.307  1.00 21.68 ? 134 THR A OG1  1 
ATOM   872  C  CG2  . THR A 1 107 ? -6.967  6.338   -6.375  1.00 23.76 ? 134 THR A CG2  1 
ATOM   873  N  N    . ASN A 1 108 ? -6.714  3.671   -3.828  1.00 16.55 ? 135 ASN A N    1 
ATOM   874  C  CA   . ASN A 1 108 ? -7.463  2.426   -3.676  1.00 15.97 ? 135 ASN A CA   1 
ATOM   875  C  C    . ASN A 1 108 ? -8.483  2.461   -2.567  1.00 17.87 ? 135 ASN A C    1 
ATOM   876  O  O    . ASN A 1 108 ? -9.615  2.036   -2.786  1.00 16.84 ? 135 ASN A O    1 
ATOM   877  C  CB   . ASN A 1 108 ? -6.600  1.195   -3.498  1.00 16.00 ? 135 ASN A CB   1 
ATOM   878  C  CG   . ASN A 1 108 ? -5.718  0.929   -4.698  1.00 16.70 ? 135 ASN A CG   1 
ATOM   879  O  OD1  . ASN A 1 108 ? -5.993  1.379   -5.813  1.00 15.39 ? 135 ASN A OD1  1 
ATOM   880  N  ND2  . ASN A 1 108 ? -4.643  0.175   -4.456  1.00 14.32 ? 135 ASN A ND2  1 
ATOM   881  N  N    . CYS A 1 109 ? -8.065  2.959   -1.393  1.00 17.29 ? 136 CYS A N    1 
ATOM   882  C  CA   . CYS A 1 109 ? -8.927  3.022   -0.231  1.00 19.17 ? 136 CYS A CA   1 
ATOM   883  C  C    . CYS A 1 109 ? -10.146 3.956   -0.499  1.00 19.24 ? 136 CYS A C    1 
ATOM   884  O  O    . CYS A 1 109 ? -11.273 3.581   -0.169  1.00 16.95 ? 136 CYS A O    1 
ATOM   885  C  CB   . CYS A 1 109 ? -8.135  3.456   0.963   1.00 18.67 ? 136 CYS A CB   1 
ATOM   886  S  SG   . CYS A 1 109 ? -9.106  3.533   2.467   1.00 21.51 ? 136 CYS A SG   1 
ATOM   887  N  N    . TYR A 1 110 ? -9.888  5.091   -1.178  1.00 17.94 ? 137 TYR A N    1 
ATOM   888  C  CA   . TYR A 1 110 ? -10.953 6.051   -1.545  1.00 18.87 ? 137 TYR A CA   1 
ATOM   889  C  C    . TYR A 1 110 ? -11.890 5.531   -2.608  1.00 19.17 ? 137 TYR A C    1 
ATOM   890  O  O    . TYR A 1 110 ? -13.066 5.878   -2.580  1.00 18.13 ? 137 TYR A O    1 
ATOM   891  C  CB   . TYR A 1 110 ? -10.390 7.412   -1.920  1.00 17.85 ? 137 TYR A CB   1 
ATOM   892  C  CG   . TYR A 1 110 ? -9.430  8.015   -0.895  1.00 19.20 ? 137 TYR A CG   1 
ATOM   893  C  CD1  . TYR A 1 110 ? -9.601  7.833   0.503   1.00 20.38 ? 137 TYR A CD1  1 
ATOM   894  C  CD2  . TYR A 1 110 ? -8.376  8.816   -1.304  1.00 20.87 ? 137 TYR A CD2  1 
ATOM   895  C  CE1  . TYR A 1 110 ? -8.715  8.381   1.417   1.00 21.90 ? 137 TYR A CE1  1 
ATOM   896  C  CE2  . TYR A 1 110 ? -7.480  9.366   -0.395  1.00 21.36 ? 137 TYR A CE2  1 
ATOM   897  C  CZ   . TYR A 1 110 ? -7.660  9.176   0.956   1.00 21.88 ? 137 TYR A CZ   1 
ATOM   898  O  OH   . TYR A 1 110 ? -6.764  9.715   1.826   1.00 23.15 ? 137 TYR A OH   1 
ATOM   899  N  N    . ILE A 1 111 ? -11.386 4.726   -3.546  1.00 19.48 ? 138 ILE A N    1 
ATOM   900  C  CA   . ILE A 1 111 ? -12.206 4.049   -4.556  1.00 20.66 ? 138 ILE A CA   1 
ATOM   901  C  C    . ILE A 1 111 ? -13.137 3.005   -3.875  1.00 21.15 ? 138 ILE A C    1 
ATOM   902  O  O    . ILE A 1 111 ? -14.354 3.020   -4.071  1.00 19.94 ? 138 ILE A O    1 
ATOM   903  C  CB   . ILE A 1 111 ? -11.342 3.432   -5.706  1.00 21.55 ? 138 ILE A CB   1 
ATOM   904  C  CG1  . ILE A 1 111 ? -10.687 4.534   -6.543  1.00 23.66 ? 138 ILE A CG1  1 
ATOM   905  C  CG2  . ILE A 1 111 ? -12.178 2.568   -6.615  1.00 21.74 ? 138 ILE A CG2  1 
ATOM   906  C  CD1  . ILE A 1 111 ? -9.503  4.112   -7.381  1.00 25.84 ? 138 ILE A CD1  1 
ATOM   907  N  N    . TYR A 1 112 ? -12.587 2.162   -3.015  1.00 18.87 ? 139 TYR A N    1 
ATOM   908  C  CA   . TYR A 1 112 ? -13.343 0.989   -2.590  1.00 19.45 ? 139 TYR A CA   1 
ATOM   909  C  C    . TYR A 1 112 ? -14.425 1.411   -1.605  1.00 21.22 ? 139 TYR A C    1 
ATOM   910  O  O    . TYR A 1 112 ? -15.491 0.835   -1.590  1.00 19.60 ? 139 TYR A O    1 
ATOM   911  C  CB   . TYR A 1 112 ? -12.394 -0.120  -2.056  1.00 18.42 ? 139 TYR A CB   1 
ATOM   912  C  CG   . TYR A 1 112 ? -13.139 -1.314  -1.548  1.00 19.49 ? 139 TYR A CG   1 
ATOM   913  C  CD1  . TYR A 1 112 ? -13.783 -2.198  -2.432  1.00 20.11 ? 139 TYR A CD1  1 
ATOM   914  C  CD2  . TYR A 1 112 ? -13.277 -1.533  -0.193  1.00 20.08 ? 139 TYR A CD2  1 
ATOM   915  C  CE1  . TYR A 1 112 ? -14.521 -3.261  -1.962  1.00 22.03 ? 139 TYR A CE1  1 
ATOM   916  C  CE2  . TYR A 1 112 ? -14.017 -2.591  0.292   1.00 21.92 ? 139 TYR A CE2  1 
ATOM   917  C  CZ   . TYR A 1 112 ? -14.626 -3.451  -0.606  1.00 22.70 ? 139 TYR A CZ   1 
ATOM   918  O  OH   . TYR A 1 112 ? -15.364 -4.442  -0.115  1.00 21.54 ? 139 TYR A OH   1 
ATOM   919  N  N    . ASN A 1 113 ? -14.133 2.422   -0.782  1.00 21.53 ? 140 ASN A N    1 
ATOM   920  C  CA   . ASN A 1 113 ? -14.968 2.785   0.337   1.00 21.19 ? 140 ASN A CA   1 
ATOM   921  C  C    . ASN A 1 113 ? -15.720 4.099   0.087   1.00 24.24 ? 140 ASN A C    1 
ATOM   922  O  O    . ASN A 1 113 ? -15.574 4.656   -0.941  1.00 24.23 ? 140 ASN A O    1 
ATOM   923  C  CB   . ASN A 1 113 ? -14.108 2.877   1.585   1.00 20.05 ? 140 ASN A CB   1 
ATOM   924  C  CG   . ASN A 1 113 ? -13.403 1.596   1.861   1.00 18.73 ? 140 ASN A CG   1 
ATOM   925  O  OD1  . ASN A 1 113 ? -14.016 0.640   2.336   1.00 20.34 ? 140 ASN A OD1  1 
ATOM   926  N  ND2  . ASN A 1 113 ? -12.138 1.515   1.463   1.00 17.90 ? 140 ASN A ND2  1 
ATOM   927  N  N    . LYS A 1 114 ? -16.478 4.585   1.061   1.00 25.79 ? 141 LYS A N    1 
ATOM   928  C  CA   . LYS A 1 114 ? -17.228 5.830   0.957   1.00 29.74 ? 141 LYS A CA   1 
ATOM   929  C  C    . LYS A 1 114 ? -16.717 6.917   1.900   1.00 24.64 ? 141 LYS A C    1 
ATOM   930  O  O    . LYS A 1 114 ? -16.190 6.594   2.977   1.00 22.08 ? 141 LYS A O    1 
ATOM   931  C  CB   . LYS A 1 114 ? -18.727 5.577   1.228   1.00 32.38 ? 141 LYS A CB   1 
ATOM   932  C  CG   . LYS A 1 114 ? -19.466 4.965   0.060   1.00 37.14 ? 141 LYS A CG   1 
ATOM   933  C  CD   . LYS A 1 114 ? -20.987 5.199   0.174   1.00 43.48 ? 141 LYS A CD   1 
ATOM   934  C  CE   . LYS A 1 114 ? -21.836 4.223   -0.658  1.00 42.90 ? 141 LYS A CE   1 
ATOM   935  N  NZ   . LYS A 1 114 ? -21.215 3.866   -1.966  1.00 42.62 ? 141 LYS A NZ   1 
ATOM   936  N  N    . PRO A 1 115 ? -16.876 8.204   1.488   1.00 27.50 ? 142 PRO A N    1 
ATOM   937  C  CA   . PRO A 1 115 ? -16.631 9.355   2.359   1.00 28.70 ? 142 PRO A CA   1 
ATOM   938  C  C    . PRO A 1 115 ? -17.284 9.138   3.741   1.00 27.13 ? 142 PRO A C    1 
ATOM   939  O  O    . PRO A 1 115 ? -18.400 8.697   3.812   1.00 28.50 ? 142 PRO A O    1 
ATOM   940  C  CB   . PRO A 1 115 ? -17.293 10.523  1.623   1.00 31.33 ? 142 PRO A CB   1 
ATOM   941  C  CG   . PRO A 1 115 ? -17.471 10.079  0.209   1.00 29.70 ? 142 PRO A CG   1 
ATOM   942  C  CD   . PRO A 1 115 ? -17.569 8.597   0.227   1.00 30.38 ? 142 PRO A CD   1 
ATOM   943  N  N    . GLY A 1 116 ? -16.530 9.345   4.792   1.00 23.77 ? 143 GLY A N    1 
ATOM   944  C  CA   . GLY A 1 116 ? -16.985 9.205   6.163   1.00 24.26 ? 143 GLY A CA   1 
ATOM   945  C  C    . GLY A 1 116 ? -16.804 7.832   6.788   1.00 22.91 ? 143 GLY A C    1 
ATOM   946  O  O    . GLY A 1 116 ? -16.927 7.711   7.994   1.00 22.49 ? 143 GLY A O    1 
ATOM   947  N  N    . ASP A 1 117 ? -16.547 6.792   5.986   1.00 22.81 ? 144 ASP A N    1 
ATOM   948  C  CA   . ASP A 1 117 ? -16.243 5.439   6.516   1.00 21.09 ? 144 ASP A CA   1 
ATOM   949  C  C    . ASP A 1 117 ? -15.009 5.552   7.405   1.00 20.39 ? 144 ASP A C    1 
ATOM   950  O  O    . ASP A 1 117 ? -14.094 6.266   7.062   1.00 18.80 ? 144 ASP A O    1 
ATOM   951  C  CB   . ASP A 1 117 ? -15.933 4.443   5.401   1.00 20.40 ? 144 ASP A CB   1 
ATOM   952  C  CG   . ASP A 1 117 ? -17.162 3.992   4.620   1.00 23.91 ? 144 ASP A CG   1 
ATOM   953  O  OD1  . ASP A 1 117 ? -18.316 4.213   5.086   1.00 23.48 ? 144 ASP A OD1  1 
ATOM   954  O  OD2  . ASP A 1 117 ? -16.945 3.375   3.537   1.00 22.56 ? 144 ASP A OD2  1 
ATOM   955  N  N    . ASP A 1 118 ? -14.960 4.774   8.485   1.00 21.52 ? 145 ASP A N    1 
ATOM   956  C  CA   . ASP A 1 118 ? -13.789 4.716   9.378   1.00 20.88 ? 145 ASP A CA   1 
ATOM   957  C  C    . ASP A 1 118 ? -12.439 4.542   8.661   1.00 20.21 ? 145 ASP A C    1 
ATOM   958  O  O    . ASP A 1 118 ? -11.439 5.263   8.956   1.00 21.01 ? 145 ASP A O    1 
ATOM   959  C  CB   . ASP A 1 118 ? -13.968 3.576   10.351  1.00 22.89 ? 145 ASP A CB   1 
ATOM   960  C  CG   . ASP A 1 118 ? -14.772 3.987   11.608  1.00 25.38 ? 145 ASP A CG   1 
ATOM   961  O  OD1  . ASP A 1 118 ? -14.954 5.198   11.889  1.00 23.17 ? 145 ASP A OD1  1 
ATOM   962  O  OD2  . ASP A 1 118 ? -15.212 3.060   12.312  1.00 28.21 ? 145 ASP A OD2  1 
ATOM   963  N  N    . ILE A 1 119 ? -12.404 3.601   7.718   1.00 19.12 ? 146 ILE A N    1 
ATOM   964  C  CA   . ILE A 1 119 ? -11.185 3.297   6.966   1.00 19.47 ? 146 ILE A CA   1 
ATOM   965  C  C    . ILE A 1 119 ? -10.719 4.511   6.188   1.00 19.40 ? 146 ILE A C    1 
ATOM   966  O  O    . ILE A 1 119 ? -9.494  4.753   6.096   1.00 20.61 ? 146 ILE A O    1 
ATOM   967  C  CB   . ILE A 1 119 ? -11.358 2.034   6.044   1.00 18.88 ? 146 ILE A CB   1 
ATOM   968  C  CG1  . ILE A 1 119 ? -10.022 1.591   5.437   1.00 20.57 ? 146 ILE A CG1  1 
ATOM   969  C  CG2  . ILE A 1 119 ? -12.340 2.257   4.935   1.00 19.50 ? 146 ILE A CG2  1 
ATOM   970  C  CD1  . ILE A 1 119 ? -9.043  1.049   6.440   1.00 22.17 ? 146 ILE A CD1  1 
ATOM   971  N  N    . VAL A 1 120 ? -11.680 5.256   5.611   1.00 19.31 ? 147 VAL A N    1 
ATOM   972  C  CA   . VAL A 1 120 ? -11.428 6.480   4.831   1.00 19.85 ? 147 VAL A CA   1 
ATOM   973  C  C    . VAL A 1 120 ? -10.922 7.613   5.751   1.00 19.61 ? 147 VAL A C    1 
ATOM   974  O  O    . VAL A 1 120 ? -9.972  8.335   5.424   1.00 18.18 ? 147 VAL A O    1 
ATOM   975  C  CB   . VAL A 1 120 ? -12.683 6.874   4.001   1.00 18.94 ? 147 VAL A CB   1 
ATOM   976  C  CG1  . VAL A 1 120 ? -12.571 8.250   3.368   1.00 21.30 ? 147 VAL A CG1  1 
ATOM   977  C  CG2  . VAL A 1 120 ? -12.919 5.793   2.911   1.00 19.63 ? 147 VAL A CG2  1 
ATOM   978  N  N    . LEU A 1 121 ? -11.515 7.730   6.930   1.00 19.23 ? 148 LEU A N    1 
ATOM   979  C  CA   . LEU A 1 121 ? -10.995 8.691   7.932   1.00 19.45 ? 148 LEU A CA   1 
ATOM   980  C  C    . LEU A 1 121 ? -9.562  8.405   8.313   1.00 18.81 ? 148 LEU A C    1 
ATOM   981  O  O    . LEU A 1 121 ? -8.726  9.331   8.316   1.00 18.64 ? 148 LEU A O    1 
ATOM   982  C  CB   . LEU A 1 121 ? -11.854 8.748   9.190   1.00 21.79 ? 148 LEU A CB   1 
ATOM   983  C  CG   . LEU A 1 121 ? -13.340 9.111   9.007   1.00 22.45 ? 148 LEU A CG   1 
ATOM   984  C  CD1  . LEU A 1 121 ? -14.036 8.996   10.360  1.00 23.87 ? 148 LEU A CD1  1 
ATOM   985  C  CD2  . LEU A 1 121 ? -13.447 10.503  8.411   1.00 24.82 ? 148 LEU A CD2  1 
ATOM   986  N  N    . MET A 1 122 ? -9.254  7.128   8.527   1.00 18.75 ? 149 MET A N    1 
ATOM   987  C  CA   . MET A 1 122 ? -7.890  6.668   8.774   1.00 20.26 ? 149 MET A CA   1 
ATOM   988  C  C    . MET A 1 122 ? -6.965  7.050   7.571   1.00 20.16 ? 149 MET A C    1 
ATOM   989  O  O    . MET A 1 122 ? -5.913  7.683   7.733   1.00 20.56 ? 149 MET A O    1 
ATOM   990  C  CB   . MET A 1 122 ? -7.845  5.138   9.008   1.00 20.64 ? 149 MET A CB   1 
ATOM   991  C  CG   . MET A 1 122 ? -8.425  4.650   10.346  1.00 23.24 ? 149 MET A CG   1 
ATOM   992  S  SD   . MET A 1 122 ? -7.833  3.011   10.841  1.00 26.14 ? 149 MET A SD   1 
ATOM   993  C  CE   . MET A 1 122 ? -8.590  2.746   12.421  1.00 29.29 ? 149 MET A CE   1 
ATOM   994  N  N    . ALA A 1 123 ? -7.374  6.676   6.379   1.00 19.70 ? 150 ALA A N    1 
ATOM   995  C  CA   . ALA A 1 123 ? -6.601  6.989   5.177   1.00 21.04 ? 150 ALA A CA   1 
ATOM   996  C  C    . ALA A 1 123 ? -6.328  8.479   4.989   1.00 21.43 ? 150 ALA A C    1 
ATOM   997  O  O    . ALA A 1 123 ? -5.162  8.850   4.758   1.00 21.61 ? 150 ALA A O    1 
ATOM   998  C  CB   . ALA A 1 123 ? -7.263  6.384   3.957   1.00 21.73 ? 150 ALA A CB   1 
ATOM   999  N  N    . GLU A 1 124 ? -7.355  9.309   5.193   1.00 21.34 ? 151 GLU A N    1 
ATOM   1000 C  CA   . GLU A 1 124 ? -7.283  10.764  5.093   1.00 24.22 ? 151 GLU A CA   1 
ATOM   1001 C  C    . GLU A 1 124 ? -6.305  11.364  6.079   1.00 24.48 ? 151 GLU A C    1 
ATOM   1002 O  O    . GLU A 1 124 ? -5.468  12.197  5.692   1.00 24.15 ? 151 GLU A O    1 
ATOM   1003 C  CB   . GLU A 1 124 ? -8.668  11.405  5.273   1.00 28.78 ? 151 GLU A CB   1 
ATOM   1004 C  CG   . GLU A 1 124 ? -9.553  11.279  4.053   1.00 31.51 ? 151 GLU A CG   1 
ATOM   1005 C  CD   . GLU A 1 124 ? -11.018 11.660  4.330   1.00 35.52 ? 151 GLU A CD   1 
ATOM   1006 O  OE1  . GLU A 1 124 ? -11.305 11.993  5.484   1.00 34.73 ? 151 GLU A OE1  1 
ATOM   1007 O  OE2  . GLU A 1 124 ? -11.879 11.635  3.398   1.00 36.07 ? 151 GLU A OE2  1 
ATOM   1008 N  N    . ALA A 1 125 ? -6.322  10.838  7.302   1.00 22.74 ? 152 ALA A N    1 
ATOM   1009 C  CA   . ALA A 1 125 ? -5.387  11.257  8.322   1.00 24.32 ? 152 ALA A CA   1 
ATOM   1010 C  C    . ALA A 1 125 ? -3.946  10.861  7.983   1.00 22.94 ? 152 ALA A C    1 
ATOM   1011 O  O    . ALA A 1 125 ? -3.015  11.676  8.086   1.00 21.05 ? 152 ALA A O    1 
ATOM   1012 C  CB   . ALA A 1 125 ? -5.825  10.754  9.702   1.00 23.47 ? 152 ALA A CB   1 
ATOM   1013 N  N    . LEU A 1 126 ? -3.748  9.609   7.578   1.00 24.64 ? 153 LEU A N    1 
ATOM   1014 C  CA   . LEU A 1 126 ? -2.411  9.179   7.173   1.00 22.17 ? 153 LEU A CA   1 
ATOM   1015 C  C    . LEU A 1 126 ? -1.897  9.984   5.972   1.00 22.32 ? 153 LEU A C    1 
ATOM   1016 O  O    . LEU A 1 126 ? -0.714  10.265  5.884   1.00 20.63 ? 153 LEU A O    1 
ATOM   1017 C  CB   . LEU A 1 126 ? -2.404  7.701   6.854   1.00 22.86 ? 153 LEU A CB   1 
ATOM   1018 C  CG   . LEU A 1 126 ? -2.497  6.757   8.036   1.00 22.14 ? 153 LEU A CG   1 
ATOM   1019 C  CD1  . LEU A 1 126 ? -2.607  5.343   7.479   1.00 24.73 ? 153 LEU A CD1  1 
ATOM   1020 C  CD2  . LEU A 1 126 ? -1.292  6.844   8.949   1.00 25.16 ? 153 LEU A CD2  1 
ATOM   1021 N  N    . GLU A 1 127 ? -2.796  10.332  5.052   1.00 21.22 ? 154 GLU A N    1 
ATOM   1022 C  CA   . GLU A 1 127 ? -2.407  11.076  3.850   1.00 22.96 ? 154 GLU A CA   1 
ATOM   1023 C  C    . GLU A 1 127 ? -1.986  12.502  4.171   1.00 21.61 ? 154 GLU A C    1 
ATOM   1024 O  O    . GLU A 1 127 ? -1.044  13.029  3.584   1.00 23.43 ? 154 GLU A O    1 
ATOM   1025 C  CB   . GLU A 1 127 ? -3.568  11.114  2.884   1.00 25.10 ? 154 GLU A CB   1 
ATOM   1026 C  CG   . GLU A 1 127 ? -3.087  11.509  1.500   1.00 30.44 ? 154 GLU A CG   1 
ATOM   1027 C  CD   . GLU A 1 127 ? -4.191  11.938  0.591   1.00 35.38 ? 154 GLU A CD   1 
ATOM   1028 O  OE1  . GLU A 1 127 ? -5.353  11.713  0.912   1.00 37.88 ? 154 GLU A OE1  1 
ATOM   1029 O  OE2  . GLU A 1 127 ? -3.889  12.546  -0.437  1.00 41.52 ? 154 GLU A OE2  1 
ATOM   1030 N  N    A LYS A 1 128 ? -2.702  13.106  5.111   0.50 20.43 ? 155 LYS A N    1 
ATOM   1031 N  N    B LYS A 1 128 ? -2.690  13.149  5.097   0.50 21.21 ? 155 LYS A N    1 
ATOM   1032 C  CA   A LYS A 1 128 ? -2.359  14.393  5.659   0.50 20.34 ? 155 LYS A CA   1 
ATOM   1033 C  CA   B LYS A 1 128 ? -2.313  14.482  5.539   0.50 21.62 ? 155 LYS A CA   1 
ATOM   1034 C  C    A LYS A 1 128 ? -0.953  14.401  6.177   0.50 19.84 ? 155 LYS A C    1 
ATOM   1035 C  C    B LYS A 1 128 ? -0.937  14.440  6.198   0.50 20.72 ? 155 LYS A C    1 
ATOM   1036 O  O    A LYS A 1 128 ? -0.170  15.266  5.818   0.50 19.63 ? 155 LYS A O    1 
ATOM   1037 O  O    B LYS A 1 128 ? -0.135  15.314  5.919   0.50 20.93 ? 155 LYS A O    1 
ATOM   1038 C  CB   A LYS A 1 128 ? -3.313  14.765  6.821   0.50 20.29 ? 155 LYS A CB   1 
ATOM   1039 C  CB   B LYS A 1 128 ? -3.393  15.135  6.465   0.50 22.75 ? 155 LYS A CB   1 
ATOM   1040 C  CG   A LYS A 1 128 ? -3.229  16.232  7.154   0.50 20.50 ? 155 LYS A CG   1 
ATOM   1041 C  CG   B LYS A 1 128 ? -4.620  15.690  5.715   0.50 23.70 ? 155 LYS A CG   1 
ATOM   1042 C  CD   A LYS A 1 128 ? -4.238  16.635  8.210   0.50 20.98 ? 155 LYS A CD   1 
ATOM   1043 C  CD   B LYS A 1 128 ? -5.799  15.943  6.639   0.50 25.14 ? 155 LYS A CD   1 
ATOM   1044 C  CE   A LYS A 1 128 ? -3.670  16.509  9.609   0.50 20.60 ? 155 LYS A CE   1 
ATOM   1045 C  CE   B LYS A 1 128 ? -7.112  15.483  6.008   0.50 26.84 ? 155 LYS A CE   1 
ATOM   1046 N  NZ   A LYS A 1 128 ? -4.602  17.241  10.483  0.50 20.39 ? 155 LYS A NZ   1 
ATOM   1047 N  NZ   B LYS A 1 128 ? -8.276  15.904  6.832   0.50 27.35 ? 155 LYS A NZ   1 
ATOM   1048 N  N    . LEU A 1 129 ? -0.636  13.420  7.007   1.00 20.01 ? 156 LEU A N    1 
ATOM   1049 C  CA   . LEU A 1 129 ? 0.679   13.339  7.620   1.00 22.91 ? 156 LEU A CA   1 
ATOM   1050 C  C    . LEU A 1 129 ? 1.792   13.056  6.531   1.00 24.22 ? 156 LEU A C    1 
ATOM   1051 O  O    . LEU A 1 129 ? 2.912   13.562  6.603   1.00 19.95 ? 156 LEU A O    1 
ATOM   1052 C  CB   . LEU A 1 129 ? 0.731   12.204  8.660   1.00 26.32 ? 156 LEU A CB   1 
ATOM   1053 C  CG   . LEU A 1 129 ? -0.065  12.305  9.942   1.00 31.21 ? 156 LEU A CG   1 
ATOM   1054 C  CD1  . LEU A 1 129 ? 0.586   11.365  10.947  1.00 34.30 ? 156 LEU A CD1  1 
ATOM   1055 C  CD2  . LEU A 1 129 ? -0.086  13.742  10.467  1.00 35.65 ? 156 LEU A CD2  1 
ATOM   1056 N  N    . PHE A 1 130 ? 1.452   12.132  5.613   1.00 20.02 ? 157 PHE A N    1 
ATOM   1057 C  CA   . PHE A 1 130 ? 2.269   11.863  4.481   1.00 20.74 ? 157 PHE A CA   1 
ATOM   1058 C  C    . PHE A 1 130 ? 2.633   13.134  3.743   1.00 20.21 ? 157 PHE A C    1 
ATOM   1059 O  O    . PHE A 1 130 ? 3.845   13.339  3.518   1.00 22.04 ? 157 PHE A O    1 
ATOM   1060 C  CB   . PHE A 1 130 ? 1.557   10.897  3.516   1.00 20.10 ? 157 PHE A CB   1 
ATOM   1061 C  CG   . PHE A 1 130 ? 2.349   10.584  2.298   1.00 17.12 ? 157 PHE A CG   1 
ATOM   1062 C  CD1  . PHE A 1 130 ? 3.415   9.750   2.378   1.00 17.17 ? 157 PHE A CD1  1 
ATOM   1063 C  CD2  . PHE A 1 130 ? 1.947   11.055  1.058   1.00 17.76 ? 157 PHE A CD2  1 
ATOM   1064 C  CE1  . PHE A 1 130 ? 4.157   9.411   1.254   1.00 18.47 ? 157 PHE A CE1  1 
ATOM   1065 C  CE2  . PHE A 1 130 ? 2.688   10.752  -0.067  1.00 18.61 ? 157 PHE A CE2  1 
ATOM   1066 C  CZ   . PHE A 1 130 ? 3.773   9.912   0.028   1.00 18.30 ? 157 PHE A CZ   1 
ATOM   1067 N  N    . LEU A 1 131 ? 1.618   13.925  3.341   1.00 22.08 ? 158 LEU A N    1 
ATOM   1068 C  CA   . LEU A 1 131 ? 1.826   15.180  2.631   1.00 21.93 ? 158 LEU A CA   1 
ATOM   1069 C  C    . LEU A 1 131 ? 2.707   16.153  3.443   1.00 26.64 ? 158 LEU A C    1 
ATOM   1070 O  O    . LEU A 1 131 ? 3.597   16.783  2.860   1.00 24.54 ? 158 LEU A O    1 
ATOM   1071 C  CB   . LEU A 1 131 ? 0.519   15.831  2.147   1.00 23.61 ? 158 LEU A CB   1 
ATOM   1072 C  CG   . LEU A 1 131 ? -0.314  15.090  1.073   1.00 23.12 ? 158 LEU A CG   1 
ATOM   1073 C  CD1  . LEU A 1 131 ? -1.727  15.635  0.967   1.00 25.39 ? 158 LEU A CD1  1 
ATOM   1074 C  CD2  . LEU A 1 131 ? 0.283   15.096  -0.336  1.00 27.27 ? 158 LEU A CD2  1 
ATOM   1075 N  N    . GLN A 1 132 ? 2.527   16.224  4.772   1.00 24.99 ? 159 GLN A N    1 
ATOM   1076 C  CA   . GLN A 1 132 ? 3.407   17.082  5.586   1.00 29.01 ? 159 GLN A CA   1 
ATOM   1077 C  C    . GLN A 1 132 ? 4.851   16.618  5.581   1.00 28.54 ? 159 GLN A C    1 
ATOM   1078 O  O    . GLN A 1 132 ? 5.759   17.440  5.463   1.00 23.28 ? 159 GLN A O    1 
ATOM   1079 C  CB   . GLN A 1 132 ? 2.955   17.142  7.061   1.00 32.12 ? 159 GLN A CB   1 
ATOM   1080 C  CG   . GLN A 1 132 ? 1.674   17.933  7.263   1.00 35.81 ? 159 GLN A CG   1 
ATOM   1081 C  CD   . GLN A 1 132 ? 1.041   17.739  8.648   1.00 40.33 ? 159 GLN A CD   1 
ATOM   1082 O  OE1  . GLN A 1 132 ? 1.698   17.299  9.605   1.00 46.69 ? 159 GLN A OE1  1 
ATOM   1083 N  NE2  . GLN A 1 132 ? -0.235  18.091  8.759   1.00 43.22 ? 159 GLN A NE2  1 
ATOM   1084 N  N    . LYS A 1 133 ? 5.058   15.307  5.758   1.00 26.94 ? 160 LYS A N    1 
ATOM   1085 C  CA   . LYS A 1 133 ? 6.415   14.738  5.743   1.00 27.08 ? 160 LYS A CA   1 
ATOM   1086 C  C    . LYS A 1 133 ? 7.102   14.847  4.347   1.00 27.17 ? 160 LYS A C    1 
ATOM   1087 O  O    . LYS A 1 133 ? 8.304   15.026  4.259   1.00 24.79 ? 160 LYS A O    1 
ATOM   1088 C  CB   . LYS A 1 133 ? 6.443   13.312  6.229   1.00 28.85 ? 160 LYS A CB   1 
ATOM   1089 C  CG   . LYS A 1 133 ? 5.708   13.070  7.557   1.00 32.77 ? 160 LYS A CG   1 
ATOM   1090 C  CD   . LYS A 1 133 ? 6.603   12.898  8.759   1.00 37.18 ? 160 LYS A CD   1 
ATOM   1091 C  CE   . LYS A 1 133 ? 7.366   14.165  9.055   1.00 37.42 ? 160 LYS A CE   1 
ATOM   1092 N  NZ   . LYS A 1 133 ? 8.076   14.160  10.363  1.00 38.96 ? 160 LYS A NZ   1 
ATOM   1093 N  N    . ILE A 1 134 ? 6.307   14.761  3.281   1.00 24.37 ? 161 ILE A N    1 
ATOM   1094 C  CA   . ILE A 1 134 ? 6.778   14.956  1.907   1.00 25.11 ? 161 ILE A CA   1 
ATOM   1095 C  C    . ILE A 1 134 ? 7.278   16.392  1.690   1.00 23.16 ? 161 ILE A C    1 
ATOM   1096 O  O    . ILE A 1 134 ? 8.222   16.606  0.935   1.00 25.80 ? 161 ILE A O    1 
ATOM   1097 C  CB   . ILE A 1 134 ? 5.638   14.691  0.865   1.00 24.31 ? 161 ILE A CB   1 
ATOM   1098 C  CG1  . ILE A 1 134 ? 5.378   13.192  0.639   1.00 24.90 ? 161 ILE A CG1  1 
ATOM   1099 C  CG2  . ILE A 1 134 ? 5.888   15.421  -0.447  1.00 25.23 ? 161 ILE A CG2  1 
ATOM   1100 C  CD1  . ILE A 1 134 ? 6.588   12.338  0.368   1.00 26.34 ? 161 ILE A CD1  1 
ATOM   1101 N  N    . ASN A 1 135 ? 6.629   17.384  2.287   1.00 24.11 ? 162 ASN A N    1 
ATOM   1102 C  CA   . ASN A 1 135 ? 7.161   18.756  2.266   1.00 30.05 ? 162 ASN A CA   1 
ATOM   1103 C  C    . ASN A 1 135 ? 8.527   18.951  2.937   1.00 30.25 ? 162 ASN A C    1 
ATOM   1104 O  O    . ASN A 1 135 ? 9.105   20.020  2.798   1.00 33.94 ? 162 ASN A O    1 
ATOM   1105 C  CB   . ASN A 1 135 ? 6.132   19.800  2.781   1.00 29.65 ? 162 ASN A CB   1 
ATOM   1106 C  CG   . ASN A 1 135 ? 5.062   20.160  1.712   1.00 35.46 ? 162 ASN A CG   1 
ATOM   1107 O  OD1  . ASN A 1 135 ? 5.284   20.033  0.517   1.00 35.98 ? 162 ASN A OD1  1 
ATOM   1108 N  ND2  . ASN A 1 135 ? 3.884   20.563  2.163   1.00 38.39 ? 162 ASN A ND2  1 
ATOM   1109 N  N    . GLU A 1 136 ? 9.036   17.957  3.652   1.00 28.03 ? 163 GLU A N    1 
ATOM   1110 C  CA   . GLU A 1 136 ? 10.303  18.074  4.356   1.00 33.00 ? 163 GLU A CA   1 
ATOM   1111 C  C    . GLU A 1 136 ? 11.382  17.309  3.580   1.00 31.97 ? 163 GLU A C    1 
ATOM   1112 O  O    . GLU A 1 136 ? 12.441  17.061  4.096   1.00 28.82 ? 163 GLU A O    1 
ATOM   1113 C  CB   . GLU A 1 136 ? 10.193  17.399  5.726   1.00 36.23 ? 163 GLU A CB   1 
ATOM   1114 C  CG   . GLU A 1 136 ? 8.983   17.707  6.598   1.00 37.10 ? 163 GLU A CG   1 
ATOM   1115 C  CD   . GLU A 1 136 ? 8.946   16.888  7.905   1.00 42.11 ? 163 GLU A CD   1 
ATOM   1116 O  OE1  . GLU A 1 136 ? 9.889   16.079  8.192   1.00 45.16 ? 163 GLU A OE1  1 
ATOM   1117 O  OE2  . GLU A 1 136 ? 7.952   17.050  8.666   1.00 40.88 ? 163 GLU A OE2  1 
ATOM   1118 N  N    . LEU A 1 137 ? 11.061  16.843  2.390   1.00 30.46 ? 164 LEU A N    1 
ATOM   1119 C  CA   . LEU A 1 137 ? 11.987  16.027  1.609   1.00 31.67 ? 164 LEU A CA   1 
ATOM   1120 C  C    . LEU A 1 137 ? 13.194  16.854  1.225   1.00 30.35 ? 164 LEU A C    1 
ATOM   1121 O  O    . LEU A 1 137 ? 13.030  17.993  0.799   1.00 31.32 ? 164 LEU A O    1 
ATOM   1122 C  CB   . LEU A 1 137 ? 11.283  15.538  0.327   1.00 32.11 ? 164 LEU A CB   1 
ATOM   1123 C  CG   . LEU A 1 137 ? 11.813  14.303  -0.383  1.00 35.56 ? 164 LEU A CG   1 
ATOM   1124 C  CD1  . LEU A 1 137 ? 11.612  13.054  0.461   1.00 33.36 ? 164 LEU A CD1  1 
ATOM   1125 C  CD2  . LEU A 1 137 ? 11.118  14.165  -1.744  1.00 35.14 ? 164 LEU A CD2  1 
ATOM   1126 N  N    . PRO A 1 138 ? 14.412  16.278  1.285   1.00 30.61 ? 165 PRO A N    1 
ATOM   1127 C  CA   . PRO A 1 138 ? 15.602  17.029  0.835   1.00 31.12 ? 165 PRO A CA   1 
ATOM   1128 C  C    . PRO A 1 138 ? 15.532  17.429  -0.642  1.00 31.27 ? 165 PRO A C    1 
ATOM   1129 O  O    . PRO A 1 138 ? 14.988  16.630  -1.427  1.00 34.04 ? 165 PRO A O    1 
ATOM   1130 C  CB   . PRO A 1 138 ? 16.744  16.018  1.017   1.00 30.98 ? 165 PRO A CB   1 
ATOM   1131 C  CG   . PRO A 1 138 ? 16.199  14.958  1.906   1.00 30.87 ? 165 PRO A CG   1 
ATOM   1132 C  CD   . PRO A 1 138 ? 14.741  14.899  1.683   1.00 29.81 ? 165 PRO A CD   1 
HETATM 1133 N  N    . NO3 B 2 .   ? 20.860  -2.041  -9.716  1.00 34.36 ? 201 NO3 A N    1 
HETATM 1134 O  O1   . NO3 B 2 .   ? 21.935  -1.726  -9.180  1.00 33.18 ? 201 NO3 A O1   1 
HETATM 1135 O  O2   . NO3 B 2 .   ? 20.239  -3.260  -9.406  1.00 44.26 ? 201 NO3 A O2   1 
HETATM 1136 O  O3   . NO3 B 2 .   ? 20.263  -1.217  -10.684 1.00 29.87 ? 201 NO3 A O3   1 
HETATM 1137 N  N    . NO3 C 2 .   ? -19.846 -28.927 -5.918  1.00 37.44 ? 202 NO3 A N    1 
HETATM 1138 O  O1   . NO3 C 2 .   ? -20.723 -28.342 -5.299  1.00 32.30 ? 202 NO3 A O1   1 
HETATM 1139 O  O2   . NO3 C 2 .   ? -20.075 -30.239 -6.301  1.00 38.15 ? 202 NO3 A O2   1 
HETATM 1140 O  O3   . NO3 C 2 .   ? -18.626 -28.310 -6.234  1.00 38.07 ? 202 NO3 A O3   1 
HETATM 1141 N  N    . NO3 D 2 .   ? 0.449   -8.437  -8.714  1.00 48.18 ? 203 NO3 A N    1 
HETATM 1142 O  O1   . NO3 D 2 .   ? 0.141   -9.605  -8.529  1.00 39.62 ? 203 NO3 A O1   1 
HETATM 1143 O  O2   . NO3 D 2 .   ? 1.444   -8.226  -9.692  1.00 49.29 ? 203 NO3 A O2   1 
HETATM 1144 O  O3   . NO3 D 2 .   ? -0.188  -7.371  -7.999  1.00 38.07 ? 203 NO3 A O3   1 
HETATM 1145 C  C1   . EDO E 3 .   ? -6.819  1.035   -9.181  1.00 32.85 ? 204 EDO A C1   1 
HETATM 1146 O  O1   . EDO E 3 .   ? -6.551  -0.092  -8.325  1.00 27.79 ? 204 EDO A O1   1 
HETATM 1147 C  C2   . EDO E 3 .   ? -8.072  0.779   -10.004 1.00 30.09 ? 204 EDO A C2   1 
HETATM 1148 O  O2   . EDO E 3 .   ? -8.501  -0.598  -9.968  1.00 29.02 ? 204 EDO A O2   1 
HETATM 1149 C  C1   . EDO F 3 .   ? -17.850 4.415   10.143  1.00 48.61 ? 205 EDO A C1   1 
HETATM 1150 O  O1   . EDO F 3 .   ? -17.414 3.437   9.164   1.00 38.29 ? 205 EDO A O1   1 
HETATM 1151 C  C2   . EDO F 3 .   ? -19.178 5.057   9.749   1.00 48.92 ? 205 EDO A C2   1 
HETATM 1152 O  O2   . EDO F 3 .   ? -20.154 4.035   9.515   1.00 50.39 ? 205 EDO A O2   1 
HETATM 1153 C  CAY  . 8PX G 4 .   ? -14.827 -2.683  4.721   1.00 30.61 ? 206 8PX A CAY  1 
HETATM 1154 O  OAI  . 8PX G 4 .   ? -13.656 -3.209  5.387   1.00 27.50 ? 206 8PX A OAI  1 
HETATM 1155 C  CAD  . 8PX G 4 .   ? -12.397 -2.841  4.934   1.00 26.19 ? 206 8PX A CAD  1 
HETATM 1156 C  CAE  . 8PX G 4 .   ? -12.145 -1.977  3.861   1.00 24.94 ? 206 8PX A CAE  1 
HETATM 1157 C  CAF  . 8PX G 4 .   ? -10.910 -1.683  3.470   1.00 22.36 ? 206 8PX A CAF  1 
HETATM 1158 O  OAG  . 8PX G 4 .   ? -10.514 -0.886  2.473   1.00 20.27 ? 206 8PX A OAG  1 
HETATM 1159 N  NAL  . 8PX G 4 .   ? -9.044  -0.912  2.535   1.00 24.46 ? 206 8PX A NAL  1 
HETATM 1160 C  CAJ  . 8PX G 4 .   ? -8.740  -1.728  3.524   1.00 21.92 ? 206 8PX A CAJ  1 
HETATM 1161 C  CAK  . 8PX G 4 .   ? -7.315  -2.002  3.840   1.00 27.48 ? 206 8PX A CAK  1 
HETATM 1162 C  CAA  . 8PX G 4 .   ? -9.827  -2.211  4.116   1.00 23.09 ? 206 8PX A CAA  1 
HETATM 1163 C  CAB  . 8PX G 4 .   ? -10.021 -3.034  5.168   1.00 25.08 ? 206 8PX A CAB  1 
HETATM 1164 C  CAC  . 8PX G 4 .   ? -11.307 -3.383  5.605   1.00 23.56 ? 206 8PX A CAC  1 
HETATM 1165 N  NAH  . 8PX G 4 .   ? -11.591 -4.289  6.601   1.00 25.89 ? 206 8PX A NAH  1 
HETATM 1166 S  SAM  . 8PX G 4 .   ? -11.045 -4.133  8.176   1.00 24.73 ? 206 8PX A SAM  1 
HETATM 1167 O  OAN  . 8PX G 4 .   ? -9.574  -3.888  8.225   1.00 23.06 ? 206 8PX A OAN  1 
HETATM 1168 O  OAO  . 8PX G 4 .   ? -11.586 -5.309  9.006   1.00 21.31 ? 206 8PX A OAO  1 
HETATM 1169 C  CAP  . 8PX G 4 .   ? -11.964 -2.696  8.753   1.00 21.85 ? 206 8PX A CAP  1 
HETATM 1170 C  CAU  . 8PX G 4 .   ? -11.221 -1.578  9.107   1.00 21.16 ? 206 8PX A CAU  1 
HETATM 1171 C  CAT  . 8PX G 4 .   ? -11.827 -0.428  9.568   1.00 20.60 ? 206 8PX A CAT  1 
HETATM 1172 BR BRAX . 8PX G 4 .   ? -10.663 0.970   10.007  1.00 26.96 ? 206 8PX A BRAX 1 
HETATM 1173 C  CAS  . 8PX G 4 .   ? -13.200 -0.368  9.631   1.00 23.53 ? 206 8PX A CAS  1 
HETATM 1174 C  CAR  . 8PX G 4 .   ? -13.979 -1.469  9.269   1.00 22.62 ? 206 8PX A CAR  1 
HETATM 1175 C  CAQ  . 8PX G 4 .   ? -13.376 -2.651  8.821   1.00 22.45 ? 206 8PX A CAQ  1 
HETATM 1176 O  OAV  . 8PX G 4 .   ? -14.091 -3.813  8.448   1.00 23.88 ? 206 8PX A OAV  1 
HETATM 1177 C  CAW  . 8PX G 4 .   ? -15.453 -3.903  8.650   1.00 24.91 ? 206 8PX A CAW  1 
HETATM 1178 O  O    . HOH H 5 .   ? 9.072   12.842  11.735  1.00 39.68 ? 301 HOH A O    1 
HETATM 1179 O  O    . HOH H 5 .   ? -15.331 5.276   -3.248  1.00 28.21 ? 302 HOH A O    1 
HETATM 1180 O  O    . HOH H 5 .   ? -5.488  0.968   0.115   1.00 25.77 ? 303 HOH A O    1 
HETATM 1181 O  O    . HOH H 5 .   ? 15.320  10.044  -5.400  1.00 22.97 ? 304 HOH A O    1 
HETATM 1182 O  O    . HOH H 5 .   ? -13.697 -12.983 0.700   1.00 30.80 ? 305 HOH A O    1 
HETATM 1183 O  O    . HOH H 5 .   ? 12.700  1.646   -12.297 1.00 30.37 ? 306 HOH A O    1 
HETATM 1184 O  O    . HOH H 5 .   ? -1.240  -5.016  10.532  1.00 30.39 ? 307 HOH A O    1 
HETATM 1185 O  O    . HOH H 5 .   ? 4.229   18.925  -1.568  1.00 29.35 ? 308 HOH A O    1 
HETATM 1186 O  O    . HOH H 5 .   ? -11.313 11.106  0.925   1.00 44.06 ? 309 HOH A O    1 
HETATM 1187 O  O    . HOH H 5 .   ? 3.687   -12.014 -6.118  1.00 39.40 ? 310 HOH A O    1 
HETATM 1188 O  O    . HOH H 5 .   ? 3.779   -7.478  -1.561  1.00 22.40 ? 311 HOH A O    1 
HETATM 1189 O  O    . HOH H 5 .   ? -15.934 6.439   14.024  1.00 26.64 ? 312 HOH A O    1 
HETATM 1190 O  O    . HOH H 5 .   ? -1.174  -4.758  -1.856  1.00 19.50 ? 313 HOH A O    1 
HETATM 1191 O  O    . HOH H 5 .   ? -1.606  -7.954  -5.647  1.00 26.49 ? 314 HOH A O    1 
HETATM 1192 O  O    . HOH H 5 .   ? -13.992 -6.374  6.823   1.00 27.83 ? 315 HOH A O    1 
HETATM 1193 O  O    . HOH H 5 .   ? -7.135  -5.000  8.033   1.00 29.73 ? 316 HOH A O    1 
HETATM 1194 O  O    . HOH H 5 .   ? -5.482  -16.104 -6.565  1.00 24.71 ? 317 HOH A O    1 
HETATM 1195 O  O    . HOH H 5 .   ? -3.825  -2.844  3.022   1.00 18.42 ? 318 HOH A O    1 
HETATM 1196 O  O    . HOH H 5 .   ? -4.765  -1.793  -2.088  1.00 20.43 ? 319 HOH A O    1 
HETATM 1197 O  O    . HOH H 5 .   ? -8.052  -0.025  0.038   1.00 26.24 ? 320 HOH A O    1 
HETATM 1198 O  O    . HOH H 5 .   ? -3.579  -0.920  1.212   1.00 26.97 ? 321 HOH A O    1 
HETATM 1199 O  O    . HOH H 5 .   ? -11.754 -9.933  -4.440  1.00 27.66 ? 322 HOH A O    1 
HETATM 1200 O  O    . HOH H 5 .   ? -15.721 0.829   4.553   1.00 30.44 ? 323 HOH A O    1 
HETATM 1201 O  O    . HOH H 5 .   ? -3.711  -4.489  -0.924  1.00 25.16 ? 324 HOH A O    1 
HETATM 1202 O  O    . HOH H 5 .   ? -5.366  -7.411  4.943   1.00 23.74 ? 325 HOH A O    1 
HETATM 1203 O  O    . HOH H 5 .   ? 14.902  1.904   -3.415  1.00 28.58 ? 326 HOH A O    1 
HETATM 1204 O  O    . HOH H 5 .   ? -5.675  -5.051  5.895   1.00 22.76 ? 327 HOH A O    1 
HETATM 1205 O  O    . HOH H 5 .   ? -16.274 0.862   8.804   1.00 43.99 ? 328 HOH A O    1 
HETATM 1206 O  O    . HOH H 5 .   ? 8.722   -10.128 -5.081  1.00 29.85 ? 329 HOH A O    1 
HETATM 1207 O  O    . HOH H 5 .   ? -1.491  0.815   13.807  1.00 23.39 ? 330 HOH A O    1 
HETATM 1208 O  O    . HOH H 5 .   ? -3.815  -10.700 -0.131  1.00 26.68 ? 331 HOH A O    1 
HETATM 1209 O  O    . HOH H 5 .   ? -14.647 -18.695 -2.370  1.00 29.86 ? 332 HOH A O    1 
HETATM 1210 O  O    . HOH H 5 .   ? -2.394  -10.041 -2.224  1.00 26.20 ? 333 HOH A O    1 
HETATM 1211 O  O    . HOH H 5 .   ? -5.665  -13.856 11.677  1.00 29.68 ? 334 HOH A O    1 
HETATM 1212 O  O    . HOH H 5 .   ? -2.030  -9.797  3.944   1.00 28.96 ? 335 HOH A O    1 
HETATM 1213 O  O    . HOH H 5 .   ? -10.282 -24.027 -4.860  1.00 32.48 ? 336 HOH A O    1 
HETATM 1214 O  O    . HOH H 5 .   ? 2.780   17.775  0.137   1.00 37.43 ? 337 HOH A O    1 
HETATM 1215 O  O    . HOH H 5 .   ? -14.640 1.613   7.203   1.00 18.95 ? 338 HOH A O    1 
HETATM 1216 O  O    . HOH H 5 .   ? 11.840  11.338  -8.066  1.00 20.79 ? 339 HOH A O    1 
HETATM 1217 O  O    . HOH H 5 .   ? 14.002  1.943   -12.687 1.00 56.45 ? 340 HOH A O    1 
HETATM 1218 O  O    . HOH H 5 .   ? -2.357  -7.546  -2.923  1.00 20.44 ? 341 HOH A O    1 
HETATM 1219 O  O    . HOH H 5 .   ? 18.709  -2.776  -14.439 1.00 29.93 ? 342 HOH A O    1 
HETATM 1220 O  O    . HOH H 5 .   ? -5.858  -16.839 -0.673  1.00 32.84 ? 343 HOH A O    1 
HETATM 1221 O  O    . HOH H 5 .   ? 22.793  3.905   -6.440  1.00 35.36 ? 344 HOH A O    1 
HETATM 1222 O  O    . HOH H 5 .   ? -2.869  -11.843 1.957   1.00 41.46 ? 345 HOH A O    1 
HETATM 1223 O  O    . HOH H 5 .   ? -17.079 -5.430  5.511   1.00 38.39 ? 346 HOH A O    1 
# 
